data_7RDZ
#
_entry.id   7RDZ
#
_cell.length_a   1.00
_cell.length_b   1.00
_cell.length_c   1.00
_cell.angle_alpha   90.00
_cell.angle_beta   90.00
_cell.angle_gamma   90.00
#
_symmetry.space_group_name_H-M   'P 1'
#
loop_
_entity.id
_entity.type
_entity.pdbx_description
1 polymer 'RNA-directed RNA polymerase'
2 polymer 'Non-structural protein 8'
3 polymer 'Non-structural protein 7'
4 polymer Helicase
5 polymer 'Product RNA'
6 polymer 'Template RNA'
7 non-polymer 'ZINC ION'
8 non-polymer 'MAGNESIUM ION'
9 non-polymer "ADENOSINE-5'-DIPHOSPHATE"
#
loop_
_entity_poly.entity_id
_entity_poly.type
_entity_poly.pdbx_seq_one_letter_code
_entity_poly.pdbx_strand_id
1 'polypeptide(L)'
;SADAQSFLNRVCGVSAARLTPCGTGTSTDVVYRAFDIYNDKVAGFAKFLKTNCCRFQEKDEDDNLIDSYFVVKRHTFSNY
QHEETIYNLLKDCPAVAKHDFFKFRIDGDMVPHISRQRLTKYTMADLVYALRHFDEGNCDTLKEILVTYNCCDDDYFNKK
DWYDFVENPDILRVYANLGERVRQALLKTVQFCDAMRNAGIVGVLTLDNQDLNGNWYDFGDFIQTTPGSGVPVVDSYYSL
LMPILTLTRALTAESHVDTDLTKPYIKWDLLKYDFTEERLKLFDRYFKYWDQTYHPNCVNCLDDRCILHCANFNVLFSTV
FPPTSFGPLVRKIFVDGVPFVVSTGYHFRELGVVHNQDVNLHSSRLSFKELLVYAADPAMHAASGNLLLDKRTTCFSVAA
LTNNVAFQTVKPGNFNKDFYDFAVSKGFFKEGSSVELKHFFFAQDGNAAISDYDYYRYNLPTMCDIRQLLFVVEVVDKYF
DCYDGGCINANQVIVNNLDKSAGFPFNKWGKARLYYDSMSYEDQDALFAYTKRNVIPTITQMNLKYAISAKNRARTVAGV
SICSTMTNRQFHQKLLKSIAATRGATVVIGTSKFYGGWHNMLKTVYSDVENPHLMGWDYPKCDRAMPNMLRIMASLVLAR
KHTTCCSLSHRFYRLANECAQVLSEMVMCGGSLYVKPGGTSSGDATTAYANSVFNICQAVTANVNALLSTDGNKIADKYV
RNLQHRLYECLYRNRDVDTDFVNEFYAYLRKHFSMMILSDDAVVCFNSTYASQGLVASIKNFKSVLYYQNNVFMSEAKCW
TETDLTKGPHEFCSQHTMLVKQGDDYVYLPYPDPSRILGAGCFVDDIVKTDGTLMIERFVSLAIDAYPLTKHPNQEYADV
FHLYLQYIRKLHDELTGHMLDMYSVMLTNDNTSRYWEPEFYEAMYTPHTVLQ
;
A
2 'polypeptide(L)'
;MAIASEFSSLPSYAAFATAQEAYEQAVANGDSEVVLKKLKKSLNVAKSEFDRDAAMQRKLEKMADQAMTQMYKQARSEDK
RAKVTSAMQTMLFTMLRKLDNDALNNIINNARDGCVPLNIIPLTTAAKLMVVIPDYNTYKNTCDGTTFTYASALWEIQQV
VDADSKIVQLSEISMDNSPNLAWPLIVTALRANSAVKLQ
;
B,D
3 'polypeptide(L)'
;GPVDMSKMSDVKCTSVVLLSVLQQLRVESSSKLWAQCVQLHNDILLAKDTTEAFEKMVSLLSVLLSMQGAVDINKLCEEM
LDNRATLQ
;
C
4 'polypeptide(L)'
;GPHMAVGACVLCNSQTSLRCGACIRRPFLCCKCCYDHVISTSHKLVLSVNPYVCNAPGCDVTDVTQLYLGGMSYYCKSHK
PPISFPLCANGQVFGLYKNTCVGSDNVTDFNAIATCDWTNAGDYILANTCTERLKLFAAETLKATEETFKLSYGIATVRE
VLSDRELHLSWEVGKPRPPLNRNYVFTGYRVTKNSKVQIGEYTFEKGDYGDAVVYRGTTTYKLNVGDYFVLTSHTVMPLS
APTLVPQEHYVRITGLYPTLNISDEFSSNVANYQKVGMQKYSTLQGPPGTGKSHFAIGLALYYPSARIVYTACSHAAVDA
LCEKALKYLPIDKCSRIIPARARVECFDKFKVNSTLEQYVFCTVNALPETTADIVVFDEISMATNYDLSVVNARLRAKHY
VYIGDPAQLPAPRTLLTKGTLEPEYFNSVCRLMKTIGPDMFLGTCRRCPAEIVDTVSALVYDNKLKAHKDKSAQCFKMFY
KGVITHDVSSAINRPQIGVVREFLTRNPAWRKAVFISPYNSQNAVASKILGLPTQTVDSSQGSEYDYVIFTQTTETAHSC
NVNRFNVAITRAKVGILCIMSDRDLYDKLQFTSLEIPRRNVATLQ
;
E,F
5 'polyribonucleotide' CGCGUAGCAUGCUACGUCAUUCUCCUAAGAAGCUA P
6 'polyribonucleotide' CUAUCCCCAUGUGAUUUUAAUAGCUUCUUAGGAGAAUGACGUAGCAUGCUACGCG T
#
# COMPACT_ATOMS: atom_id res chain seq x y z
N ASP A 3 -62.14 -56.35 -41.82
CA ASP A 3 -61.74 -56.69 -40.46
C ASP A 3 -60.39 -56.08 -40.11
N ALA A 4 -60.23 -55.67 -38.85
CA ALA A 4 -59.00 -55.06 -38.39
C ALA A 4 -57.82 -56.03 -38.39
N GLN A 5 -58.05 -57.31 -38.15
CA GLN A 5 -56.96 -58.27 -38.09
C GLN A 5 -56.25 -58.42 -39.43
N SER A 6 -57.00 -58.44 -40.52
CA SER A 6 -56.37 -58.45 -41.84
C SER A 6 -55.57 -57.17 -42.06
N PHE A 7 -56.10 -56.03 -41.60
CA PHE A 7 -55.37 -54.78 -41.70
C PHE A 7 -54.06 -54.84 -40.91
N LEU A 8 -54.11 -55.41 -39.71
CA LEU A 8 -52.90 -55.58 -38.92
C LEU A 8 -51.90 -56.49 -39.64
N ASN A 9 -52.40 -57.58 -40.23
CA ASN A 9 -51.52 -58.49 -40.95
C ASN A 9 -50.83 -57.78 -42.11
N ARG A 10 -51.59 -56.98 -42.87
CA ARG A 10 -50.99 -56.25 -43.98
C ARG A 10 -49.97 -55.23 -43.49
N VAL A 11 -50.30 -54.50 -42.42
CA VAL A 11 -49.38 -53.47 -41.92
C VAL A 11 -48.10 -54.12 -41.43
N CYS A 12 -48.19 -55.32 -40.84
CA CYS A 12 -46.99 -56.07 -40.51
C CYS A 12 -46.12 -56.25 -41.75
N GLY A 13 -46.75 -56.52 -42.89
CA GLY A 13 -46.05 -56.55 -44.15
C GLY A 13 -45.04 -57.68 -44.25
N VAL A 14 -44.17 -57.56 -45.25
CA VAL A 14 -43.16 -58.58 -45.48
C VAL A 14 -42.18 -58.66 -44.33
N SER A 15 -41.80 -57.52 -43.77
CA SER A 15 -40.86 -57.52 -42.66
C SER A 15 -41.41 -58.32 -41.49
N ALA A 16 -40.58 -59.19 -40.93
CA ALA A 16 -41.00 -60.08 -39.85
C ALA A 16 -41.03 -59.27 -38.56
N ALA A 17 -42.22 -58.77 -38.23
CA ALA A 17 -42.43 -57.98 -37.02
C ALA A 17 -43.75 -58.39 -36.37
N ARG A 18 -43.81 -58.26 -35.05
CA ARG A 18 -45.01 -58.55 -34.29
C ARG A 18 -45.61 -57.24 -33.82
N LEU A 19 -46.88 -57.00 -34.17
CA LEU A 19 -47.53 -55.72 -33.95
C LEU A 19 -48.76 -55.89 -33.06
N THR A 20 -49.01 -54.90 -32.22
CA THR A 20 -50.23 -54.80 -31.45
C THR A 20 -50.81 -53.40 -31.63
N PRO A 21 -52.12 -53.29 -31.86
CA PRO A 21 -52.69 -51.97 -32.17
C PRO A 21 -52.81 -51.10 -30.92
N CYS A 22 -52.19 -49.92 -30.98
CA CYS A 22 -52.44 -48.92 -29.94
C CYS A 22 -53.82 -48.31 -30.12
N GLY A 23 -54.36 -48.32 -31.34
CA GLY A 23 -55.71 -47.87 -31.58
C GLY A 23 -56.69 -49.02 -31.36
N THR A 24 -57.85 -48.95 -32.00
CA THR A 24 -58.86 -50.00 -31.83
C THR A 24 -59.67 -50.11 -33.10
N GLY A 25 -59.82 -51.33 -33.61
CA GLY A 25 -60.72 -51.60 -34.71
C GLY A 25 -60.42 -50.81 -35.97
N THR A 26 -59.18 -50.88 -36.43
CA THR A 26 -58.73 -50.20 -37.66
C THR A 26 -59.31 -48.79 -37.76
N SER A 27 -59.20 -48.06 -36.65
CA SER A 27 -59.70 -46.70 -36.57
C SER A 27 -58.54 -45.78 -36.19
N THR A 28 -58.54 -44.58 -36.78
CA THR A 28 -57.48 -43.63 -36.54
C THR A 28 -57.39 -43.31 -35.05
N ASP A 29 -56.15 -43.25 -34.54
CA ASP A 29 -55.90 -42.92 -33.15
C ASP A 29 -55.54 -41.45 -33.04
N VAL A 30 -56.14 -40.77 -32.07
CA VAL A 30 -55.96 -39.34 -31.87
C VAL A 30 -54.93 -39.15 -30.77
N VAL A 31 -53.90 -38.34 -31.02
CA VAL A 31 -52.84 -38.15 -30.04
C VAL A 31 -52.40 -36.69 -30.00
N TYR A 32 -51.85 -36.30 -28.86
CA TYR A 32 -51.46 -34.92 -28.59
C TYR A 32 -49.98 -34.78 -28.90
N ARG A 33 -49.65 -34.05 -29.96
CA ARG A 33 -48.26 -33.90 -30.39
C ARG A 33 -47.89 -32.43 -30.49
N ALA A 34 -46.65 -32.16 -30.93
CA ALA A 34 -45.99 -30.87 -30.79
C ALA A 34 -45.52 -30.36 -32.14
N PHE A 35 -46.42 -30.34 -33.11
CA PHE A 35 -46.06 -29.96 -34.47
C PHE A 35 -45.42 -28.58 -34.52
N ASP A 36 -44.66 -28.36 -35.59
CA ASP A 36 -44.14 -27.06 -35.99
C ASP A 36 -44.77 -26.76 -37.34
N ILE A 37 -45.86 -25.99 -37.35
CA ILE A 37 -46.68 -25.88 -38.55
C ILE A 37 -46.65 -24.45 -39.06
N TYR A 38 -46.74 -24.30 -40.37
CA TYR A 38 -46.91 -22.99 -40.99
C TYR A 38 -47.56 -23.21 -42.34
N ASN A 39 -48.81 -22.76 -42.47
CA ASN A 39 -49.55 -22.87 -43.71
C ASN A 39 -50.35 -21.58 -43.88
N ASP A 40 -51.30 -21.60 -44.81
CA ASP A 40 -52.03 -20.38 -45.12
C ASP A 40 -52.78 -19.81 -43.92
N LYS A 41 -53.46 -20.65 -43.13
CA LYS A 41 -54.34 -20.17 -42.08
C LYS A 41 -53.71 -20.16 -40.69
N VAL A 42 -52.98 -21.21 -40.32
CA VAL A 42 -52.42 -21.33 -38.98
C VAL A 42 -50.90 -21.41 -39.08
N ALA A 43 -50.24 -20.96 -38.02
CA ALA A 43 -48.80 -20.99 -37.95
C ALA A 43 -48.36 -20.97 -36.50
N GLY A 44 -47.21 -21.58 -36.23
CA GLY A 44 -46.62 -21.58 -34.91
C GLY A 44 -46.03 -22.93 -34.55
N PHE A 45 -45.43 -22.95 -33.36
CA PHE A 45 -44.84 -24.14 -32.76
C PHE A 45 -45.67 -24.46 -31.51
N ALA A 46 -46.76 -25.19 -31.70
CA ALA A 46 -47.72 -25.44 -30.64
C ALA A 46 -48.11 -26.91 -30.62
N LYS A 47 -48.65 -27.35 -29.50
CA LYS A 47 -49.07 -28.73 -29.33
C LYS A 47 -50.48 -28.89 -29.89
N PHE A 48 -50.59 -29.53 -31.05
CA PHE A 48 -51.86 -29.79 -31.67
C PHE A 48 -52.31 -31.22 -31.37
N LEU A 49 -53.46 -31.59 -31.92
CA LEU A 49 -54.07 -32.90 -31.71
C LEU A 49 -54.22 -33.55 -33.08
N LYS A 50 -53.38 -34.54 -33.37
CA LYS A 50 -53.39 -35.18 -34.67
C LYS A 50 -54.34 -36.37 -34.69
N THR A 51 -55.08 -36.49 -35.78
CA THR A 51 -56.10 -37.52 -35.95
C THR A 51 -56.04 -38.11 -37.35
N ASN A 52 -54.81 -38.25 -37.88
CA ASN A 52 -54.61 -38.76 -39.22
C ASN A 52 -53.62 -39.91 -39.27
N CYS A 53 -53.58 -40.76 -38.24
CA CYS A 53 -52.61 -41.84 -38.16
C CYS A 53 -53.18 -42.99 -37.35
N CYS A 54 -53.16 -44.19 -37.92
CA CYS A 54 -53.43 -45.41 -37.18
C CYS A 54 -52.10 -45.99 -36.73
N ARG A 55 -51.91 -46.10 -35.42
CA ARG A 55 -50.60 -46.37 -34.84
C ARG A 55 -50.58 -47.75 -34.21
N PHE A 56 -49.54 -48.51 -34.52
CA PHE A 56 -49.32 -49.83 -33.94
C PHE A 56 -47.97 -49.83 -33.25
N GLN A 57 -47.83 -50.68 -32.23
CA GLN A 57 -46.58 -50.82 -31.52
C GLN A 57 -45.99 -52.20 -31.77
N GLU A 58 -44.69 -52.24 -32.04
CA GLU A 58 -43.99 -53.49 -32.27
C GLU A 58 -43.52 -54.07 -30.94
N LYS A 59 -43.81 -55.34 -30.74
CA LYS A 59 -43.37 -56.07 -29.56
C LYS A 59 -42.39 -57.15 -29.99
N ASP A 60 -41.17 -57.09 -29.45
CA ASP A 60 -40.18 -58.10 -29.75
C ASP A 60 -40.64 -59.44 -29.19
N GLU A 61 -39.87 -60.49 -29.48
CA GLU A 61 -40.14 -61.78 -28.86
C GLU A 61 -40.08 -61.63 -27.35
N ASP A 62 -40.82 -62.49 -26.65
CA ASP A 62 -41.16 -62.38 -25.24
C ASP A 62 -42.32 -61.40 -25.04
N ASP A 63 -42.85 -60.81 -26.13
CA ASP A 63 -44.00 -59.91 -26.06
C ASP A 63 -43.75 -58.76 -25.10
N ASN A 64 -42.64 -58.05 -25.29
CA ASN A 64 -42.34 -56.83 -24.56
C ASN A 64 -42.43 -55.64 -25.50
N LEU A 65 -43.24 -54.67 -25.13
CA LEU A 65 -43.39 -53.47 -25.94
C LEU A 65 -42.08 -52.69 -25.93
N ILE A 66 -41.61 -52.29 -27.12
CA ILE A 66 -40.35 -51.59 -27.27
C ILE A 66 -40.61 -50.25 -27.94
N ASP A 67 -39.56 -49.44 -28.02
CA ASP A 67 -39.65 -48.09 -28.57
C ASP A 67 -39.55 -48.12 -30.10
N SER A 68 -40.58 -48.67 -30.72
CA SER A 68 -40.68 -48.68 -32.18
C SER A 68 -42.14 -48.85 -32.55
N TYR A 69 -42.62 -48.02 -33.47
CA TYR A 69 -44.03 -48.00 -33.85
C TYR A 69 -44.17 -47.98 -35.36
N PHE A 70 -45.35 -48.38 -35.81
CA PHE A 70 -45.73 -48.32 -37.22
C PHE A 70 -46.85 -47.29 -37.32
N VAL A 71 -46.63 -46.28 -38.14
CA VAL A 71 -47.61 -45.23 -38.40
C VAL A 71 -48.16 -45.46 -39.81
N VAL A 72 -49.48 -45.50 -39.92
CA VAL A 72 -50.15 -45.97 -41.13
C VAL A 72 -51.02 -44.86 -41.70
N LYS A 73 -50.54 -43.61 -41.60
CA LYS A 73 -51.30 -42.44 -42.03
C LYS A 73 -52.01 -42.67 -43.36
N ARG A 74 -53.20 -42.12 -43.47
CA ARG A 74 -54.03 -42.23 -44.67
C ARG A 74 -54.46 -40.84 -45.12
N HIS A 75 -54.48 -40.62 -46.43
CA HIS A 75 -54.86 -39.32 -46.97
C HIS A 75 -55.34 -39.53 -48.41
N THR A 76 -55.51 -38.43 -49.14
CA THR A 76 -56.11 -38.48 -50.46
C THR A 76 -55.22 -39.25 -51.43
N PHE A 77 -55.85 -39.75 -52.49
CA PHE A 77 -55.15 -40.56 -53.47
C PHE A 77 -54.02 -39.79 -54.16
N SER A 78 -54.27 -38.53 -54.52
CA SER A 78 -53.25 -37.74 -55.19
C SER A 78 -52.03 -37.54 -54.30
N ASN A 79 -52.25 -37.20 -53.03
CA ASN A 79 -51.13 -37.05 -52.12
C ASN A 79 -50.37 -38.35 -51.98
N TYR A 80 -51.09 -39.47 -51.91
CA TYR A 80 -50.44 -40.78 -51.84
C TYR A 80 -49.53 -41.00 -53.03
N GLN A 81 -50.03 -40.74 -54.24
CA GLN A 81 -49.23 -40.94 -55.44
C GLN A 81 -48.00 -40.03 -55.43
N HIS A 82 -48.19 -38.75 -55.12
CA HIS A 82 -47.07 -37.83 -55.13
C HIS A 82 -46.02 -38.23 -54.12
N GLU A 83 -46.44 -38.63 -52.92
CA GLU A 83 -45.47 -38.96 -51.88
C GLU A 83 -44.78 -40.28 -52.18
N GLU A 84 -45.47 -41.22 -52.84
CA GLU A 84 -44.78 -42.43 -53.27
C GLU A 84 -43.70 -42.10 -54.29
N THR A 85 -44.00 -41.22 -55.24
CA THR A 85 -42.97 -40.84 -56.21
C THR A 85 -41.79 -40.18 -55.52
N ILE A 86 -42.07 -39.27 -54.57
CA ILE A 86 -40.98 -38.62 -53.85
C ILE A 86 -40.14 -39.63 -53.09
N TYR A 87 -40.79 -40.56 -52.37
CA TYR A 87 -40.01 -41.54 -51.63
C TYR A 87 -39.16 -42.39 -52.54
N ASN A 88 -39.74 -42.86 -53.66
CA ASN A 88 -38.95 -43.62 -54.62
C ASN A 88 -37.74 -42.82 -55.09
N LEU A 89 -37.90 -41.52 -55.26
CA LEU A 89 -36.75 -40.70 -55.59
C LEU A 89 -35.73 -40.70 -54.46
N LEU A 90 -36.18 -40.67 -53.21
CA LEU A 90 -35.31 -40.57 -52.05
C LEU A 90 -35.12 -41.91 -51.33
N LYS A 91 -35.45 -43.02 -51.98
CA LYS A 91 -35.40 -44.31 -51.29
C LYS A 91 -33.99 -44.63 -50.81
N ASP A 92 -32.99 -44.36 -51.64
CA ASP A 92 -31.64 -44.86 -51.40
C ASP A 92 -31.05 -44.41 -50.07
N CYS A 93 -31.36 -43.20 -49.62
CA CYS A 93 -30.66 -42.65 -48.47
C CYS A 93 -30.92 -43.49 -47.23
N PRO A 94 -29.92 -43.70 -46.36
CA PRO A 94 -30.18 -44.46 -45.13
C PRO A 94 -31.02 -43.69 -44.11
N ALA A 95 -31.01 -42.37 -44.14
CA ALA A 95 -31.73 -41.57 -43.15
C ALA A 95 -33.15 -41.26 -43.60
N VAL A 96 -33.90 -42.29 -43.97
CA VAL A 96 -35.30 -42.16 -44.35
C VAL A 96 -36.03 -43.41 -43.87
N ALA A 97 -36.96 -43.22 -42.95
CA ALA A 97 -37.68 -44.35 -42.37
C ALA A 97 -38.37 -45.15 -43.45
N LYS A 98 -38.30 -46.47 -43.32
CA LYS A 98 -38.86 -47.37 -44.32
C LYS A 98 -40.33 -47.05 -44.56
N HIS A 99 -40.70 -46.94 -45.82
CA HIS A 99 -42.07 -46.65 -46.23
C HIS A 99 -42.65 -47.85 -46.98
N ASP A 100 -43.92 -48.13 -46.71
CA ASP A 100 -44.63 -49.23 -47.34
C ASP A 100 -45.99 -48.71 -47.81
N PHE A 101 -46.18 -48.64 -49.11
CA PHE A 101 -47.38 -48.07 -49.71
C PHE A 101 -48.33 -49.20 -50.06
N PHE A 102 -49.62 -49.03 -49.78
CA PHE A 102 -50.59 -50.03 -50.19
C PHE A 102 -51.98 -49.41 -50.19
N LYS A 103 -52.95 -50.21 -50.62
CA LYS A 103 -54.34 -49.78 -50.72
C LYS A 103 -55.20 -50.91 -50.14
N PHE A 104 -56.10 -50.55 -49.25
CA PHE A 104 -56.86 -51.52 -48.47
C PHE A 104 -58.35 -51.18 -48.51
N ARG A 105 -59.20 -52.21 -48.46
CA ARG A 105 -60.64 -52.03 -48.41
C ARG A 105 -61.04 -51.81 -46.96
N ILE A 106 -61.21 -50.55 -46.57
CA ILE A 106 -61.51 -50.25 -45.16
C ILE A 106 -62.96 -50.61 -44.83
N ASP A 107 -63.93 -50.04 -45.57
CA ASP A 107 -65.33 -50.42 -45.42
C ASP A 107 -65.94 -50.92 -46.72
N GLY A 108 -65.93 -50.07 -47.74
CA GLY A 108 -66.43 -50.45 -49.06
C GLY A 108 -65.65 -49.81 -50.18
N ASP A 109 -64.54 -49.15 -49.84
CA ASP A 109 -63.75 -48.40 -50.81
C ASP A 109 -62.28 -48.72 -50.62
N MET A 110 -61.52 -48.53 -51.70
CA MET A 110 -60.12 -48.94 -51.77
C MET A 110 -59.27 -47.77 -51.30
N VAL A 111 -59.26 -47.55 -49.99
CA VAL A 111 -58.57 -46.39 -49.41
C VAL A 111 -57.06 -46.62 -49.51
N PRO A 112 -56.28 -45.60 -49.89
CA PRO A 112 -54.81 -45.76 -49.93
C PRO A 112 -54.19 -45.39 -48.58
N HIS A 113 -53.27 -46.23 -48.11
CA HIS A 113 -52.53 -45.99 -46.89
C HIS A 113 -51.03 -46.06 -47.15
N ILE A 114 -50.28 -45.29 -46.37
CA ILE A 114 -48.82 -45.35 -46.36
C ILE A 114 -48.38 -45.68 -44.94
N SER A 115 -47.46 -46.63 -44.81
CA SER A 115 -47.00 -47.11 -43.52
C SER A 115 -45.55 -46.69 -43.33
N ARG A 116 -45.29 -45.97 -42.25
CA ARG A 116 -43.94 -45.60 -41.88
C ARG A 116 -43.47 -46.53 -40.77
N GLN A 117 -42.43 -47.30 -41.04
CA GLN A 117 -42.08 -48.44 -40.20
C GLN A 117 -40.95 -48.06 -39.25
N ARG A 118 -41.09 -48.46 -37.99
CA ARG A 118 -40.02 -48.38 -37.00
C ARG A 118 -39.66 -46.94 -36.67
N LEU A 119 -40.68 -46.12 -36.43
CA LEU A 119 -40.47 -44.80 -35.87
C LEU A 119 -40.50 -44.87 -34.35
N THR A 120 -40.01 -43.82 -33.71
CA THR A 120 -40.04 -43.74 -32.26
C THR A 120 -41.35 -43.10 -31.80
N LYS A 121 -41.67 -43.32 -30.51
CA LYS A 121 -42.95 -42.85 -30.00
C LYS A 121 -43.08 -41.33 -30.17
N TYR A 122 -42.08 -40.59 -29.74
CA TYR A 122 -42.06 -39.14 -29.84
C TYR A 122 -41.08 -38.70 -30.91
N THR A 123 -41.37 -37.54 -31.49
CA THR A 123 -40.55 -36.95 -32.53
C THR A 123 -39.67 -35.86 -31.93
N MET A 124 -38.64 -35.47 -32.69
CA MET A 124 -37.74 -34.44 -32.22
C MET A 124 -38.50 -33.20 -31.79
N ALA A 125 -39.57 -32.88 -32.49
CA ALA A 125 -40.36 -31.71 -32.12
C ALA A 125 -40.88 -31.83 -30.70
N ASP A 126 -41.35 -33.02 -30.32
CA ASP A 126 -41.88 -33.18 -28.97
C ASP A 126 -40.81 -32.94 -27.92
N LEU A 127 -39.61 -33.48 -28.13
CA LEU A 127 -38.53 -33.24 -27.19
C LEU A 127 -38.18 -31.77 -27.11
N VAL A 128 -38.06 -31.11 -28.25
CA VAL A 128 -37.67 -29.70 -28.25
C VAL A 128 -38.73 -28.86 -27.56
N TYR A 129 -40.00 -29.14 -27.83
CA TYR A 129 -41.07 -28.40 -27.18
C TYR A 129 -41.05 -28.64 -25.68
N ALA A 130 -40.86 -29.89 -25.26
CA ALA A 130 -40.85 -30.18 -23.84
C ALA A 130 -39.73 -29.43 -23.14
N LEU A 131 -38.56 -29.36 -23.76
CA LEU A 131 -37.44 -28.67 -23.13
C LEU A 131 -37.50 -27.17 -23.31
N ARG A 132 -38.34 -26.66 -24.22
CA ARG A 132 -38.47 -25.22 -24.42
C ARG A 132 -39.79 -24.65 -23.91
N HIS A 133 -40.66 -25.50 -23.36
CA HIS A 133 -41.88 -25.04 -22.70
C HIS A 133 -42.07 -25.83 -21.41
N PHE A 134 -41.00 -25.99 -20.65
CA PHE A 134 -41.03 -26.83 -19.48
C PHE A 134 -42.07 -26.34 -18.48
N ASP A 135 -42.74 -27.28 -17.84
CA ASP A 135 -43.71 -26.98 -16.79
C ASP A 135 -43.73 -28.16 -15.82
N GLU A 136 -43.01 -28.03 -14.70
CA GLU A 136 -42.84 -29.15 -13.79
C GLU A 136 -44.17 -29.71 -13.31
N GLY A 137 -45.21 -28.90 -13.26
CA GLY A 137 -46.53 -29.43 -12.94
C GLY A 137 -47.04 -30.39 -13.98
N ASN A 138 -46.84 -30.08 -15.27
CA ASN A 138 -47.31 -30.90 -16.38
C ASN A 138 -46.15 -31.14 -17.33
N CYS A 139 -45.37 -32.19 -17.06
CA CYS A 139 -44.27 -32.61 -17.94
C CYS A 139 -44.22 -34.13 -17.88
N ASP A 140 -44.90 -34.77 -18.83
CA ASP A 140 -44.88 -36.22 -18.95
C ASP A 140 -44.18 -36.71 -20.19
N THR A 141 -44.29 -36.00 -21.31
CA THR A 141 -43.52 -36.37 -22.49
C THR A 141 -42.03 -36.34 -22.20
N LEU A 142 -41.57 -35.34 -21.44
CA LEU A 142 -40.16 -35.30 -21.08
C LEU A 142 -39.78 -36.52 -20.22
N LYS A 143 -40.63 -36.87 -19.26
CA LYS A 143 -40.33 -38.04 -18.43
C LYS A 143 -40.29 -39.31 -19.27
N GLU A 144 -41.26 -39.50 -20.16
CA GLU A 144 -41.26 -40.69 -20.99
C GLU A 144 -40.03 -40.74 -21.88
N ILE A 145 -39.65 -39.61 -22.47
CA ILE A 145 -38.48 -39.58 -23.34
C ILE A 145 -37.23 -39.93 -22.54
N LEU A 146 -37.08 -39.35 -21.36
CA LEU A 146 -35.89 -39.63 -20.56
C LEU A 146 -35.84 -41.09 -20.14
N VAL A 147 -36.99 -41.64 -19.73
CA VAL A 147 -37.00 -43.02 -19.24
C VAL A 147 -36.73 -44.00 -20.37
N THR A 148 -37.39 -43.81 -21.52
CA THR A 148 -37.32 -44.80 -22.57
C THR A 148 -35.96 -44.86 -23.24
N TYR A 149 -35.07 -43.91 -22.95
CA TYR A 149 -33.72 -43.91 -23.50
C TYR A 149 -32.65 -44.01 -22.42
N ASN A 150 -32.97 -44.62 -21.29
CA ASN A 150 -31.99 -44.99 -20.27
C ASN A 150 -31.24 -43.77 -19.73
N CYS A 151 -31.86 -42.60 -19.79
CA CYS A 151 -31.25 -41.42 -19.18
C CYS A 151 -31.31 -41.50 -17.66
N CYS A 152 -32.41 -42.02 -17.14
CA CYS A 152 -32.57 -42.24 -15.70
C CYS A 152 -33.30 -43.57 -15.51
N ASP A 153 -33.79 -43.82 -14.29
CA ASP A 153 -34.34 -45.12 -13.94
C ASP A 153 -35.79 -45.03 -13.48
N ASP A 154 -36.49 -43.93 -13.79
CA ASP A 154 -37.91 -43.78 -13.49
C ASP A 154 -38.15 -43.54 -12.00
N ASP A 155 -37.10 -43.60 -11.19
CA ASP A 155 -37.19 -43.22 -9.78
C ASP A 155 -36.49 -41.89 -9.50
N TYR A 156 -35.69 -41.41 -10.44
CA TYR A 156 -35.05 -40.11 -10.28
C TYR A 156 -36.07 -39.00 -10.06
N PHE A 157 -37.29 -39.15 -10.60
CA PHE A 157 -38.31 -38.13 -10.47
C PHE A 157 -38.95 -38.10 -9.09
N ASN A 158 -38.83 -39.16 -8.29
CA ASN A 158 -39.33 -39.12 -6.93
C ASN A 158 -38.61 -38.07 -6.10
N LYS A 159 -37.43 -37.64 -6.52
CA LYS A 159 -36.72 -36.58 -5.82
C LYS A 159 -37.55 -35.30 -5.84
N LYS A 160 -37.44 -34.52 -4.77
CA LYS A 160 -38.28 -33.35 -4.61
C LYS A 160 -38.07 -32.36 -5.75
N ASP A 161 -36.81 -32.06 -6.05
CA ASP A 161 -36.46 -31.08 -7.09
C ASP A 161 -35.43 -31.71 -8.02
N TRP A 162 -35.91 -32.40 -9.04
CA TRP A 162 -35.02 -32.93 -10.07
C TRP A 162 -34.88 -31.98 -11.23
N TYR A 163 -35.95 -31.24 -11.56
CA TYR A 163 -35.91 -30.30 -12.67
C TYR A 163 -35.03 -29.09 -12.37
N ASP A 164 -34.97 -28.64 -11.13
CA ASP A 164 -34.23 -27.43 -10.80
C ASP A 164 -32.76 -27.59 -11.12
N PHE A 165 -32.18 -26.60 -11.78
CA PHE A 165 -30.76 -26.64 -12.12
C PHE A 165 -29.88 -26.31 -10.93
N VAL A 166 -30.28 -25.37 -10.08
CA VAL A 166 -29.42 -24.90 -9.01
C VAL A 166 -29.57 -25.74 -7.74
N GLU A 167 -30.65 -26.50 -7.59
CA GLU A 167 -30.81 -27.37 -6.43
C GLU A 167 -30.39 -28.80 -6.71
N ASN A 168 -30.48 -29.25 -7.95
CA ASN A 168 -30.09 -30.60 -8.34
C ASN A 168 -29.24 -30.52 -9.60
N PRO A 169 -27.98 -30.08 -9.46
CA PRO A 169 -27.13 -29.96 -10.66
C PRO A 169 -26.98 -31.25 -11.42
N ASP A 170 -27.07 -32.40 -10.75
CA ASP A 170 -26.97 -33.68 -11.43
C ASP A 170 -27.92 -33.78 -12.62
N ILE A 171 -28.97 -32.97 -12.66
CA ILE A 171 -29.91 -33.01 -13.78
C ILE A 171 -29.16 -32.85 -15.10
N LEU A 172 -28.13 -31.99 -15.13
CA LEU A 172 -27.37 -31.83 -16.37
C LEU A 172 -26.82 -33.17 -16.83
N ARG A 173 -26.23 -33.94 -15.92
CA ARG A 173 -25.71 -35.26 -16.30
C ARG A 173 -26.80 -36.10 -16.95
N VAL A 174 -28.04 -35.98 -16.47
CA VAL A 174 -29.13 -36.71 -17.10
C VAL A 174 -29.33 -36.21 -18.53
N TYR A 175 -29.45 -34.90 -18.69
CA TYR A 175 -29.68 -34.37 -20.03
C TYR A 175 -28.51 -34.68 -20.95
N ALA A 176 -27.29 -34.66 -20.42
CA ALA A 176 -26.13 -35.00 -21.24
C ALA A 176 -26.26 -36.38 -21.84
N ASN A 177 -26.98 -37.30 -21.20
CA ASN A 177 -27.10 -38.64 -21.76
C ASN A 177 -27.94 -38.65 -23.03
N LEU A 178 -28.75 -37.63 -23.28
CA LEU A 178 -29.42 -37.49 -24.55
C LEU A 178 -28.49 -37.01 -25.66
N GLY A 179 -27.32 -36.49 -25.30
CA GLY A 179 -26.48 -35.82 -26.29
C GLY A 179 -26.23 -36.69 -27.51
N GLU A 180 -25.66 -37.88 -27.30
CA GLU A 180 -25.33 -38.74 -28.43
C GLU A 180 -26.55 -39.04 -29.30
N ARG A 181 -27.75 -39.08 -28.72
CA ARG A 181 -28.92 -39.33 -29.55
C ARG A 181 -29.26 -38.12 -30.40
N VAL A 182 -29.13 -36.92 -29.86
CA VAL A 182 -29.42 -35.72 -30.65
C VAL A 182 -28.38 -35.57 -31.75
N ARG A 183 -27.10 -35.72 -31.41
CA ARG A 183 -26.05 -35.54 -32.40
C ARG A 183 -26.29 -36.41 -33.62
N GLN A 184 -26.57 -37.69 -33.41
CA GLN A 184 -26.85 -38.58 -34.53
C GLN A 184 -27.93 -37.99 -35.42
N ALA A 185 -29.03 -37.53 -34.82
CA ALA A 185 -30.10 -36.93 -35.61
C ALA A 185 -29.56 -35.86 -36.53
N LEU A 186 -28.76 -34.94 -35.97
CA LEU A 186 -28.19 -33.89 -36.79
C LEU A 186 -27.48 -34.48 -38.00
N LEU A 187 -26.58 -35.44 -37.76
CA LEU A 187 -25.86 -36.05 -38.87
C LEU A 187 -26.83 -36.64 -39.87
N LYS A 188 -27.86 -37.33 -39.38
CA LYS A 188 -28.84 -37.91 -40.29
C LYS A 188 -29.44 -36.82 -41.17
N THR A 189 -29.82 -35.69 -40.57
CA THR A 189 -30.34 -34.59 -41.35
C THR A 189 -29.37 -34.21 -42.46
N VAL A 190 -28.08 -34.06 -42.13
CA VAL A 190 -27.13 -33.63 -43.14
C VAL A 190 -27.03 -34.68 -44.23
N GLN A 191 -27.21 -35.95 -43.91
CA GLN A 191 -27.32 -36.94 -44.98
C GLN A 191 -28.58 -36.69 -45.79
N PHE A 192 -29.72 -36.59 -45.12
CA PHE A 192 -30.98 -36.39 -45.83
C PHE A 192 -30.91 -35.17 -46.74
N CYS A 193 -30.46 -34.03 -46.19
CA CYS A 193 -30.30 -32.84 -47.00
C CYS A 193 -29.48 -33.14 -48.24
N ASP A 194 -28.31 -33.76 -48.05
CA ASP A 194 -27.51 -34.15 -49.20
C ASP A 194 -28.30 -35.07 -50.11
N ALA A 195 -28.89 -36.12 -49.53
CA ALA A 195 -29.67 -37.05 -50.34
C ALA A 195 -30.79 -36.32 -51.06
N MET A 196 -31.26 -35.21 -50.51
CA MET A 196 -32.31 -34.47 -51.18
C MET A 196 -31.73 -33.49 -52.18
N ARG A 197 -30.57 -32.89 -51.85
CA ARG A 197 -29.94 -31.95 -52.76
C ARG A 197 -29.68 -32.59 -54.11
N ASN A 198 -29.09 -33.78 -54.13
CA ASN A 198 -28.82 -34.47 -55.37
C ASN A 198 -30.09 -34.96 -56.06
N ALA A 199 -31.21 -35.05 -55.34
CA ALA A 199 -32.42 -35.61 -55.90
C ALA A 199 -33.33 -34.57 -56.54
N GLY A 200 -32.92 -33.31 -56.57
CA GLY A 200 -33.72 -32.26 -57.19
C GLY A 200 -35.08 -32.12 -56.53
N ILE A 201 -35.10 -32.09 -55.21
CA ILE A 201 -36.34 -31.98 -54.44
C ILE A 201 -36.23 -30.74 -53.57
N VAL A 202 -37.26 -29.89 -53.60
CA VAL A 202 -37.34 -28.70 -52.77
C VAL A 202 -38.38 -28.94 -51.70
N GLY A 203 -38.03 -28.60 -50.46
CA GLY A 203 -38.95 -28.82 -49.37
C GLY A 203 -38.52 -28.08 -48.14
N VAL A 204 -39.34 -28.18 -47.10
CA VAL A 204 -39.08 -27.55 -45.81
C VAL A 204 -38.93 -28.63 -44.77
N LEU A 205 -37.84 -28.57 -44.01
CA LEU A 205 -37.59 -29.54 -42.96
C LEU A 205 -38.16 -29.01 -41.65
N THR A 206 -39.03 -29.80 -41.03
CA THR A 206 -39.67 -29.43 -39.78
C THR A 206 -39.42 -30.51 -38.74
N LEU A 207 -39.22 -30.09 -37.50
CA LEU A 207 -38.88 -31.03 -36.44
C LEU A 207 -39.95 -32.10 -36.27
N ASP A 208 -41.21 -31.77 -36.55
CA ASP A 208 -42.30 -32.69 -36.27
C ASP A 208 -42.23 -33.96 -37.10
N ASN A 209 -41.44 -33.99 -38.17
CA ASN A 209 -41.38 -35.12 -39.07
C ASN A 209 -40.12 -35.96 -38.90
N GLN A 210 -39.37 -35.77 -37.82
CA GLN A 210 -38.15 -36.53 -37.57
C GLN A 210 -38.29 -37.29 -36.27
N ASP A 211 -38.35 -38.62 -36.36
CA ASP A 211 -38.35 -39.45 -35.17
C ASP A 211 -37.02 -39.31 -34.44
N LEU A 212 -37.04 -39.57 -33.13
CA LEU A 212 -35.85 -39.36 -32.32
C LEU A 212 -34.68 -40.22 -32.74
N ASN A 213 -34.93 -41.35 -33.43
CA ASN A 213 -33.82 -42.12 -33.97
C ASN A 213 -33.00 -41.28 -34.94
N GLY A 214 -33.67 -40.52 -35.80
CA GLY A 214 -32.99 -39.71 -36.79
C GLY A 214 -33.68 -39.74 -38.13
N ASN A 215 -34.47 -40.79 -38.37
CA ASN A 215 -35.09 -40.97 -39.67
C ASN A 215 -36.09 -39.86 -39.95
N TRP A 216 -36.27 -39.58 -41.24
CA TRP A 216 -37.24 -38.61 -41.72
C TRP A 216 -38.33 -39.35 -42.48
N TYR A 217 -39.59 -38.94 -42.27
CA TYR A 217 -40.69 -39.76 -42.76
C TYR A 217 -41.86 -38.98 -43.33
N ASP A 218 -41.70 -37.70 -43.70
CA ASP A 218 -42.80 -36.89 -44.21
C ASP A 218 -42.34 -36.16 -45.47
N PHE A 219 -42.99 -36.47 -46.60
CA PHE A 219 -42.75 -35.75 -47.85
C PHE A 219 -44.04 -35.26 -48.46
N GLY A 220 -45.00 -34.83 -47.62
CA GLY A 220 -46.28 -34.39 -48.16
C GLY A 220 -46.17 -33.14 -48.99
N ASP A 221 -45.35 -32.18 -48.56
CA ASP A 221 -45.24 -30.88 -49.22
C ASP A 221 -43.86 -30.67 -49.86
N PHE A 222 -43.34 -31.70 -50.51
CA PHE A 222 -42.07 -31.60 -51.22
C PHE A 222 -42.35 -31.54 -52.71
N ILE A 223 -41.85 -30.49 -53.36
CA ILE A 223 -42.04 -30.28 -54.79
C ILE A 223 -40.70 -30.53 -55.48
N GLN A 224 -40.73 -31.35 -56.53
CA GLN A 224 -39.52 -31.85 -57.16
C GLN A 224 -39.10 -30.95 -58.31
N THR A 225 -37.79 -30.72 -58.41
CA THR A 225 -37.16 -30.00 -59.51
C THR A 225 -36.14 -30.90 -60.18
N THR A 226 -35.35 -30.33 -61.08
CA THR A 226 -34.37 -31.12 -61.80
C THR A 226 -33.33 -31.67 -60.83
N PRO A 227 -32.87 -32.91 -61.03
CA PRO A 227 -31.90 -33.48 -60.10
C PRO A 227 -30.62 -32.67 -60.04
N GLY A 228 -30.00 -32.67 -58.85
CA GLY A 228 -28.77 -31.96 -58.64
C GLY A 228 -28.94 -30.49 -58.35
N SER A 229 -30.17 -30.00 -58.20
CA SER A 229 -30.41 -28.59 -57.95
C SER A 229 -31.51 -28.39 -56.89
N GLY A 230 -31.78 -29.40 -56.09
CA GLY A 230 -32.71 -29.26 -54.99
C GLY A 230 -32.17 -28.32 -53.94
N VAL A 231 -33.02 -28.00 -52.97
CA VAL A 231 -32.63 -27.08 -51.90
C VAL A 231 -33.44 -27.39 -50.65
N PRO A 232 -32.80 -27.66 -49.50
CA PRO A 232 -33.55 -27.77 -48.25
C PRO A 232 -33.73 -26.41 -47.58
N VAL A 233 -34.84 -26.22 -46.89
CA VAL A 233 -35.04 -25.05 -46.05
C VAL A 233 -34.93 -25.52 -44.60
N VAL A 234 -33.78 -25.27 -43.98
CA VAL A 234 -33.50 -25.78 -42.64
C VAL A 234 -33.35 -24.61 -41.69
N ASP A 235 -34.05 -23.51 -41.95
CA ASP A 235 -33.93 -22.36 -41.07
C ASP A 235 -34.68 -22.60 -39.76
N SER A 236 -35.98 -22.90 -39.85
CA SER A 236 -36.76 -23.19 -38.65
C SER A 236 -36.25 -24.42 -37.91
N TYR A 237 -35.87 -25.47 -38.63
CA TYR A 237 -35.39 -26.68 -37.98
C TYR A 237 -34.23 -26.37 -37.05
N TYR A 238 -33.13 -25.88 -37.61
CA TYR A 238 -31.96 -25.60 -36.80
C TYR A 238 -32.26 -24.53 -35.75
N SER A 239 -33.01 -23.50 -36.12
CA SER A 239 -33.25 -22.43 -35.15
C SER A 239 -33.96 -22.97 -33.91
N LEU A 240 -35.02 -23.76 -34.10
CA LEU A 240 -35.72 -24.33 -32.96
C LEU A 240 -34.86 -25.33 -32.19
N LEU A 241 -34.09 -26.15 -32.90
CA LEU A 241 -33.31 -27.18 -32.22
C LEU A 241 -32.06 -26.62 -31.54
N MET A 242 -31.68 -25.38 -31.83
CA MET A 242 -30.39 -24.87 -31.38
C MET A 242 -30.20 -24.94 -29.88
N PRO A 243 -31.11 -24.45 -29.03
CA PRO A 243 -30.84 -24.46 -27.58
C PRO A 243 -30.57 -25.85 -27.02
N ILE A 244 -31.25 -26.87 -27.50
CA ILE A 244 -31.01 -28.22 -27.00
C ILE A 244 -29.58 -28.67 -27.26
N LEU A 245 -28.94 -28.14 -28.30
CA LEU A 245 -27.58 -28.56 -28.62
C LEU A 245 -26.60 -28.17 -27.53
N THR A 246 -26.90 -27.16 -26.72
CA THR A 246 -26.11 -26.84 -25.55
C THR A 246 -26.73 -27.35 -24.26
N LEU A 247 -28.05 -27.44 -24.19
CA LEU A 247 -28.66 -27.99 -22.98
C LEU A 247 -28.25 -29.44 -22.77
N THR A 248 -28.19 -30.21 -23.85
CA THR A 248 -27.77 -31.60 -23.77
C THR A 248 -26.31 -31.83 -24.11
N ARG A 249 -25.56 -30.76 -24.40
CA ARG A 249 -24.15 -30.88 -24.78
C ARG A 249 -23.97 -31.91 -25.89
N ALA A 250 -24.68 -31.67 -27.00
CA ALA A 250 -24.75 -32.67 -28.06
C ALA A 250 -23.39 -32.89 -28.73
N LEU A 251 -22.47 -31.95 -28.61
CA LEU A 251 -21.23 -31.98 -29.37
C LEU A 251 -20.04 -32.50 -28.55
N THR A 252 -20.28 -32.97 -27.33
CA THR A 252 -19.18 -33.53 -26.55
C THR A 252 -18.48 -34.67 -27.28
N ALA A 253 -19.21 -35.40 -28.13
CA ALA A 253 -18.58 -36.48 -28.87
C ALA A 253 -17.44 -36.01 -29.76
N GLU A 254 -17.42 -34.72 -30.11
CA GLU A 254 -16.33 -34.20 -30.92
C GLU A 254 -15.03 -34.05 -30.15
N SER A 255 -15.06 -34.11 -28.83
CA SER A 255 -13.84 -34.02 -28.05
C SER A 255 -13.02 -35.30 -28.07
N HIS A 256 -13.64 -36.43 -28.41
CA HIS A 256 -12.97 -37.71 -28.40
C HIS A 256 -12.36 -38.01 -29.76
N VAL A 257 -11.19 -38.66 -29.75
CA VAL A 257 -10.51 -39.00 -30.99
C VAL A 257 -11.44 -39.84 -31.85
N ASP A 258 -11.45 -39.55 -33.15
CA ASP A 258 -12.32 -40.22 -34.12
C ASP A 258 -13.80 -39.97 -33.85
N THR A 259 -14.12 -39.02 -32.97
CA THR A 259 -15.51 -38.69 -32.68
C THR A 259 -16.27 -39.91 -32.17
N ASP A 260 -15.61 -40.72 -31.35
CA ASP A 260 -16.20 -41.90 -30.73
C ASP A 260 -16.16 -41.72 -29.22
N LEU A 261 -17.30 -41.90 -28.56
CA LEU A 261 -17.38 -41.62 -27.13
C LEU A 261 -16.47 -42.52 -26.30
N THR A 262 -16.28 -43.77 -26.69
CA THR A 262 -15.49 -44.69 -25.89
C THR A 262 -14.01 -44.32 -25.88
N LYS A 263 -13.47 -43.85 -27.00
CA LYS A 263 -12.06 -43.57 -27.09
C LYS A 263 -11.69 -42.39 -26.20
N PRO A 264 -10.41 -42.25 -25.85
CA PRO A 264 -10.00 -41.19 -24.93
C PRO A 264 -10.02 -39.82 -25.58
N TYR A 265 -9.91 -38.80 -24.73
CA TYR A 265 -10.00 -37.42 -25.20
C TYR A 265 -8.83 -37.07 -26.11
N ILE A 266 -9.08 -36.15 -27.03
CA ILE A 266 -8.03 -35.65 -27.91
C ILE A 266 -7.15 -34.69 -27.14
N LYS A 267 -5.84 -34.87 -27.26
CA LYS A 267 -4.87 -34.02 -26.56
C LYS A 267 -4.38 -32.96 -27.55
N TRP A 268 -5.13 -31.86 -27.66
CA TRP A 268 -4.67 -30.75 -28.47
C TRP A 268 -3.35 -30.21 -27.93
N ASP A 269 -2.49 -29.78 -28.83
CA ASP A 269 -1.26 -29.13 -28.43
C ASP A 269 -1.59 -27.91 -27.58
N LEU A 270 -0.92 -27.80 -26.44
CA LEU A 270 -1.25 -26.72 -25.51
C LEU A 270 -1.08 -25.36 -26.15
N LEU A 271 -0.03 -25.19 -26.94
CA LEU A 271 0.27 -23.89 -27.53
C LEU A 271 -0.73 -23.47 -28.60
N LYS A 272 -1.46 -24.41 -29.21
CA LYS A 272 -2.39 -24.07 -30.26
C LYS A 272 -3.48 -23.16 -29.72
N TYR A 273 -3.78 -22.08 -30.44
CA TYR A 273 -4.77 -21.11 -30.02
C TYR A 273 -5.77 -20.71 -31.09
N ASP A 274 -5.43 -20.87 -32.37
CA ASP A 274 -6.31 -20.48 -33.48
C ASP A 274 -6.97 -21.75 -34.02
N PHE A 275 -8.20 -22.02 -33.58
CA PHE A 275 -8.95 -23.18 -34.00
C PHE A 275 -9.91 -22.87 -35.15
N THR A 276 -9.58 -21.88 -35.98
CA THR A 276 -10.48 -21.50 -37.06
C THR A 276 -10.81 -22.68 -37.95
N GLU A 277 -9.83 -23.50 -38.30
CA GLU A 277 -10.09 -24.64 -39.16
C GLU A 277 -11.04 -25.62 -38.49
N GLU A 278 -10.83 -25.89 -37.21
CA GLU A 278 -11.73 -26.81 -36.51
C GLU A 278 -13.15 -26.28 -36.47
N ARG A 279 -13.32 -24.99 -36.19
CA ARG A 279 -14.65 -24.42 -36.17
C ARG A 279 -15.32 -24.54 -37.54
N LEU A 280 -14.59 -24.22 -38.60
CA LEU A 280 -15.18 -24.31 -39.92
C LEU A 280 -15.55 -25.75 -40.25
N LYS A 281 -14.70 -26.71 -39.86
CA LYS A 281 -14.99 -28.10 -40.14
C LYS A 281 -16.24 -28.55 -39.40
N LEU A 282 -16.38 -28.19 -38.13
CA LEU A 282 -17.57 -28.57 -37.39
C LEU A 282 -18.81 -27.96 -38.02
N PHE A 283 -18.75 -26.69 -38.39
CA PHE A 283 -19.90 -26.04 -39.01
C PHE A 283 -20.26 -26.72 -40.32
N ASP A 284 -19.25 -27.08 -41.13
CA ASP A 284 -19.52 -27.73 -42.39
C ASP A 284 -20.02 -29.15 -42.20
N ARG A 285 -19.75 -29.77 -41.05
CA ARG A 285 -20.20 -31.14 -40.82
C ARG A 285 -21.61 -31.21 -40.28
N TYR A 286 -21.98 -30.32 -39.35
CA TYR A 286 -23.31 -30.37 -38.76
C TYR A 286 -24.30 -29.41 -39.41
N PHE A 287 -24.01 -28.12 -39.37
CA PHE A 287 -24.89 -27.12 -39.97
C PHE A 287 -24.48 -26.85 -41.41
N LYS A 288 -24.43 -27.91 -42.21
CA LYS A 288 -23.95 -27.78 -43.57
C LYS A 288 -24.84 -26.87 -44.40
N TYR A 289 -26.15 -27.01 -44.28
CA TYR A 289 -27.10 -26.31 -45.14
C TYR A 289 -27.64 -25.04 -44.51
N TRP A 290 -27.11 -24.62 -43.36
CA TRP A 290 -27.48 -23.32 -42.82
C TRP A 290 -26.89 -22.24 -43.72
N ASP A 291 -27.75 -21.65 -44.56
CA ASP A 291 -27.28 -20.90 -45.71
C ASP A 291 -26.56 -19.61 -45.35
N GLN A 292 -26.82 -19.04 -44.18
CA GLN A 292 -26.17 -17.79 -43.81
C GLN A 292 -24.67 -17.98 -43.75
N THR A 293 -23.94 -16.95 -44.19
CA THR A 293 -22.49 -16.97 -44.07
C THR A 293 -22.08 -17.05 -42.61
N TYR A 294 -21.02 -17.79 -42.35
CA TYR A 294 -20.48 -17.96 -41.00
C TYR A 294 -19.02 -17.55 -40.98
N HIS A 295 -18.68 -16.64 -40.08
CA HIS A 295 -17.31 -16.16 -39.93
C HIS A 295 -16.71 -16.72 -38.65
N PRO A 296 -15.72 -17.61 -38.72
CA PRO A 296 -15.16 -18.13 -37.46
C PRO A 296 -14.67 -17.05 -36.52
N ASN A 297 -14.05 -16.00 -37.05
CA ASN A 297 -13.61 -14.87 -36.25
C ASN A 297 -14.61 -13.74 -36.46
N CYS A 298 -15.28 -13.33 -35.39
CA CYS A 298 -16.30 -12.30 -35.49
C CYS A 298 -15.74 -10.96 -35.96
N VAL A 299 -14.42 -10.75 -35.89
CA VAL A 299 -13.84 -9.50 -36.33
C VAL A 299 -14.14 -9.19 -37.79
N ASN A 300 -14.48 -10.19 -38.59
CA ASN A 300 -14.86 -9.99 -39.98
C ASN A 300 -16.36 -9.79 -40.16
N CYS A 301 -17.11 -9.71 -39.07
CA CYS A 301 -18.56 -9.62 -39.17
C CYS A 301 -18.98 -8.32 -39.84
N LEU A 302 -20.06 -8.40 -40.62
CA LEU A 302 -20.56 -7.26 -41.37
C LEU A 302 -21.21 -6.20 -40.48
N ASP A 303 -21.93 -6.62 -39.45
CA ASP A 303 -22.59 -5.71 -38.52
C ASP A 303 -23.11 -6.51 -37.34
N ASP A 304 -23.65 -5.81 -36.35
CA ASP A 304 -24.10 -6.45 -35.12
C ASP A 304 -25.01 -7.64 -35.37
N ARG A 305 -25.93 -7.54 -36.33
CA ARG A 305 -26.80 -8.67 -36.63
C ARG A 305 -26.00 -9.90 -37.04
N CYS A 306 -24.81 -9.72 -37.61
CA CYS A 306 -23.94 -10.85 -37.92
C CYS A 306 -23.05 -11.22 -36.75
N ILE A 307 -22.67 -10.25 -35.92
CA ILE A 307 -21.86 -10.56 -34.74
C ILE A 307 -22.63 -11.49 -33.83
N LEU A 308 -23.92 -11.21 -33.60
CA LEU A 308 -24.70 -12.09 -32.74
C LEU A 308 -24.76 -13.50 -33.29
N HIS A 309 -24.98 -13.64 -34.60
CA HIS A 309 -25.11 -14.97 -35.20
C HIS A 309 -23.80 -15.75 -35.09
N CYS A 310 -22.69 -15.13 -35.50
CA CYS A 310 -21.43 -15.84 -35.43
C CYS A 310 -21.02 -16.15 -34.00
N ALA A 311 -21.24 -15.22 -33.08
CA ALA A 311 -20.96 -15.51 -31.67
C ALA A 311 -21.83 -16.63 -31.15
N ASN A 312 -23.09 -16.69 -31.58
CA ASN A 312 -23.98 -17.75 -31.12
C ASN A 312 -23.46 -19.11 -31.57
N PHE A 313 -23.04 -19.21 -32.83
CA PHE A 313 -22.44 -20.48 -33.27
C PHE A 313 -21.16 -20.79 -32.51
N ASN A 314 -20.33 -19.77 -32.28
CA ASN A 314 -19.08 -20.00 -31.57
C ASN A 314 -19.34 -20.46 -30.15
N VAL A 315 -20.47 -20.08 -29.55
CA VAL A 315 -20.73 -20.51 -28.18
C VAL A 315 -20.79 -22.02 -28.10
N LEU A 316 -21.49 -22.65 -29.02
CA LEU A 316 -21.49 -24.11 -29.07
C LEU A 316 -20.12 -24.64 -29.45
N PHE A 317 -19.54 -24.12 -30.54
CA PHE A 317 -18.29 -24.70 -31.02
C PHE A 317 -17.15 -24.53 -30.04
N SER A 318 -17.28 -23.68 -29.03
CA SER A 318 -16.23 -23.49 -28.05
C SER A 318 -16.26 -24.51 -26.92
N THR A 319 -17.31 -25.30 -26.80
CA THR A 319 -17.34 -26.32 -25.76
C THR A 319 -16.47 -27.51 -26.08
N VAL A 320 -16.04 -27.67 -27.34
CA VAL A 320 -15.26 -28.84 -27.74
C VAL A 320 -13.79 -28.51 -27.89
N PHE A 321 -13.30 -27.48 -27.21
CA PHE A 321 -11.90 -27.12 -27.22
C PHE A 321 -11.39 -27.01 -25.78
N PRO A 322 -10.10 -27.24 -25.55
CA PRO A 322 -9.58 -27.22 -24.18
C PRO A 322 -9.78 -25.86 -23.55
N PRO A 323 -10.09 -25.79 -22.25
CA PRO A 323 -10.28 -24.49 -21.61
C PRO A 323 -9.01 -23.67 -21.50
N THR A 324 -7.84 -24.27 -21.67
CA THR A 324 -6.59 -23.53 -21.57
C THR A 324 -6.29 -22.71 -22.81
N SER A 325 -6.96 -22.97 -23.94
CA SER A 325 -6.67 -22.26 -25.18
C SER A 325 -7.49 -21.00 -25.35
N PHE A 326 -8.16 -20.52 -24.31
CA PHE A 326 -8.89 -19.26 -24.34
C PHE A 326 -8.23 -18.24 -23.42
N GLY A 327 -8.72 -17.02 -23.48
CA GLY A 327 -8.20 -15.95 -22.67
C GLY A 327 -7.21 -15.09 -23.43
N PRO A 328 -6.47 -14.25 -22.72
CA PRO A 328 -5.48 -13.40 -23.40
C PRO A 328 -4.42 -14.22 -24.11
N LEU A 329 -3.96 -13.69 -25.23
CA LEU A 329 -2.84 -14.25 -25.98
C LEU A 329 -1.64 -13.35 -25.74
N VAL A 330 -0.56 -13.92 -25.25
CA VAL A 330 0.59 -13.14 -24.84
C VAL A 330 1.70 -13.26 -25.87
N ARG A 331 2.60 -12.29 -25.85
CA ARG A 331 3.75 -12.24 -26.74
C ARG A 331 4.88 -11.54 -26.01
N LYS A 332 6.11 -11.94 -26.31
CA LYS A 332 7.29 -11.38 -25.66
C LYS A 332 7.80 -10.21 -26.47
N ILE A 333 7.75 -9.02 -25.89
CA ILE A 333 8.25 -7.81 -26.52
C ILE A 333 9.46 -7.32 -25.74
N PHE A 334 10.10 -6.27 -26.23
CA PHE A 334 11.26 -5.68 -25.59
C PHE A 334 11.05 -4.20 -25.40
N VAL A 335 11.29 -3.71 -24.19
CA VAL A 335 11.29 -2.29 -23.88
C VAL A 335 12.64 -1.93 -23.30
N ASP A 336 13.31 -0.95 -23.93
CA ASP A 336 14.66 -0.53 -23.57
C ASP A 336 15.56 -1.73 -23.29
N GLY A 337 15.37 -2.81 -24.04
CA GLY A 337 16.24 -3.97 -23.97
C GLY A 337 15.78 -5.07 -23.03
N VAL A 338 14.91 -4.76 -22.07
CA VAL A 338 14.42 -5.78 -21.15
C VAL A 338 13.17 -6.42 -21.75
N PRO A 339 13.01 -7.75 -21.67
CA PRO A 339 11.85 -8.41 -22.31
C PRO A 339 10.64 -8.45 -21.39
N PHE A 340 9.55 -7.83 -21.85
CA PHE A 340 8.24 -7.99 -21.23
C PHE A 340 7.49 -9.12 -21.91
N VAL A 341 6.46 -9.61 -21.22
CA VAL A 341 5.46 -10.50 -21.81
C VAL A 341 4.12 -9.80 -21.66
N VAL A 342 3.52 -9.40 -22.78
CA VAL A 342 2.31 -8.59 -22.74
C VAL A 342 1.26 -9.20 -23.65
N SER A 343 0.00 -8.92 -23.32
CA SER A 343 -1.12 -9.49 -24.05
C SER A 343 -1.39 -8.66 -25.30
N THR A 344 -1.17 -9.27 -26.47
CA THR A 344 -1.37 -8.59 -27.74
C THR A 344 -2.67 -8.97 -28.42
N GLY A 345 -3.50 -9.76 -27.75
CA GLY A 345 -4.74 -10.21 -28.36
C GLY A 345 -5.58 -10.96 -27.37
N TYR A 346 -6.62 -11.61 -27.88
CA TYR A 346 -7.54 -12.36 -27.03
C TYR A 346 -8.18 -13.46 -27.85
N HIS A 347 -8.68 -14.47 -27.15
CA HIS A 347 -9.39 -15.59 -27.77
C HIS A 347 -10.70 -15.79 -27.03
N PHE A 348 -11.73 -15.04 -27.43
CA PHE A 348 -13.03 -15.15 -26.81
C PHE A 348 -13.71 -16.45 -27.19
N ARG A 349 -14.38 -17.06 -26.21
CA ARG A 349 -15.21 -18.23 -26.51
C ARG A 349 -16.29 -17.87 -27.53
N GLU A 350 -16.80 -16.64 -27.48
CA GLU A 350 -17.86 -16.20 -28.37
C GLU A 350 -17.33 -15.55 -29.63
N LEU A 351 -16.38 -14.64 -29.50
CA LEU A 351 -15.93 -13.82 -30.62
C LEU A 351 -14.72 -14.39 -31.34
N GLY A 352 -14.22 -15.56 -30.92
CA GLY A 352 -13.09 -16.13 -31.62
C GLY A 352 -11.81 -15.35 -31.35
N VAL A 353 -10.93 -15.37 -32.34
CA VAL A 353 -9.60 -14.76 -32.20
C VAL A 353 -9.71 -13.27 -32.50
N VAL A 354 -9.01 -12.46 -31.72
CA VAL A 354 -8.89 -11.03 -31.95
C VAL A 354 -7.45 -10.63 -31.72
N HIS A 355 -6.89 -9.86 -32.65
CA HIS A 355 -5.50 -9.42 -32.57
C HIS A 355 -5.44 -7.91 -32.45
N ASN A 356 -4.57 -7.43 -31.59
CA ASN A 356 -4.35 -6.00 -31.45
C ASN A 356 -3.73 -5.45 -32.73
N GLN A 357 -3.96 -4.16 -32.97
CA GLN A 357 -3.44 -3.50 -34.16
C GLN A 357 -2.23 -2.62 -33.87
N ASP A 358 -2.03 -2.21 -32.62
CA ASP A 358 -0.91 -1.37 -32.24
C ASP A 358 -0.07 -2.14 -31.21
N VAL A 359 0.92 -2.87 -31.71
CA VAL A 359 1.86 -3.60 -30.87
C VAL A 359 3.25 -3.08 -31.21
N ASN A 360 4.01 -2.70 -30.18
CA ASN A 360 5.35 -2.15 -30.34
C ASN A 360 6.35 -3.14 -29.75
N LEU A 361 6.94 -3.96 -30.60
CA LEU A 361 7.89 -4.96 -30.13
C LEU A 361 9.10 -4.31 -29.47
N HIS A 362 9.60 -3.22 -30.04
CA HIS A 362 10.79 -2.54 -29.53
C HIS A 362 10.41 -1.11 -29.16
N SER A 363 10.48 -0.80 -27.87
CA SER A 363 10.20 0.53 -27.35
C SER A 363 11.34 0.95 -26.44
N SER A 364 11.46 2.26 -26.25
CA SER A 364 12.51 2.85 -25.43
C SER A 364 12.01 3.34 -24.09
N ARG A 365 10.89 4.06 -24.06
CA ARG A 365 10.32 4.59 -22.83
C ARG A 365 8.84 4.29 -22.78
N LEU A 366 8.33 4.12 -21.57
CA LEU A 366 6.92 3.82 -21.32
C LEU A 366 6.27 5.05 -20.72
N SER A 367 5.46 5.75 -21.52
CA SER A 367 4.71 6.88 -21.01
C SER A 367 3.70 6.37 -19.97
N PHE A 368 3.00 7.30 -19.32
CA PHE A 368 2.09 6.90 -18.27
C PHE A 368 0.96 6.04 -18.83
N LYS A 369 0.46 6.38 -20.01
CA LYS A 369 -0.59 5.58 -20.63
C LYS A 369 -0.13 4.13 -20.84
N GLU A 370 1.05 3.96 -21.44
CA GLU A 370 1.55 2.62 -21.68
C GLU A 370 1.83 1.88 -20.38
N LEU A 371 2.37 2.57 -19.38
CA LEU A 371 2.61 1.94 -18.10
C LEU A 371 1.31 1.46 -17.48
N LEU A 372 0.27 2.29 -17.54
CA LEU A 372 -1.03 1.89 -17.01
C LEU A 372 -1.57 0.68 -17.76
N VAL A 373 -1.44 0.69 -19.08
CA VAL A 373 -1.94 -0.43 -19.88
C VAL A 373 -1.22 -1.73 -19.49
N TYR A 374 0.10 -1.68 -19.38
CA TYR A 374 0.86 -2.89 -19.09
C TYR A 374 0.72 -3.33 -17.64
N ALA A 375 0.43 -2.42 -16.72
CA ALA A 375 0.15 -2.82 -15.35
C ALA A 375 -1.23 -3.43 -15.22
N ALA A 376 -2.23 -2.88 -15.93
CA ALA A 376 -3.59 -3.37 -15.78
C ALA A 376 -3.73 -4.81 -16.24
N ASP A 377 -3.11 -5.16 -17.36
CA ASP A 377 -3.41 -6.45 -17.96
C ASP A 377 -2.85 -7.58 -17.10
N PRO A 378 -3.44 -8.78 -17.18
CA PRO A 378 -3.02 -9.89 -16.34
C PRO A 378 -1.86 -10.71 -16.87
N ALA A 379 -1.34 -10.39 -18.06
CA ALA A 379 -0.26 -11.20 -18.61
C ALA A 379 0.93 -11.22 -17.67
N MET A 380 1.39 -10.05 -17.25
CA MET A 380 2.54 -9.98 -16.36
C MET A 380 2.26 -10.68 -15.03
N HIS A 381 1.09 -10.41 -14.45
CA HIS A 381 0.77 -10.99 -13.15
C HIS A 381 0.75 -12.52 -13.23
N ALA A 382 0.10 -13.08 -14.23
CA ALA A 382 0.03 -14.52 -14.36
C ALA A 382 1.42 -15.11 -14.63
N ALA A 383 2.17 -14.51 -15.56
CA ALA A 383 3.48 -15.05 -15.89
C ALA A 383 4.45 -15.00 -14.72
N SER A 384 4.31 -14.01 -13.84
CA SER A 384 5.20 -13.88 -12.69
C SER A 384 4.76 -14.72 -11.50
N GLY A 385 3.51 -15.19 -11.48
CA GLY A 385 3.00 -15.89 -10.33
C GLY A 385 3.34 -17.36 -10.31
N ASN A 386 2.78 -18.05 -9.32
CA ASN A 386 2.96 -19.48 -9.16
C ASN A 386 1.71 -20.22 -9.63
N LEU A 387 1.93 -21.40 -10.21
CA LEU A 387 0.81 -22.20 -10.69
C LEU A 387 -0.09 -22.60 -9.52
N LEU A 388 -1.39 -22.44 -9.72
CA LEU A 388 -2.39 -22.69 -8.69
C LEU A 388 -3.32 -23.80 -9.15
N LEU A 389 -3.73 -24.65 -8.22
CA LEU A 389 -4.68 -25.73 -8.46
C LEU A 389 -5.63 -25.76 -7.27
N ASP A 390 -6.71 -25.01 -7.36
CA ASP A 390 -7.68 -24.90 -6.27
C ASP A 390 -8.75 -25.96 -6.45
N LYS A 391 -8.85 -26.87 -5.50
CA LYS A 391 -9.89 -27.90 -5.53
C LYS A 391 -11.20 -27.43 -4.93
N ARG A 392 -11.22 -26.26 -4.29
CA ARG A 392 -12.45 -25.77 -3.68
C ARG A 392 -13.53 -25.47 -4.69
N THR A 393 -13.16 -25.17 -5.94
CA THR A 393 -14.11 -24.76 -6.96
C THR A 393 -13.87 -25.54 -8.24
N THR A 394 -14.89 -25.54 -9.11
CA THR A 394 -14.75 -26.12 -10.44
C THR A 394 -14.32 -25.09 -11.47
N CYS A 395 -14.39 -23.80 -11.16
CA CYS A 395 -13.93 -22.77 -12.08
C CYS A 395 -12.43 -22.90 -12.28
N PHE A 396 -11.99 -22.64 -13.51
CA PHE A 396 -10.58 -22.77 -13.84
C PHE A 396 -9.77 -21.78 -13.03
N SER A 397 -8.64 -22.24 -12.48
CA SER A 397 -7.75 -21.40 -11.69
C SER A 397 -6.47 -21.16 -12.47
N VAL A 398 -6.05 -19.90 -12.55
CA VAL A 398 -4.92 -19.51 -13.40
C VAL A 398 -3.63 -19.49 -12.59
N ALA A 399 -3.58 -18.68 -11.54
CA ALA A 399 -2.32 -18.49 -10.83
C ALA A 399 -2.58 -18.04 -9.40
N ALA A 400 -1.53 -18.12 -8.58
CA ALA A 400 -1.54 -17.63 -7.21
C ALA A 400 -0.40 -16.62 -7.08
N LEU A 401 -0.76 -15.35 -6.99
CA LEU A 401 0.26 -14.30 -7.04
C LEU A 401 1.16 -14.35 -5.81
N THR A 402 0.59 -14.39 -4.62
CA THR A 402 1.37 -14.31 -3.40
C THR A 402 1.94 -15.68 -3.05
N ASN A 403 2.69 -15.74 -1.95
CA ASN A 403 3.22 -16.99 -1.44
C ASN A 403 2.29 -17.64 -0.43
N ASN A 404 1.11 -17.08 -0.19
CA ASN A 404 0.13 -17.70 0.68
C ASN A 404 -1.23 -17.12 0.36
N VAL A 405 -2.25 -17.98 0.31
CA VAL A 405 -3.60 -17.56 0.00
C VAL A 405 -4.12 -16.71 1.15
N ALA A 406 -5.05 -15.81 0.84
CA ALA A 406 -5.64 -14.92 1.83
C ALA A 406 -7.09 -15.31 2.04
N PHE A 407 -7.49 -15.46 3.31
CA PHE A 407 -8.86 -15.81 3.69
C PHE A 407 -9.47 -14.60 4.36
N GLN A 408 -10.31 -13.86 3.64
CA GLN A 408 -10.96 -12.69 4.17
C GLN A 408 -12.30 -13.09 4.78
N THR A 409 -12.63 -12.48 5.91
CA THR A 409 -13.87 -12.74 6.62
C THR A 409 -14.78 -11.53 6.58
N VAL A 410 -15.91 -11.64 7.26
CA VAL A 410 -16.86 -10.54 7.41
C VAL A 410 -17.23 -10.42 8.89
N LYS A 411 -16.92 -9.26 9.46
CA LYS A 411 -17.17 -9.05 10.88
C LYS A 411 -18.67 -8.95 11.15
N PRO A 412 -19.08 -9.21 12.38
CA PRO A 412 -20.49 -9.01 12.73
C PRO A 412 -20.80 -7.53 12.89
N GLY A 413 -22.09 -7.22 12.92
CA GLY A 413 -22.51 -5.84 13.07
C GLY A 413 -22.27 -5.31 14.45
N ASN A 414 -22.31 -3.98 14.56
CA ASN A 414 -22.16 -3.29 15.83
C ASN A 414 -23.54 -2.91 16.35
N PHE A 415 -23.77 -3.13 17.63
CA PHE A 415 -25.09 -2.99 18.22
C PHE A 415 -25.28 -1.58 18.75
N ASN A 416 -26.46 -1.01 18.53
CA ASN A 416 -26.81 0.32 19.05
C ASN A 416 -27.75 0.12 20.24
N LYS A 417 -27.16 -0.10 21.41
CA LYS A 417 -27.97 -0.49 22.56
C LYS A 417 -28.98 0.57 22.95
N ASP A 418 -28.62 1.85 22.88
CA ASP A 418 -29.53 2.89 23.32
C ASP A 418 -30.82 2.85 22.52
N PHE A 419 -30.71 2.73 21.20
CA PHE A 419 -31.91 2.65 20.37
C PHE A 419 -32.73 1.41 20.69
N TYR A 420 -32.07 0.28 20.93
CA TYR A 420 -32.81 -0.94 21.22
C TYR A 420 -33.56 -0.81 22.55
N ASP A 421 -32.92 -0.24 23.57
CA ASP A 421 -33.59 -0.05 24.85
C ASP A 421 -34.75 0.92 24.70
N PHE A 422 -34.56 1.99 23.95
CA PHE A 422 -35.67 2.91 23.70
C PHE A 422 -36.82 2.20 23.02
N ALA A 423 -36.52 1.35 22.03
CA ALA A 423 -37.56 0.63 21.32
C ALA A 423 -38.34 -0.29 22.26
N VAL A 424 -37.62 -1.15 23.00
CA VAL A 424 -38.30 -2.08 23.88
C VAL A 424 -39.05 -1.35 24.99
N SER A 425 -38.59 -0.17 25.40
CA SER A 425 -39.37 0.61 26.33
C SER A 425 -40.59 1.25 25.69
N LYS A 426 -40.58 1.39 24.36
CA LYS A 426 -41.75 1.87 23.64
C LYS A 426 -42.71 0.74 23.27
N GLY A 427 -42.40 -0.50 23.65
CA GLY A 427 -43.32 -1.60 23.45
C GLY A 427 -43.10 -2.41 22.19
N PHE A 428 -42.00 -2.21 21.48
CA PHE A 428 -41.70 -2.98 20.29
C PHE A 428 -41.08 -4.32 20.65
N PHE A 429 -40.92 -5.17 19.64
CA PHE A 429 -40.21 -6.44 19.77
C PHE A 429 -40.83 -7.35 20.82
N LYS A 430 -42.12 -7.19 21.10
CA LYS A 430 -42.78 -8.10 22.03
C LYS A 430 -42.97 -9.47 21.36
N GLU A 431 -43.26 -10.47 22.19
CA GLU A 431 -43.54 -11.80 21.67
C GLU A 431 -44.80 -11.75 20.81
N GLY A 432 -44.72 -12.31 19.61
CA GLY A 432 -45.86 -12.36 18.71
C GLY A 432 -46.14 -11.07 17.98
N SER A 433 -45.30 -10.05 18.12
CA SER A 433 -45.52 -8.79 17.42
C SER A 433 -45.35 -8.98 15.92
N SER A 434 -46.14 -8.23 15.15
CA SER A 434 -46.06 -8.33 13.70
C SER A 434 -44.79 -7.68 13.15
N VAL A 435 -44.10 -6.87 13.96
CA VAL A 435 -42.84 -6.25 13.57
C VAL A 435 -41.73 -6.86 14.42
N GLU A 436 -40.75 -7.49 13.77
CA GLU A 436 -39.65 -8.12 14.46
C GLU A 436 -38.40 -8.01 13.61
N LEU A 437 -37.25 -8.01 14.27
CA LEU A 437 -35.98 -7.96 13.56
C LEU A 437 -35.84 -9.18 12.67
N LYS A 438 -35.51 -8.95 11.39
CA LYS A 438 -35.15 -10.03 10.49
C LYS A 438 -33.92 -9.71 9.65
N HIS A 439 -33.47 -8.46 9.61
CA HIS A 439 -32.32 -8.05 8.83
C HIS A 439 -31.18 -7.75 9.78
N PHE A 440 -30.04 -8.40 9.58
CA PHE A 440 -28.91 -8.28 10.48
C PHE A 440 -27.62 -8.22 9.67
N PHE A 441 -26.51 -8.11 10.39
CA PHE A 441 -25.18 -8.22 9.80
C PHE A 441 -24.68 -9.63 10.04
N PHE A 442 -24.84 -10.50 9.04
CA PHE A 442 -24.37 -11.88 9.16
C PHE A 442 -22.87 -11.91 8.94
N ALA A 443 -22.18 -12.60 9.84
CA ALA A 443 -20.75 -12.79 9.72
C ALA A 443 -20.46 -13.96 8.78
N GLN A 444 -19.22 -14.07 8.36
CA GLN A 444 -18.80 -15.13 7.44
C GLN A 444 -17.43 -15.64 7.84
N ASP A 445 -17.20 -16.92 7.59
CA ASP A 445 -15.92 -17.55 7.89
C ASP A 445 -14.91 -17.16 6.81
N GLY A 446 -13.72 -17.75 6.86
CA GLY A 446 -12.69 -17.42 5.89
C GLY A 446 -12.98 -17.93 4.49
N ASN A 447 -13.89 -18.89 4.35
CA ASN A 447 -14.21 -19.48 3.06
C ASN A 447 -15.39 -18.80 2.38
N ALA A 448 -15.59 -17.51 2.64
CA ALA A 448 -16.71 -16.80 2.05
C ALA A 448 -16.44 -16.39 0.61
N ALA A 449 -15.31 -15.73 0.37
CA ALA A 449 -15.01 -15.24 -0.97
C ALA A 449 -15.03 -16.36 -2.00
N ILE A 450 -14.29 -17.44 -1.75
CA ILE A 450 -14.27 -18.55 -2.69
C ILE A 450 -15.60 -19.28 -2.76
N SER A 451 -16.30 -19.43 -1.64
CA SER A 451 -17.61 -20.06 -1.68
C SER A 451 -18.60 -19.28 -2.53
N ASP A 452 -18.62 -17.96 -2.40
CA ASP A 452 -19.48 -17.15 -3.26
C ASP A 452 -19.03 -17.22 -4.72
N TYR A 453 -17.73 -17.08 -4.97
CA TYR A 453 -17.26 -17.12 -6.34
C TYR A 453 -17.58 -18.44 -7.01
N ASP A 454 -17.66 -19.52 -6.23
CA ASP A 454 -17.98 -20.81 -6.81
C ASP A 454 -19.38 -20.83 -7.42
N TYR A 455 -20.25 -19.89 -7.05
CA TYR A 455 -21.60 -19.88 -7.60
C TYR A 455 -21.61 -19.62 -9.10
N TYR A 456 -20.50 -19.17 -9.68
CA TYR A 456 -20.43 -19.06 -11.13
C TYR A 456 -20.53 -20.41 -11.82
N ARG A 457 -20.38 -21.51 -11.08
CA ARG A 457 -20.58 -22.82 -11.66
C ARG A 457 -21.96 -22.97 -12.29
N TYR A 458 -22.97 -22.26 -11.79
CA TYR A 458 -24.29 -22.31 -12.37
C TYR A 458 -24.36 -21.70 -13.75
N ASN A 459 -23.32 -20.99 -14.17
CA ASN A 459 -23.24 -20.45 -15.52
C ASN A 459 -22.76 -21.56 -16.44
N LEU A 460 -23.46 -21.75 -17.55
CA LEU A 460 -23.15 -22.77 -18.52
C LEU A 460 -23.10 -22.18 -19.93
N PRO A 461 -22.35 -22.78 -20.84
CA PRO A 461 -22.34 -22.26 -22.21
C PRO A 461 -23.67 -22.53 -22.88
N THR A 462 -24.50 -21.50 -23.00
CA THR A 462 -25.84 -21.62 -23.53
C THR A 462 -25.92 -20.95 -24.88
N MET A 463 -26.33 -21.70 -25.90
CA MET A 463 -26.65 -21.11 -27.20
C MET A 463 -28.12 -20.75 -27.25
N CYS A 464 -28.40 -19.49 -27.55
CA CYS A 464 -29.75 -18.98 -27.70
C CYS A 464 -30.25 -19.21 -29.11
N ASP A 465 -31.56 -19.36 -29.23
CA ASP A 465 -32.18 -19.55 -30.54
C ASP A 465 -31.94 -18.31 -31.38
N ILE A 466 -31.06 -18.41 -32.37
CA ILE A 466 -30.50 -17.21 -33.00
C ILE A 466 -31.56 -16.44 -33.76
N ARG A 467 -32.42 -17.12 -34.52
CA ARG A 467 -33.42 -16.39 -35.28
C ARG A 467 -34.36 -15.61 -34.36
N GLN A 468 -34.82 -16.23 -33.28
CA GLN A 468 -35.67 -15.56 -32.31
C GLN A 468 -34.94 -14.41 -31.63
N LEU A 469 -33.67 -14.61 -31.29
CA LEU A 469 -32.91 -13.56 -30.67
C LEU A 469 -32.72 -12.37 -31.61
N LEU A 470 -32.58 -12.62 -32.91
CA LEU A 470 -32.35 -11.54 -33.85
C LEU A 470 -33.60 -10.71 -34.09
N PHE A 471 -34.75 -11.16 -33.60
CA PHE A 471 -35.96 -10.35 -33.61
C PHE A 471 -36.20 -9.69 -32.27
N VAL A 472 -35.91 -10.42 -31.18
CA VAL A 472 -35.97 -9.81 -29.86
C VAL A 472 -35.02 -8.63 -29.78
N VAL A 473 -33.90 -8.71 -30.50
CA VAL A 473 -32.96 -7.59 -30.53
C VAL A 473 -33.60 -6.37 -31.14
N GLU A 474 -34.31 -6.55 -32.26
CA GLU A 474 -34.96 -5.41 -32.90
C GLU A 474 -36.01 -4.80 -31.98
N VAL A 475 -36.81 -5.64 -31.32
CA VAL A 475 -37.82 -5.11 -30.42
C VAL A 475 -37.17 -4.35 -29.28
N VAL A 476 -36.15 -4.95 -28.65
CA VAL A 476 -35.47 -4.30 -27.54
C VAL A 476 -34.88 -2.98 -27.98
N ASP A 477 -34.31 -2.93 -29.18
CA ASP A 477 -33.80 -1.67 -29.70
C ASP A 477 -34.92 -0.65 -29.85
N LYS A 478 -36.08 -1.08 -30.33
CA LYS A 478 -37.21 -0.16 -30.43
C LYS A 478 -37.58 0.40 -29.06
N TYR A 479 -37.41 -0.41 -28.01
CA TYR A 479 -37.65 0.11 -26.67
C TYR A 479 -36.69 1.26 -26.33
N PHE A 480 -35.59 1.38 -27.05
CA PHE A 480 -34.53 2.34 -26.76
C PHE A 480 -34.39 3.40 -27.86
N ASP A 481 -35.50 3.92 -28.37
CA ASP A 481 -35.43 4.95 -29.40
C ASP A 481 -35.37 6.36 -28.85
N CYS A 482 -36.07 6.65 -27.76
CA CYS A 482 -36.16 8.01 -27.27
C CYS A 482 -34.84 8.54 -26.72
N TYR A 483 -33.85 7.68 -26.51
CA TYR A 483 -32.56 8.08 -25.97
C TYR A 483 -31.57 8.40 -27.08
N ASP A 484 -30.47 9.02 -26.69
CA ASP A 484 -29.38 9.34 -27.61
C ASP A 484 -28.06 9.11 -26.91
N GLY A 485 -27.00 8.94 -27.69
CA GLY A 485 -25.70 8.68 -27.11
C GLY A 485 -24.61 8.88 -28.13
N GLY A 486 -23.39 8.62 -27.68
CA GLY A 486 -22.21 8.78 -28.52
C GLY A 486 -20.97 9.05 -27.70
N CYS A 487 -19.80 8.90 -28.30
CA CYS A 487 -18.57 9.12 -27.58
C CYS A 487 -18.46 10.58 -27.14
N ILE A 488 -17.85 10.80 -25.98
CA ILE A 488 -17.67 12.12 -25.42
C ILE A 488 -16.21 12.32 -25.06
N ASN A 489 -15.79 13.59 -25.04
CA ASN A 489 -14.43 13.92 -24.70
C ASN A 489 -14.17 13.70 -23.21
N ALA A 490 -12.91 13.48 -22.87
CA ALA A 490 -12.56 13.17 -21.49
C ALA A 490 -12.96 14.28 -20.54
N ASN A 491 -13.02 15.52 -21.01
CA ASN A 491 -13.37 16.64 -20.15
C ASN A 491 -14.86 16.72 -19.85
N GLN A 492 -15.69 15.91 -20.50
CA GLN A 492 -17.12 15.89 -20.25
C GLN A 492 -17.53 14.79 -19.28
N VAL A 493 -16.71 13.77 -19.09
CA VAL A 493 -17.05 12.68 -18.18
C VAL A 493 -17.11 13.20 -16.76
N ILE A 494 -18.13 12.79 -16.02
CA ILE A 494 -18.33 13.19 -14.63
C ILE A 494 -18.43 11.93 -13.79
N VAL A 495 -17.73 11.93 -12.66
CA VAL A 495 -17.72 10.80 -11.75
C VAL A 495 -18.48 11.19 -10.49
N ASN A 496 -19.43 10.35 -10.08
CA ASN A 496 -20.26 10.68 -8.93
C ASN A 496 -19.40 10.79 -7.66
N ASN A 497 -18.49 9.84 -7.46
CA ASN A 497 -17.61 9.83 -6.30
C ASN A 497 -16.23 9.39 -6.76
N LEU A 498 -15.22 10.18 -6.41
CA LEU A 498 -13.86 9.91 -6.86
C LEU A 498 -13.07 9.05 -5.89
N ASP A 499 -13.49 8.94 -4.64
CA ASP A 499 -12.72 8.19 -3.64
C ASP A 499 -13.19 6.74 -3.52
N LYS A 500 -13.11 6.01 -4.62
CA LYS A 500 -13.49 4.61 -4.66
C LYS A 500 -12.31 3.76 -5.13
N SER A 501 -12.34 2.48 -4.78
CA SER A 501 -11.22 1.60 -5.10
C SER A 501 -11.02 1.49 -6.60
N ALA A 502 -9.77 1.42 -7.01
CA ALA A 502 -9.39 1.37 -8.42
C ALA A 502 -9.19 -0.04 -8.93
N GLY A 503 -9.42 -1.05 -8.11
CA GLY A 503 -9.22 -2.43 -8.52
C GLY A 503 -7.76 -2.83 -8.46
N PHE A 504 -7.52 -4.11 -8.73
CA PHE A 504 -6.15 -4.60 -8.68
C PHE A 504 -5.44 -4.32 -10.01
N PRO A 505 -4.15 -3.98 -9.99
CA PRO A 505 -3.27 -3.68 -8.86
C PRO A 505 -3.30 -2.22 -8.46
N PHE A 506 -4.13 -1.44 -9.17
CA PHE A 506 -4.15 0.00 -8.99
C PHE A 506 -4.52 0.42 -7.58
N ASN A 507 -5.28 -0.40 -6.84
CA ASN A 507 -5.63 -0.04 -5.48
C ASN A 507 -4.44 -0.03 -4.54
N LYS A 508 -3.31 -0.59 -4.94
CA LYS A 508 -2.14 -0.64 -4.08
C LYS A 508 -1.46 0.71 -3.92
N TRP A 509 -1.85 1.72 -4.69
CA TRP A 509 -1.20 3.03 -4.64
C TRP A 509 -2.15 4.20 -4.51
N GLY A 510 -3.45 3.98 -4.36
CA GLY A 510 -4.36 5.08 -4.17
C GLY A 510 -5.75 4.71 -4.64
N LYS A 511 -6.64 5.70 -4.54
CA LYS A 511 -8.02 5.55 -4.99
C LYS A 511 -8.11 6.01 -6.44
N ALA A 512 -9.33 6.03 -6.99
CA ALA A 512 -9.51 6.48 -8.36
C ALA A 512 -9.12 7.95 -8.53
N ARG A 513 -9.20 8.74 -7.46
CA ARG A 513 -8.82 10.15 -7.57
C ARG A 513 -7.39 10.30 -8.07
N LEU A 514 -6.49 9.45 -7.58
CA LEU A 514 -5.10 9.54 -8.00
C LEU A 514 -4.97 9.34 -9.51
N TYR A 515 -5.64 8.33 -10.06
CA TYR A 515 -5.51 8.02 -11.47
C TYR A 515 -6.30 8.97 -12.37
N TYR A 516 -7.32 9.63 -11.84
CA TYR A 516 -7.97 10.70 -12.59
C TYR A 516 -7.21 12.01 -12.56
N ASP A 517 -6.51 12.32 -11.47
CA ASP A 517 -5.73 13.54 -11.42
C ASP A 517 -4.41 13.40 -12.16
N SER A 518 -3.78 12.23 -12.10
CA SER A 518 -2.46 12.05 -12.70
C SER A 518 -2.50 12.20 -14.22
N MET A 519 -3.53 11.68 -14.88
CA MET A 519 -3.60 11.68 -16.34
C MET A 519 -4.40 12.89 -16.80
N SER A 520 -3.87 13.60 -17.79
CA SER A 520 -4.56 14.74 -18.36
C SER A 520 -5.72 14.28 -19.22
N TYR A 521 -6.34 15.23 -19.93
CA TYR A 521 -7.37 14.87 -20.88
C TYR A 521 -6.78 14.28 -22.15
N GLU A 522 -5.61 14.78 -22.57
CA GLU A 522 -5.02 14.32 -23.83
C GLU A 522 -4.73 12.82 -23.77
N ASP A 523 -4.03 12.37 -22.74
CA ASP A 523 -3.68 10.96 -22.63
C ASP A 523 -4.90 10.09 -22.35
N GLN A 524 -5.88 10.59 -21.61
CA GLN A 524 -7.12 9.83 -21.45
C GLN A 524 -7.81 9.59 -22.78
N ASP A 525 -7.91 10.63 -23.61
CA ASP A 525 -8.45 10.43 -24.95
C ASP A 525 -7.57 9.47 -25.74
N ALA A 526 -6.25 9.55 -25.55
CA ALA A 526 -5.36 8.62 -26.22
C ALA A 526 -5.64 7.19 -25.81
N LEU A 527 -5.82 6.95 -24.51
CA LEU A 527 -6.16 5.61 -24.04
C LEU A 527 -7.49 5.16 -24.62
N PHE A 528 -8.49 6.04 -24.63
CA PHE A 528 -9.79 5.66 -25.16
C PHE A 528 -9.68 5.25 -26.62
N ALA A 529 -9.00 6.06 -27.43
CA ALA A 529 -8.78 5.69 -28.82
C ALA A 529 -7.96 4.42 -28.95
N TYR A 530 -7.06 4.17 -28.01
CA TYR A 530 -6.27 2.95 -28.04
C TYR A 530 -7.17 1.73 -27.84
N THR A 531 -8.20 1.85 -27.00
CA THR A 531 -9.12 0.73 -26.83
C THR A 531 -10.00 0.49 -28.04
N LYS A 532 -10.09 1.44 -28.97
CA LYS A 532 -10.85 1.24 -30.20
C LYS A 532 -10.04 0.51 -31.27
N ARG A 533 -8.78 0.19 -31.01
CA ARG A 533 -7.96 -0.56 -31.94
C ARG A 533 -7.17 -1.67 -31.28
N ASN A 534 -7.38 -1.94 -29.99
CA ASN A 534 -6.70 -3.02 -29.29
C ASN A 534 -7.61 -3.56 -28.21
N VAL A 535 -7.18 -4.64 -27.58
CA VAL A 535 -7.92 -5.27 -26.49
C VAL A 535 -7.07 -5.21 -25.23
N ILE A 536 -7.69 -4.83 -24.12
CA ILE A 536 -7.01 -4.73 -22.83
C ILE A 536 -7.66 -5.71 -21.87
N PRO A 537 -7.16 -6.93 -21.74
CA PRO A 537 -7.67 -7.81 -20.69
C PRO A 537 -7.39 -7.20 -19.32
N THR A 538 -8.28 -7.50 -18.37
CA THR A 538 -8.27 -6.78 -17.11
C THR A 538 -8.55 -7.72 -15.96
N ILE A 539 -8.04 -7.37 -14.78
CA ILE A 539 -8.29 -8.10 -13.56
C ILE A 539 -9.35 -7.36 -12.77
N THR A 540 -10.27 -8.10 -12.18
CA THR A 540 -11.32 -7.54 -11.32
C THR A 540 -11.30 -8.26 -9.98
N GLN A 541 -11.33 -7.50 -8.90
CA GLN A 541 -11.31 -8.07 -7.57
C GLN A 541 -12.71 -8.48 -7.13
N MET A 542 -12.76 -9.46 -6.22
CA MET A 542 -13.98 -9.82 -5.52
C MET A 542 -13.94 -9.20 -4.14
N ASN A 543 -14.95 -8.40 -3.81
CA ASN A 543 -15.03 -7.73 -2.52
C ASN A 543 -16.26 -8.24 -1.78
N LEU A 544 -16.04 -8.72 -0.55
CA LEU A 544 -17.16 -9.08 0.30
C LEU A 544 -17.94 -7.84 0.72
N LYS A 545 -19.24 -7.88 0.53
CA LYS A 545 -20.10 -6.74 0.84
C LYS A 545 -20.47 -6.79 2.32
N TYR A 546 -20.07 -5.76 3.06
CA TYR A 546 -20.32 -5.65 4.49
C TYR A 546 -21.54 -4.75 4.68
N ALA A 547 -22.72 -5.32 4.45
CA ALA A 547 -23.95 -4.55 4.53
C ALA A 547 -25.05 -5.43 5.11
N ILE A 548 -26.01 -4.78 5.76
CA ILE A 548 -27.11 -5.48 6.41
C ILE A 548 -27.90 -6.25 5.36
N SER A 549 -28.36 -7.44 5.73
CA SER A 549 -29.08 -8.31 4.81
C SER A 549 -30.01 -9.22 5.60
N ALA A 550 -30.92 -9.87 4.88
CA ALA A 550 -31.91 -10.75 5.49
C ALA A 550 -31.57 -12.22 5.37
N LYS A 551 -30.58 -12.59 4.54
CA LYS A 551 -30.20 -13.98 4.34
C LYS A 551 -28.70 -14.12 4.50
N ASN A 552 -28.29 -15.22 5.14
CA ASN A 552 -26.91 -15.41 5.56
C ASN A 552 -25.93 -15.55 4.40
N ARG A 553 -26.40 -15.83 3.20
CA ARG A 553 -25.50 -16.03 2.08
C ARG A 553 -24.65 -14.78 1.85
N ALA A 554 -23.35 -14.98 1.71
CA ALA A 554 -22.44 -13.85 1.54
C ALA A 554 -22.69 -13.16 0.20
N ARG A 555 -22.61 -11.84 0.22
CA ARG A 555 -22.79 -11.03 -0.97
C ARG A 555 -21.47 -10.45 -1.40
N THR A 556 -21.19 -10.54 -2.70
CA THR A 556 -19.91 -10.13 -3.27
C THR A 556 -20.15 -9.15 -4.40
N VAL A 557 -19.21 -8.24 -4.57
CA VAL A 557 -19.25 -7.27 -5.66
C VAL A 557 -17.91 -7.33 -6.39
N ALA A 558 -17.92 -6.87 -7.64
CA ALA A 558 -16.74 -6.90 -8.50
C ALA A 558 -16.16 -5.51 -8.57
N GLY A 559 -14.92 -5.37 -8.12
CA GLY A 559 -14.19 -4.13 -8.31
C GLY A 559 -13.42 -4.18 -9.61
N VAL A 560 -13.85 -3.42 -10.60
CA VAL A 560 -13.24 -3.45 -11.92
C VAL A 560 -12.09 -2.47 -11.94
N SER A 561 -11.03 -2.82 -12.67
CA SER A 561 -9.85 -1.97 -12.73
C SER A 561 -10.20 -0.63 -13.35
N ILE A 562 -9.54 0.41 -12.85
CA ILE A 562 -9.82 1.77 -13.32
C ILE A 562 -9.57 1.87 -14.81
N CYS A 563 -8.60 1.11 -15.33
CA CYS A 563 -8.31 1.14 -16.76
C CYS A 563 -9.52 0.78 -17.61
N SER A 564 -10.39 -0.08 -17.11
CA SER A 564 -11.61 -0.41 -17.83
C SER A 564 -12.74 0.56 -17.52
N THR A 565 -12.82 1.03 -16.28
CA THR A 565 -13.88 1.93 -15.89
C THR A 565 -13.81 3.25 -16.65
N MET A 566 -12.60 3.79 -16.80
CA MET A 566 -12.44 5.06 -17.50
C MET A 566 -12.98 4.95 -18.93
N THR A 567 -12.53 3.92 -19.66
CA THR A 567 -12.98 3.79 -21.04
C THR A 567 -14.46 3.49 -21.13
N ASN A 568 -14.99 2.62 -20.27
CA ASN A 568 -16.41 2.32 -20.32
C ASN A 568 -17.23 3.58 -20.07
N ARG A 569 -16.83 4.40 -19.10
CA ARG A 569 -17.52 5.66 -18.87
C ARG A 569 -17.46 6.52 -20.11
N GLN A 570 -16.25 6.76 -20.63
CA GLN A 570 -16.12 7.65 -21.78
C GLN A 570 -16.91 7.16 -22.98
N PHE A 571 -17.20 5.86 -23.04
CA PHE A 571 -17.92 5.32 -24.18
C PHE A 571 -19.43 5.30 -23.97
N HIS A 572 -19.90 5.18 -22.72
CA HIS A 572 -21.31 4.93 -22.46
C HIS A 572 -22.04 6.08 -21.77
N GLN A 573 -21.32 7.01 -21.14
CA GLN A 573 -21.98 7.89 -20.19
C GLN A 573 -23.00 8.79 -20.85
N LYS A 574 -22.83 9.14 -22.12
CA LYS A 574 -23.84 9.97 -22.77
C LYS A 574 -25.18 9.27 -22.79
N LEU A 575 -25.21 8.03 -23.27
CA LEU A 575 -26.44 7.26 -23.28
C LEU A 575 -26.95 7.01 -21.87
N LEU A 576 -26.05 6.68 -20.95
CA LEU A 576 -26.48 6.39 -19.59
C LEU A 576 -27.18 7.59 -18.96
N LYS A 577 -26.58 8.78 -19.09
CA LYS A 577 -27.22 9.98 -18.56
C LYS A 577 -28.49 10.32 -19.31
N SER A 578 -28.55 10.00 -20.61
CA SER A 578 -29.80 10.22 -21.33
C SER A 578 -30.92 9.37 -20.76
N ILE A 579 -30.63 8.12 -20.41
CA ILE A 579 -31.66 7.27 -19.80
C ILE A 579 -32.03 7.80 -18.42
N ALA A 580 -31.02 8.10 -17.59
CA ALA A 580 -31.29 8.50 -16.21
C ALA A 580 -31.98 9.85 -16.12
N ALA A 581 -31.95 10.67 -17.18
CA ALA A 581 -32.56 11.99 -17.16
C ALA A 581 -33.81 12.07 -18.01
N THR A 582 -34.50 10.95 -18.23
CA THR A 582 -35.72 10.92 -19.02
C THR A 582 -36.85 10.36 -18.18
N ARG A 583 -38.01 10.98 -18.27
CA ARG A 583 -39.19 10.58 -17.52
C ARG A 583 -40.22 9.93 -18.44
N GLY A 584 -40.89 8.90 -17.95
CA GLY A 584 -41.99 8.29 -18.66
C GLY A 584 -41.63 7.20 -19.63
N ALA A 585 -40.42 6.66 -19.55
CA ALA A 585 -40.02 5.57 -20.43
C ALA A 585 -40.25 4.24 -19.74
N THR A 586 -39.89 3.14 -20.42
CA THR A 586 -40.04 1.82 -19.82
C THR A 586 -38.95 1.54 -18.79
N VAL A 587 -37.75 2.08 -19.00
CA VAL A 587 -36.65 1.92 -18.06
C VAL A 587 -36.70 3.09 -17.08
N VAL A 588 -37.08 2.81 -15.83
CA VAL A 588 -37.20 3.85 -14.81
C VAL A 588 -35.92 3.78 -13.98
N ILE A 589 -34.94 4.58 -14.38
CA ILE A 589 -33.73 4.81 -13.61
C ILE A 589 -33.51 6.31 -13.56
N GLY A 590 -33.13 6.82 -12.40
CA GLY A 590 -33.05 8.25 -12.21
C GLY A 590 -34.37 8.90 -11.85
N THR A 591 -35.45 8.13 -11.76
CA THR A 591 -36.74 8.66 -11.36
C THR A 591 -36.90 8.51 -9.86
N SER A 592 -36.82 9.63 -9.14
CA SER A 592 -36.94 9.60 -7.69
C SER A 592 -38.31 9.09 -7.28
N LYS A 593 -38.35 8.33 -6.19
CA LYS A 593 -39.61 7.86 -5.64
C LYS A 593 -40.28 8.87 -4.73
N PHE A 594 -39.62 9.99 -4.45
CA PHE A 594 -40.18 11.04 -3.63
C PHE A 594 -40.96 12.05 -4.48
N TYR A 595 -41.52 13.04 -3.80
CA TYR A 595 -42.25 14.12 -4.47
C TYR A 595 -43.27 13.56 -5.45
N GLY A 596 -44.00 12.54 -5.02
CA GLY A 596 -44.99 11.93 -5.88
C GLY A 596 -44.42 11.22 -7.09
N GLY A 597 -43.11 10.98 -7.12
CA GLY A 597 -42.54 10.26 -8.24
C GLY A 597 -43.09 8.85 -8.37
N TRP A 598 -43.30 8.17 -7.25
CA TRP A 598 -43.83 6.81 -7.29
C TRP A 598 -45.21 6.78 -7.94
N HIS A 599 -46.07 7.74 -7.59
CA HIS A 599 -47.40 7.76 -8.19
C HIS A 599 -47.34 8.00 -9.69
N ASN A 600 -46.49 8.94 -10.12
CA ASN A 600 -46.34 9.15 -11.55
C ASN A 600 -45.84 7.90 -12.24
N MET A 601 -44.88 7.21 -11.62
CA MET A 601 -44.37 5.98 -12.20
C MET A 601 -45.48 4.97 -12.39
N LEU A 602 -46.24 4.69 -11.34
CA LEU A 602 -47.28 3.67 -11.44
C LEU A 602 -48.39 4.10 -12.38
N LYS A 603 -48.66 5.40 -12.50
CA LYS A 603 -49.66 5.83 -13.46
C LYS A 603 -49.15 5.67 -14.89
N THR A 604 -47.84 5.80 -15.09
CA THR A 604 -47.28 5.49 -16.39
C THR A 604 -47.34 4.01 -16.71
N VAL A 605 -47.21 3.15 -15.70
CA VAL A 605 -47.37 1.71 -15.94
C VAL A 605 -48.76 1.41 -16.49
N TYR A 606 -49.78 2.05 -15.93
CA TYR A 606 -51.15 1.76 -16.34
C TYR A 606 -51.45 2.50 -17.65
N SER A 607 -50.65 2.23 -18.69
CA SER A 607 -50.78 2.96 -19.95
C SER A 607 -51.99 2.42 -20.72
N ASP A 608 -53.17 2.63 -20.15
CA ASP A 608 -54.43 2.34 -20.81
C ASP A 608 -54.49 0.90 -21.32
N VAL A 609 -54.08 -0.04 -20.48
CA VAL A 609 -54.33 -1.44 -20.76
C VAL A 609 -55.81 -1.73 -20.52
N GLU A 610 -56.30 -2.83 -21.09
CA GLU A 610 -57.74 -3.04 -21.14
C GLU A 610 -58.27 -3.62 -19.82
N ASN A 611 -57.75 -4.79 -19.42
CA ASN A 611 -58.18 -5.49 -18.21
C ASN A 611 -56.94 -5.70 -17.36
N PRO A 612 -56.47 -4.67 -16.65
CA PRO A 612 -55.14 -4.74 -16.04
C PRO A 612 -55.03 -5.85 -15.00
N HIS A 613 -53.86 -6.46 -14.96
CA HIS A 613 -53.44 -7.33 -13.87
C HIS A 613 -51.95 -7.10 -13.67
N LEU A 614 -51.58 -6.76 -12.43
CA LEU A 614 -50.19 -6.48 -12.13
C LEU A 614 -49.46 -7.78 -11.85
N MET A 615 -48.20 -7.84 -12.27
CA MET A 615 -47.44 -9.07 -12.09
C MET A 615 -45.95 -8.75 -12.08
N GLY A 616 -45.22 -9.50 -11.27
CA GLY A 616 -43.79 -9.33 -11.17
C GLY A 616 -43.07 -10.65 -10.96
N TRP A 617 -41.92 -10.80 -11.62
CA TRP A 617 -41.13 -12.01 -11.56
C TRP A 617 -39.79 -11.73 -10.91
N ASP A 618 -39.03 -12.79 -10.68
CA ASP A 618 -37.72 -12.72 -10.04
C ASP A 618 -36.74 -13.60 -10.78
N TYR A 619 -35.48 -13.19 -10.80
CA TYR A 619 -34.42 -13.91 -11.47
C TYR A 619 -33.53 -14.58 -10.45
N PRO A 620 -33.58 -15.90 -10.29
CA PRO A 620 -32.66 -16.55 -9.34
C PRO A 620 -31.25 -16.57 -9.89
N LYS A 621 -30.32 -16.03 -9.11
CA LYS A 621 -28.92 -15.93 -9.52
C LYS A 621 -28.82 -15.13 -10.82
N CYS A 622 -29.39 -13.92 -10.81
CA CYS A 622 -29.46 -13.14 -12.03
C CYS A 622 -28.08 -12.83 -12.59
N ASP A 623 -27.19 -12.29 -11.76
CA ASP A 623 -25.90 -11.84 -12.25
C ASP A 623 -24.95 -12.98 -12.54
N ARG A 624 -25.24 -14.19 -12.05
CA ARG A 624 -24.33 -15.32 -12.20
C ARG A 624 -24.84 -16.37 -13.18
N ALA A 625 -26.13 -16.43 -13.42
CA ALA A 625 -26.69 -17.32 -14.44
C ALA A 625 -26.86 -16.62 -15.78
N MET A 626 -26.42 -15.38 -15.89
CA MET A 626 -26.56 -14.65 -17.15
C MET A 626 -25.82 -15.37 -18.26
N PRO A 627 -26.48 -15.76 -19.33
CA PRO A 627 -25.75 -16.33 -20.47
C PRO A 627 -24.85 -15.30 -21.10
N ASN A 628 -23.75 -15.77 -21.70
CA ASN A 628 -22.84 -14.86 -22.37
C ASN A 628 -23.52 -14.16 -23.54
N MET A 629 -24.35 -14.88 -24.28
CA MET A 629 -24.97 -14.30 -25.47
C MET A 629 -25.85 -13.11 -25.10
N LEU A 630 -26.62 -13.22 -24.01
CA LEU A 630 -27.48 -12.11 -23.65
C LEU A 630 -26.68 -10.90 -23.17
N ARG A 631 -25.56 -11.12 -22.48
CA ARG A 631 -24.72 -9.99 -22.11
C ARG A 631 -24.16 -9.30 -23.35
N ILE A 632 -23.70 -10.09 -24.33
CA ILE A 632 -23.22 -9.51 -25.57
C ILE A 632 -24.34 -8.75 -26.26
N MET A 633 -25.55 -9.29 -26.23
CA MET A 633 -26.69 -8.62 -26.85
C MET A 633 -26.97 -7.29 -26.17
N ALA A 634 -26.92 -7.26 -24.84
CA ALA A 634 -27.14 -6.00 -24.13
C ALA A 634 -26.07 -4.99 -24.49
N SER A 635 -24.81 -5.42 -24.54
CA SER A 635 -23.75 -4.50 -24.91
C SER A 635 -23.95 -3.95 -26.32
N LEU A 636 -24.34 -4.81 -27.26
CA LEU A 636 -24.61 -4.34 -28.62
C LEU A 636 -25.77 -3.37 -28.67
N VAL A 637 -26.84 -3.64 -27.94
CA VAL A 637 -27.97 -2.72 -27.93
C VAL A 637 -27.55 -1.36 -27.39
N LEU A 638 -26.78 -1.36 -26.30
CA LEU A 638 -26.30 -0.09 -25.77
C LEU A 638 -25.35 0.60 -26.73
N ALA A 639 -24.60 -0.16 -27.52
CA ALA A 639 -23.63 0.41 -28.45
C ALA A 639 -24.26 0.85 -29.77
N ARG A 640 -25.51 0.45 -30.03
CA ARG A 640 -26.13 0.80 -31.30
C ARG A 640 -26.24 2.31 -31.52
N LYS A 641 -26.14 3.11 -30.46
CA LYS A 641 -26.27 4.55 -30.61
C LYS A 641 -25.05 5.18 -31.28
N HIS A 642 -23.92 4.51 -31.30
CA HIS A 642 -22.73 5.02 -31.98
C HIS A 642 -22.78 4.77 -33.48
N THR A 643 -23.78 5.34 -34.15
CA THR A 643 -23.90 5.22 -35.59
C THR A 643 -23.05 6.25 -36.34
N THR A 644 -22.55 7.26 -35.65
CA THR A 644 -21.76 8.31 -36.28
C THR A 644 -20.41 8.55 -35.62
N CYS A 645 -20.32 8.44 -34.30
CA CYS A 645 -19.08 8.69 -33.60
C CYS A 645 -18.06 7.59 -33.79
N CYS A 646 -18.48 6.42 -34.29
CA CYS A 646 -17.58 5.28 -34.45
C CYS A 646 -17.89 4.53 -35.74
N SER A 647 -16.83 4.05 -36.39
CA SER A 647 -16.98 3.14 -37.50
C SER A 647 -17.23 1.73 -36.96
N LEU A 648 -17.31 0.76 -37.88
CA LEU A 648 -17.67 -0.60 -37.48
C LEU A 648 -16.56 -1.23 -36.64
N SER A 649 -15.32 -1.15 -37.09
CA SER A 649 -14.23 -1.81 -36.36
C SER A 649 -14.10 -1.23 -34.97
N HIS A 650 -14.29 0.07 -34.80
CA HIS A 650 -14.21 0.66 -33.49
C HIS A 650 -15.27 0.07 -32.57
N ARG A 651 -16.50 -0.07 -33.08
CA ARG A 651 -17.55 -0.67 -32.26
C ARG A 651 -17.20 -2.10 -31.90
N PHE A 652 -16.68 -2.87 -32.86
CA PHE A 652 -16.35 -4.26 -32.57
C PHE A 652 -15.28 -4.36 -31.51
N TYR A 653 -14.26 -3.51 -31.58
CA TYR A 653 -13.21 -3.58 -30.57
C TYR A 653 -13.70 -3.08 -29.22
N ARG A 654 -14.60 -2.11 -29.20
CA ARG A 654 -15.20 -1.72 -27.93
C ARG A 654 -15.96 -2.87 -27.31
N LEU A 655 -16.72 -3.60 -28.13
CA LEU A 655 -17.43 -4.77 -27.62
C LEU A 655 -16.44 -5.81 -27.11
N ALA A 656 -15.34 -6.01 -27.84
CA ALA A 656 -14.35 -6.99 -27.41
C ALA A 656 -13.75 -6.61 -26.07
N ASN A 657 -13.42 -5.32 -25.89
CA ASN A 657 -12.89 -4.88 -24.60
C ASN A 657 -13.92 -5.08 -23.51
N GLU A 658 -15.19 -4.77 -23.79
CA GLU A 658 -16.24 -4.96 -22.79
C GLU A 658 -16.31 -6.42 -22.37
N CYS A 659 -16.28 -7.34 -23.33
CA CYS A 659 -16.32 -8.76 -22.98
C CYS A 659 -15.08 -9.16 -22.19
N ALA A 660 -13.90 -8.73 -22.63
CA ALA A 660 -12.67 -9.19 -22.00
C ALA A 660 -12.52 -8.60 -20.60
N GLN A 661 -13.19 -7.49 -20.30
CA GLN A 661 -13.06 -6.85 -19.00
C GLN A 661 -14.22 -7.13 -18.06
N VAL A 662 -15.37 -7.55 -18.58
CA VAL A 662 -16.57 -7.71 -17.77
C VAL A 662 -17.12 -9.12 -17.90
N LEU A 663 -17.23 -9.61 -19.14
CA LEU A 663 -17.93 -10.87 -19.36
C LEU A 663 -17.12 -12.06 -18.87
N SER A 664 -15.95 -12.28 -19.46
CA SER A 664 -15.09 -13.42 -19.11
C SER A 664 -13.66 -12.91 -18.96
N GLU A 665 -13.31 -12.51 -17.76
CA GLU A 665 -12.01 -11.91 -17.45
C GLU A 665 -11.31 -12.73 -16.37
N MET A 666 -10.16 -12.25 -15.95
CA MET A 666 -9.45 -12.84 -14.81
C MET A 666 -9.97 -12.21 -13.53
N VAL A 667 -10.37 -13.04 -12.58
CA VAL A 667 -10.97 -12.59 -11.33
C VAL A 667 -9.99 -12.90 -10.20
N MET A 668 -9.75 -11.90 -9.36
CA MET A 668 -8.93 -12.07 -8.18
C MET A 668 -9.85 -12.36 -6.99
N CYS A 669 -9.62 -13.50 -6.34
CA CYS A 669 -10.40 -13.91 -5.17
C CYS A 669 -9.41 -14.30 -4.09
N GLY A 670 -9.18 -13.39 -3.15
CA GLY A 670 -8.22 -13.65 -2.09
C GLY A 670 -6.81 -13.82 -2.57
N GLY A 671 -6.33 -12.93 -3.43
CA GLY A 671 -4.98 -13.02 -3.94
C GLY A 671 -4.72 -14.22 -4.81
N SER A 672 -5.63 -14.53 -5.73
CA SER A 672 -5.47 -15.66 -6.63
C SER A 672 -6.30 -15.41 -7.89
N LEU A 673 -5.66 -15.56 -9.05
CA LEU A 673 -6.30 -15.28 -10.32
C LEU A 673 -6.96 -16.55 -10.84
N TYR A 674 -8.28 -16.50 -10.99
CA TYR A 674 -9.07 -17.53 -11.65
C TYR A 674 -9.66 -16.94 -12.92
N VAL A 675 -10.32 -17.79 -13.70
CA VAL A 675 -11.02 -17.38 -14.92
C VAL A 675 -12.51 -17.40 -14.64
N LYS A 676 -13.17 -16.27 -14.90
CA LYS A 676 -14.61 -16.21 -14.77
C LYS A 676 -15.26 -16.85 -15.99
N PRO A 677 -16.06 -17.91 -15.83
CA PRO A 677 -16.64 -18.54 -17.03
C PRO A 677 -17.53 -17.61 -17.82
N GLY A 678 -18.19 -16.67 -17.17
CA GLY A 678 -19.06 -15.75 -17.86
C GLY A 678 -19.96 -15.02 -16.87
N GLY A 679 -21.10 -14.57 -17.39
CA GLY A 679 -22.07 -13.89 -16.55
C GLY A 679 -21.63 -12.48 -16.20
N THR A 680 -22.59 -11.57 -16.07
CA THR A 680 -22.26 -10.18 -15.81
C THR A 680 -21.64 -10.00 -14.44
N SER A 681 -20.57 -9.21 -14.38
CA SER A 681 -20.05 -8.72 -13.13
C SER A 681 -20.85 -7.49 -12.72
N SER A 682 -21.03 -7.32 -11.42
CA SER A 682 -21.85 -6.23 -10.89
C SER A 682 -21.05 -4.97 -10.63
N GLY A 683 -19.96 -4.76 -11.36
CA GLY A 683 -19.08 -3.64 -11.08
C GLY A 683 -18.80 -2.73 -12.26
N ASP A 684 -19.08 -3.20 -13.47
CA ASP A 684 -18.74 -2.42 -14.65
C ASP A 684 -19.53 -1.12 -14.67
N ALA A 685 -19.18 -0.24 -15.61
CA ALA A 685 -19.89 1.04 -15.73
C ALA A 685 -21.35 0.80 -16.08
N THR A 686 -21.62 -0.10 -17.02
CA THR A 686 -22.99 -0.41 -17.44
C THR A 686 -23.41 -1.71 -16.76
N THR A 687 -23.74 -1.60 -15.47
CA THR A 687 -24.19 -2.75 -14.70
C THR A 687 -25.71 -2.80 -14.56
N ALA A 688 -26.34 -1.68 -14.19
CA ALA A 688 -27.79 -1.67 -14.06
C ALA A 688 -28.47 -1.58 -15.43
N TYR A 689 -27.87 -0.84 -16.35
CA TYR A 689 -28.49 -0.64 -17.65
C TYR A 689 -28.38 -1.88 -18.52
N ALA A 690 -27.23 -2.56 -18.49
CA ALA A 690 -27.12 -3.81 -19.21
C ALA A 690 -28.12 -4.84 -18.70
N ASN A 691 -28.28 -4.95 -17.38
CA ASN A 691 -29.24 -5.89 -16.84
C ASN A 691 -30.66 -5.46 -17.18
N SER A 692 -30.91 -4.15 -17.27
CA SER A 692 -32.22 -3.69 -17.71
C SER A 692 -32.50 -4.16 -19.13
N VAL A 693 -31.52 -4.01 -20.02
CA VAL A 693 -31.70 -4.48 -21.39
C VAL A 693 -31.94 -5.98 -21.40
N PHE A 694 -31.20 -6.73 -20.58
CA PHE A 694 -31.42 -8.16 -20.52
C PHE A 694 -32.82 -8.50 -20.05
N ASN A 695 -33.32 -7.77 -19.04
CA ASN A 695 -34.65 -8.04 -18.53
C ASN A 695 -35.71 -7.78 -19.60
N ILE A 696 -35.56 -6.68 -20.33
CA ILE A 696 -36.51 -6.39 -21.42
C ILE A 696 -36.42 -7.49 -22.47
N CYS A 697 -35.22 -7.96 -22.76
CA CYS A 697 -35.06 -9.03 -23.73
C CYS A 697 -35.80 -10.28 -23.28
N GLN A 698 -35.67 -10.65 -22.01
CA GLN A 698 -36.36 -11.84 -21.52
C GLN A 698 -37.86 -11.66 -21.59
N ALA A 699 -38.36 -10.48 -21.23
CA ALA A 699 -39.80 -10.26 -21.30
C ALA A 699 -40.31 -10.37 -22.72
N VAL A 700 -39.62 -9.76 -23.68
CA VAL A 700 -40.08 -9.83 -25.06
C VAL A 700 -39.98 -11.25 -25.59
N THR A 701 -38.94 -11.98 -25.19
CA THR A 701 -38.85 -13.38 -25.61
C THR A 701 -40.00 -14.18 -25.05
N ALA A 702 -40.38 -13.93 -23.81
CA ALA A 702 -41.54 -14.61 -23.24
C ALA A 702 -42.80 -14.29 -24.01
N ASN A 703 -42.99 -13.02 -24.37
CA ASN A 703 -44.16 -12.68 -25.16
C ASN A 703 -44.16 -13.40 -26.50
N VAL A 704 -42.99 -13.46 -27.16
CA VAL A 704 -42.92 -14.11 -28.47
C VAL A 704 -43.26 -15.59 -28.34
N ASN A 705 -42.66 -16.26 -27.35
CA ASN A 705 -42.93 -17.68 -27.18
C ASN A 705 -44.39 -17.92 -26.84
N ALA A 706 -44.97 -17.09 -25.97
CA ALA A 706 -46.36 -17.26 -25.62
C ALA A 706 -47.25 -17.09 -26.84
N LEU A 707 -46.98 -16.08 -27.65
CA LEU A 707 -47.82 -15.82 -28.81
C LEU A 707 -47.69 -16.93 -29.83
N LEU A 708 -46.49 -17.48 -29.99
CA LEU A 708 -46.31 -18.56 -30.96
C LEU A 708 -46.89 -19.88 -30.48
N SER A 709 -46.70 -20.22 -29.22
CA SER A 709 -47.04 -21.55 -28.73
C SER A 709 -48.54 -21.78 -28.64
N THR A 710 -49.36 -20.76 -28.80
CA THR A 710 -50.79 -20.97 -28.79
C THR A 710 -51.21 -21.77 -30.01
N ASP A 711 -52.39 -22.39 -29.92
CA ASP A 711 -52.84 -23.29 -30.97
C ASP A 711 -52.90 -22.59 -32.31
N GLY A 712 -53.62 -21.46 -32.36
CA GLY A 712 -53.75 -20.70 -33.58
C GLY A 712 -55.17 -20.71 -34.10
N ASN A 713 -55.81 -21.87 -34.05
CA ASN A 713 -57.21 -21.97 -34.44
C ASN A 713 -58.15 -21.45 -33.36
N LYS A 714 -57.69 -21.32 -32.13
CA LYS A 714 -58.53 -20.86 -31.03
C LYS A 714 -58.49 -19.35 -30.84
N ILE A 715 -57.64 -18.64 -31.58
CA ILE A 715 -57.60 -17.19 -31.48
C ILE A 715 -58.77 -16.62 -32.30
N ALA A 716 -59.83 -16.23 -31.61
CA ALA A 716 -60.99 -15.69 -32.32
C ALA A 716 -60.66 -14.40 -33.04
N ASP A 717 -59.93 -13.50 -32.38
CA ASP A 717 -59.63 -12.20 -32.98
C ASP A 717 -58.76 -12.40 -34.22
N LYS A 718 -59.29 -11.98 -35.37
CA LYS A 718 -58.56 -12.14 -36.62
C LYS A 718 -57.26 -11.36 -36.62
N TYR A 719 -57.25 -10.15 -36.05
CA TYR A 719 -56.03 -9.35 -36.04
C TYR A 719 -54.88 -10.10 -35.38
N VAL A 720 -55.14 -10.75 -34.25
CA VAL A 720 -54.07 -11.46 -33.57
C VAL A 720 -53.62 -12.67 -34.38
N ARG A 721 -54.54 -13.36 -35.06
CA ARG A 721 -54.12 -14.46 -35.90
C ARG A 721 -53.20 -13.99 -37.02
N ASN A 722 -53.55 -12.89 -37.66
CA ASN A 722 -52.67 -12.33 -38.68
C ASN A 722 -51.34 -11.91 -38.09
N LEU A 723 -51.36 -11.33 -36.89
CA LEU A 723 -50.11 -10.92 -36.26
C LEU A 723 -49.22 -12.12 -35.98
N GLN A 724 -49.81 -13.22 -35.51
CA GLN A 724 -49.02 -14.43 -35.27
C GLN A 724 -48.44 -14.97 -36.57
N HIS A 725 -49.24 -14.98 -37.63
CA HIS A 725 -48.74 -15.44 -38.92
C HIS A 725 -47.53 -14.63 -39.36
N ARG A 726 -47.66 -13.30 -39.34
CA ARG A 726 -46.56 -12.46 -39.77
C ARG A 726 -45.38 -12.55 -38.81
N LEU A 727 -45.63 -12.78 -37.53
CA LEU A 727 -44.53 -12.97 -36.59
C LEU A 727 -43.70 -14.19 -36.96
N TYR A 728 -44.38 -15.31 -37.22
CA TYR A 728 -43.63 -16.50 -37.61
C TYR A 728 -42.88 -16.26 -38.91
N GLU A 729 -43.51 -15.57 -39.87
CA GLU A 729 -42.83 -15.29 -41.12
C GLU A 729 -41.56 -14.47 -40.88
N CYS A 730 -41.66 -13.41 -40.09
CA CYS A 730 -40.51 -12.56 -39.85
C CYS A 730 -39.46 -13.22 -38.97
N LEU A 731 -39.83 -14.26 -38.24
CA LEU A 731 -38.83 -14.99 -37.45
C LEU A 731 -38.09 -16.01 -38.30
N TYR A 732 -38.80 -16.97 -38.87
CA TYR A 732 -38.18 -18.14 -39.48
C TYR A 732 -38.25 -18.17 -40.99
N ARG A 733 -38.74 -17.10 -41.63
CA ARG A 733 -38.86 -17.08 -43.08
C ARG A 733 -38.42 -15.75 -43.68
N ASN A 734 -37.60 -14.98 -42.98
CA ASN A 734 -37.17 -13.68 -43.47
C ASN A 734 -35.85 -13.32 -42.81
N ARG A 735 -34.93 -12.74 -43.57
CA ARG A 735 -33.57 -12.52 -43.12
C ARG A 735 -33.21 -11.07 -42.88
N ASP A 736 -33.98 -10.12 -43.42
CA ASP A 736 -33.77 -8.70 -43.14
C ASP A 736 -34.93 -8.19 -42.31
N VAL A 737 -34.62 -7.23 -41.43
CA VAL A 737 -35.61 -6.74 -40.48
C VAL A 737 -36.77 -6.11 -41.23
N ASP A 738 -37.99 -6.42 -40.79
CA ASP A 738 -39.21 -5.83 -41.33
C ASP A 738 -39.65 -4.75 -40.36
N THR A 739 -39.10 -3.53 -40.53
CA THR A 739 -39.33 -2.48 -39.56
C THR A 739 -40.81 -2.20 -39.37
N ASP A 740 -41.63 -2.34 -40.41
CA ASP A 740 -43.07 -2.14 -40.25
C ASP A 740 -43.62 -3.11 -39.22
N PHE A 741 -43.32 -4.41 -39.37
CA PHE A 741 -43.83 -5.38 -38.43
C PHE A 741 -43.21 -5.21 -37.05
N VAL A 742 -41.93 -4.80 -36.99
CA VAL A 742 -41.31 -4.56 -35.70
C VAL A 742 -42.05 -3.46 -34.96
N ASN A 743 -42.36 -2.37 -35.65
CA ASN A 743 -43.13 -1.30 -35.03
C ASN A 743 -44.50 -1.77 -34.60
N GLU A 744 -45.16 -2.56 -35.44
CA GLU A 744 -46.48 -3.06 -35.09
C GLU A 744 -46.44 -3.90 -33.83
N PHE A 745 -45.46 -4.80 -33.74
CA PHE A 745 -45.32 -5.64 -32.56
C PHE A 745 -44.97 -4.82 -31.33
N TYR A 746 -44.11 -3.81 -31.47
CA TYR A 746 -43.79 -2.96 -30.34
C TYR A 746 -45.02 -2.23 -29.84
N ALA A 747 -45.86 -1.74 -30.76
CA ALA A 747 -47.10 -1.10 -30.36
C ALA A 747 -48.01 -2.10 -29.66
N TYR A 748 -48.07 -3.33 -30.17
CA TYR A 748 -48.86 -4.37 -29.52
C TYR A 748 -48.42 -4.57 -28.08
N LEU A 749 -47.11 -4.72 -27.87
CA LEU A 749 -46.61 -4.93 -26.52
C LEU A 749 -46.90 -3.73 -25.62
N ARG A 750 -46.67 -2.52 -26.12
CA ARG A 750 -46.97 -1.35 -25.31
C ARG A 750 -48.46 -1.22 -25.02
N LYS A 751 -49.30 -1.82 -25.85
CA LYS A 751 -50.74 -1.70 -25.65
C LYS A 751 -51.26 -2.76 -24.70
N HIS A 752 -50.59 -3.92 -24.62
CA HIS A 752 -51.07 -5.02 -23.80
C HIS A 752 -50.05 -5.58 -22.84
N PHE A 753 -48.80 -5.12 -22.87
CA PHE A 753 -47.78 -5.62 -21.95
C PHE A 753 -46.91 -4.48 -21.43
N SER A 754 -47.55 -3.39 -21.03
CA SER A 754 -46.80 -2.24 -20.55
C SER A 754 -45.90 -2.64 -19.39
N MET A 755 -44.70 -2.06 -19.34
CA MET A 755 -43.65 -2.54 -18.46
C MET A 755 -43.04 -1.42 -17.64
N MET A 756 -42.49 -1.81 -16.50
CA MET A 756 -41.58 -1.00 -15.71
C MET A 756 -40.40 -1.88 -15.36
N ILE A 757 -39.18 -1.40 -15.62
CA ILE A 757 -37.97 -2.16 -15.39
C ILE A 757 -36.97 -1.30 -14.63
N LEU A 758 -36.37 -1.86 -13.58
CA LEU A 758 -35.17 -1.30 -12.97
C LEU A 758 -34.18 -2.46 -12.84
N SER A 759 -33.52 -2.77 -13.95
CA SER A 759 -32.27 -3.52 -14.04
C SER A 759 -32.36 -4.97 -13.57
N ASP A 760 -33.28 -5.28 -12.67
CA ASP A 760 -33.78 -6.64 -12.56
C ASP A 760 -35.18 -6.70 -11.98
N ASP A 761 -35.78 -5.56 -11.63
CA ASP A 761 -37.08 -5.55 -10.99
C ASP A 761 -38.13 -5.10 -12.00
N ALA A 762 -39.11 -5.95 -12.21
CA ALA A 762 -40.07 -5.73 -13.29
C ALA A 762 -41.47 -5.68 -12.71
N VAL A 763 -42.26 -4.72 -13.18
CA VAL A 763 -43.69 -4.66 -12.90
C VAL A 763 -44.42 -4.56 -14.22
N VAL A 764 -45.35 -5.46 -14.46
CA VAL A 764 -46.08 -5.53 -15.71
C VAL A 764 -47.56 -5.37 -15.40
N CYS A 765 -48.28 -4.73 -16.31
CA CYS A 765 -49.70 -4.43 -16.11
C CYS A 765 -50.53 -5.13 -17.19
N PHE A 766 -50.29 -6.42 -17.36
CA PHE A 766 -50.74 -7.07 -18.59
C PHE A 766 -52.24 -7.27 -18.59
N ASN A 767 -52.79 -7.33 -19.80
CA ASN A 767 -54.21 -7.65 -19.95
C ASN A 767 -54.42 -9.10 -19.56
N SER A 768 -55.39 -9.34 -18.67
CA SER A 768 -55.58 -10.70 -18.16
C SER A 768 -56.38 -11.56 -19.13
N THR A 769 -57.29 -10.96 -19.90
CA THR A 769 -58.03 -11.75 -20.88
C THR A 769 -57.10 -12.37 -21.90
N TYR A 770 -56.22 -11.55 -22.50
CA TYR A 770 -55.27 -12.08 -23.47
C TYR A 770 -54.38 -13.13 -22.83
N ALA A 771 -53.88 -12.86 -21.63
CA ALA A 771 -52.99 -13.81 -20.98
C ALA A 771 -53.68 -15.15 -20.74
N SER A 772 -54.93 -15.13 -20.29
CA SER A 772 -55.67 -16.37 -20.15
C SER A 772 -55.83 -17.07 -21.49
N GLN A 773 -56.14 -16.32 -22.54
CA GLN A 773 -56.20 -16.91 -23.86
C GLN A 773 -54.84 -17.30 -24.40
N GLY A 774 -53.75 -16.88 -23.75
CA GLY A 774 -52.42 -17.22 -24.19
C GLY A 774 -51.77 -16.27 -25.16
N LEU A 775 -52.33 -15.09 -25.36
CA LEU A 775 -51.82 -14.14 -26.33
C LEU A 775 -50.74 -13.22 -25.78
N VAL A 776 -50.41 -13.32 -24.50
CA VAL A 776 -49.35 -12.51 -23.91
C VAL A 776 -48.69 -13.32 -22.81
N ALA A 777 -47.46 -12.96 -22.50
CA ALA A 777 -46.66 -13.73 -21.56
C ALA A 777 -47.33 -13.80 -20.20
N SER A 778 -47.34 -14.99 -19.61
CA SER A 778 -47.78 -15.22 -18.25
C SER A 778 -46.61 -15.76 -17.45
N ILE A 779 -46.89 -16.14 -16.20
CA ILE A 779 -45.81 -16.62 -15.34
C ILE A 779 -45.17 -17.87 -15.93
N LYS A 780 -45.99 -18.81 -16.41
CA LYS A 780 -45.43 -20.05 -16.94
C LYS A 780 -44.52 -19.79 -18.14
N ASN A 781 -44.87 -18.82 -18.98
CA ASN A 781 -43.99 -18.49 -20.10
C ASN A 781 -42.64 -18.00 -19.59
N PHE A 782 -42.64 -17.16 -18.56
CA PHE A 782 -41.38 -16.71 -17.98
C PHE A 782 -40.60 -17.89 -17.42
N LYS A 783 -41.30 -18.83 -16.79
CA LYS A 783 -40.61 -20.00 -16.25
C LYS A 783 -39.93 -20.79 -17.35
N SER A 784 -40.62 -21.03 -18.45
CA SER A 784 -40.01 -21.78 -19.56
C SER A 784 -38.84 -21.02 -20.16
N VAL A 785 -39.01 -19.70 -20.37
CA VAL A 785 -37.96 -18.91 -20.97
C VAL A 785 -36.72 -18.93 -20.10
N LEU A 786 -36.89 -18.74 -18.80
CA LEU A 786 -35.74 -18.85 -17.91
C LEU A 786 -35.15 -20.24 -17.98
N TYR A 787 -35.98 -21.27 -18.12
CA TYR A 787 -35.46 -22.62 -18.15
C TYR A 787 -34.50 -22.82 -19.32
N TYR A 788 -34.89 -22.38 -20.52
CA TYR A 788 -34.04 -22.70 -21.67
C TYR A 788 -33.19 -21.53 -22.14
N GLN A 789 -33.14 -20.41 -21.41
CA GLN A 789 -32.16 -19.37 -21.72
C GLN A 789 -31.46 -18.79 -20.51
N ASN A 790 -31.61 -19.38 -19.32
CA ASN A 790 -30.75 -19.05 -18.19
C ASN A 790 -30.26 -20.28 -17.44
N ASN A 791 -30.77 -21.47 -17.76
CA ASN A 791 -30.40 -22.70 -17.08
C ASN A 791 -30.70 -22.61 -15.59
N VAL A 792 -31.77 -21.90 -15.25
CA VAL A 792 -32.23 -21.80 -13.87
C VAL A 792 -33.73 -22.04 -13.83
N PHE A 793 -34.21 -22.49 -12.68
CA PHE A 793 -35.62 -22.73 -12.45
C PHE A 793 -36.18 -21.62 -11.58
N MET A 794 -37.29 -21.05 -12.00
CA MET A 794 -37.87 -19.87 -11.35
C MET A 794 -39.15 -20.28 -10.65
N SER A 795 -39.04 -20.59 -9.36
CA SER A 795 -40.21 -21.03 -8.60
C SER A 795 -41.27 -19.94 -8.57
N GLU A 796 -42.52 -20.35 -8.71
CA GLU A 796 -43.63 -19.41 -8.71
C GLU A 796 -43.83 -18.70 -7.38
N ALA A 797 -43.23 -19.20 -6.30
CA ALA A 797 -43.35 -18.58 -5.00
C ALA A 797 -42.71 -17.19 -4.94
N LYS A 798 -41.72 -16.93 -5.77
CA LYS A 798 -41.03 -15.64 -5.79
C LYS A 798 -41.59 -14.67 -6.81
N CYS A 799 -42.62 -15.06 -7.56
CA CYS A 799 -43.32 -14.17 -8.47
C CYS A 799 -44.72 -13.92 -7.93
N TRP A 800 -45.20 -12.68 -8.07
CA TRP A 800 -46.45 -12.28 -7.49
C TRP A 800 -47.39 -11.73 -8.57
N THR A 801 -48.67 -12.06 -8.41
CA THR A 801 -49.72 -11.53 -9.27
C THR A 801 -50.75 -10.84 -8.40
N GLU A 802 -51.23 -9.69 -8.87
CA GLU A 802 -52.20 -8.88 -8.16
C GLU A 802 -53.32 -8.54 -9.13
N THR A 803 -54.55 -8.90 -8.76
CA THR A 803 -55.70 -8.69 -9.62
C THR A 803 -56.39 -7.36 -9.38
N ASP A 804 -55.96 -6.60 -8.38
CA ASP A 804 -56.58 -5.33 -8.03
C ASP A 804 -55.52 -4.25 -8.07
N LEU A 805 -55.75 -3.23 -8.89
CA LEU A 805 -54.78 -2.14 -9.01
C LEU A 805 -54.79 -1.23 -7.79
N THR A 806 -55.91 -1.13 -7.07
CA THR A 806 -55.96 -0.25 -5.91
C THR A 806 -54.94 -0.63 -4.86
N LYS A 807 -54.45 -1.87 -4.86
CA LYS A 807 -53.39 -2.29 -3.96
C LYS A 807 -52.00 -2.12 -4.56
N GLY A 808 -51.90 -1.67 -5.81
CA GLY A 808 -50.62 -1.46 -6.44
C GLY A 808 -49.79 -2.73 -6.50
N PRO A 809 -48.59 -2.63 -7.05
CA PRO A 809 -47.72 -3.80 -7.10
C PRO A 809 -47.41 -4.31 -5.71
N HIS A 810 -47.34 -5.64 -5.57
CA HIS A 810 -47.11 -6.24 -4.26
C HIS A 810 -45.72 -5.91 -3.73
N GLU A 811 -44.75 -5.74 -4.63
CA GLU A 811 -43.40 -5.42 -4.22
C GLU A 811 -42.58 -5.01 -5.44
N PHE A 812 -41.78 -3.96 -5.30
CA PHE A 812 -40.94 -3.47 -6.37
C PHE A 812 -39.81 -2.65 -5.76
N CYS A 813 -38.58 -2.99 -6.11
CA CYS A 813 -37.40 -2.36 -5.51
C CYS A 813 -37.43 -2.49 -3.98
N SER A 814 -38.00 -3.59 -3.50
CA SER A 814 -38.17 -3.83 -2.07
C SER A 814 -38.98 -2.74 -1.40
N GLN A 815 -40.01 -2.23 -2.07
CA GLN A 815 -40.91 -1.23 -1.52
C GLN A 815 -42.35 -1.67 -1.76
N HIS A 816 -43.05 -2.01 -0.68
CA HIS A 816 -44.47 -2.25 -0.82
C HIS A 816 -45.17 -0.94 -1.19
N THR A 817 -46.36 -1.05 -1.77
CA THR A 817 -47.09 0.12 -2.24
C THR A 817 -48.46 0.16 -1.62
N MET A 818 -48.95 1.36 -1.33
CA MET A 818 -50.28 1.53 -0.76
C MET A 818 -50.91 2.79 -1.31
N LEU A 819 -52.24 2.79 -1.40
CA LEU A 819 -53.00 3.94 -1.86
C LEU A 819 -53.54 4.69 -0.66
N VAL A 820 -53.20 5.98 -0.56
CA VAL A 820 -53.63 6.78 0.58
C VAL A 820 -54.16 8.11 0.05
N LYS A 821 -55.05 8.71 0.83
CA LYS A 821 -55.68 9.98 0.47
C LYS A 821 -54.77 11.10 0.94
N GLN A 822 -54.03 11.71 0.01
CA GLN A 822 -53.20 12.86 0.29
C GLN A 822 -53.92 14.11 -0.21
N GLY A 823 -53.85 15.18 0.57
CA GLY A 823 -54.54 16.40 0.21
C GLY A 823 -56.02 16.15 0.05
N ASP A 824 -56.49 16.17 -1.21
CA ASP A 824 -57.88 15.88 -1.53
C ASP A 824 -58.04 14.78 -2.56
N ASP A 825 -56.96 14.07 -2.92
CA ASP A 825 -57.02 13.01 -3.90
C ASP A 825 -56.16 11.85 -3.45
N TYR A 826 -56.37 10.69 -4.07
CA TYR A 826 -55.66 9.48 -3.69
C TYR A 826 -54.36 9.36 -4.50
N VAL A 827 -53.28 8.99 -3.82
CA VAL A 827 -51.99 8.80 -4.46
C VAL A 827 -51.33 7.56 -3.88
N TYR A 828 -50.39 7.03 -4.65
CA TYR A 828 -49.63 5.84 -4.27
C TYR A 828 -48.42 6.26 -3.47
N LEU A 829 -48.13 5.54 -2.39
CA LEU A 829 -46.96 5.76 -1.58
C LEU A 829 -46.18 4.46 -1.44
N PRO A 830 -44.85 4.50 -1.58
CA PRO A 830 -44.05 3.31 -1.28
C PRO A 830 -43.56 3.29 0.16
N TYR A 831 -43.78 2.19 0.85
CA TYR A 831 -43.27 2.01 2.20
C TYR A 831 -42.41 0.76 2.28
N PRO A 832 -41.33 0.79 3.08
CA PRO A 832 -40.45 -0.38 3.14
C PRO A 832 -40.90 -1.38 4.19
N ASP A 833 -40.31 -2.56 4.17
CA ASP A 833 -40.59 -3.55 5.21
C ASP A 833 -40.13 -3.00 6.55
N PRO A 834 -41.00 -2.88 7.55
CA PRO A 834 -40.55 -2.23 8.80
C PRO A 834 -39.36 -2.91 9.43
N SER A 835 -39.23 -4.22 9.24
CA SER A 835 -38.08 -4.93 9.80
C SER A 835 -36.78 -4.32 9.31
N ARG A 836 -36.72 -3.97 8.03
CA ARG A 836 -35.50 -3.38 7.48
C ARG A 836 -35.16 -2.06 8.15
N ILE A 837 -36.16 -1.20 8.35
CA ILE A 837 -35.89 0.09 8.97
C ILE A 837 -35.46 -0.09 10.42
N LEU A 838 -36.14 -0.97 11.15
CA LEU A 838 -35.74 -1.19 12.54
C LEU A 838 -34.33 -1.77 12.60
N GLY A 839 -33.99 -2.67 11.68
CA GLY A 839 -32.63 -3.21 11.66
C GLY A 839 -31.60 -2.13 11.39
N ALA A 840 -31.86 -1.26 10.42
CA ALA A 840 -30.95 -0.16 10.17
C ALA A 840 -30.85 0.77 11.37
N GLY A 841 -31.92 0.85 12.17
CA GLY A 841 -31.86 1.65 13.38
C GLY A 841 -31.02 1.01 14.47
N CYS A 842 -31.11 -0.31 14.60
CA CYS A 842 -30.43 -0.99 15.70
C CYS A 842 -28.99 -1.33 15.39
N PHE A 843 -28.75 -1.99 14.26
CA PHE A 843 -27.42 -2.47 13.89
C PHE A 843 -26.78 -1.49 12.93
N VAL A 844 -25.51 -1.17 13.18
CA VAL A 844 -24.75 -0.26 12.32
C VAL A 844 -23.43 -0.94 11.98
N ASP A 845 -22.85 -0.53 10.86
CA ASP A 845 -21.68 -1.20 10.31
C ASP A 845 -20.37 -0.64 10.84
N ASP A 846 -20.42 0.36 11.73
CA ASP A 846 -19.19 0.90 12.29
C ASP A 846 -19.48 1.40 13.70
N ILE A 847 -18.46 1.34 14.54
CA ILE A 847 -18.66 1.63 15.96
C ILE A 847 -19.09 3.08 16.18
N VAL A 848 -18.47 4.05 15.50
CA VAL A 848 -18.76 5.46 15.77
C VAL A 848 -20.21 5.81 15.54
N LYS A 849 -20.90 5.12 14.64
CA LYS A 849 -22.32 5.35 14.41
C LYS A 849 -23.17 4.95 15.61
N THR A 850 -22.60 4.21 16.56
CA THR A 850 -23.32 3.79 17.75
C THR A 850 -23.66 4.94 18.70
N ASP A 851 -22.88 6.02 18.68
CA ASP A 851 -23.12 7.10 19.62
C ASP A 851 -24.49 7.73 19.40
N GLY A 852 -24.90 7.87 18.15
CA GLY A 852 -26.20 8.43 17.84
C GLY A 852 -26.19 9.94 17.79
N THR A 853 -25.86 10.57 18.92
CA THR A 853 -25.80 12.03 18.94
C THR A 853 -24.90 12.57 17.84
N LEU A 854 -23.81 11.85 17.54
CA LEU A 854 -22.96 12.25 16.43
C LEU A 854 -23.68 12.14 15.09
N MET A 855 -24.69 11.29 15.00
CA MET A 855 -25.41 11.03 13.75
C MET A 855 -26.90 11.27 13.98
N ILE A 856 -27.32 12.52 13.78
CA ILE A 856 -28.75 12.82 13.71
C ILE A 856 -29.25 12.70 12.28
N GLU A 857 -28.42 13.02 11.30
CA GLU A 857 -28.84 12.92 9.91
C GLU A 857 -29.20 11.49 9.54
N ARG A 858 -28.54 10.51 10.15
CA ARG A 858 -28.87 9.12 9.90
C ARG A 858 -30.33 8.84 10.22
N PHE A 859 -30.77 9.21 11.41
CA PHE A 859 -32.14 8.95 11.80
C PHE A 859 -33.12 9.83 11.05
N VAL A 860 -32.69 11.04 10.65
CA VAL A 860 -33.55 11.86 9.81
C VAL A 860 -33.82 11.15 8.49
N SER A 861 -32.77 10.60 7.87
CA SER A 861 -32.96 9.90 6.62
C SER A 861 -33.83 8.66 6.79
N LEU A 862 -33.60 7.91 7.87
CA LEU A 862 -34.41 6.72 8.11
C LEU A 862 -35.87 7.10 8.29
N ALA A 863 -36.15 8.17 9.04
CA ALA A 863 -37.52 8.62 9.20
C ALA A 863 -38.11 9.07 7.87
N ILE A 864 -37.32 9.74 7.03
CA ILE A 864 -37.82 10.13 5.72
C ILE A 864 -38.24 8.89 4.93
N ASP A 865 -37.42 7.84 5.00
CA ASP A 865 -37.76 6.60 4.31
C ASP A 865 -39.00 5.95 4.90
N ALA A 866 -39.19 6.04 6.22
CA ALA A 866 -40.24 5.31 6.90
C ALA A 866 -41.54 6.10 7.07
N TYR A 867 -41.57 7.36 6.63
CA TYR A 867 -42.78 8.16 6.86
C TYR A 867 -44.05 7.50 6.38
N PRO A 868 -44.12 6.90 5.19
CA PRO A 868 -45.41 6.37 4.71
C PRO A 868 -46.02 5.33 5.63
N LEU A 869 -45.25 4.75 6.53
CA LEU A 869 -45.81 3.74 7.43
C LEU A 869 -46.89 4.32 8.34
N THR A 870 -46.89 5.63 8.57
CA THR A 870 -47.92 6.21 9.43
C THR A 870 -49.32 5.96 8.89
N LYS A 871 -49.47 5.90 7.57
CA LYS A 871 -50.78 5.73 6.96
C LYS A 871 -51.20 4.26 6.88
N HIS A 872 -50.35 3.34 7.30
CA HIS A 872 -50.69 1.93 7.23
C HIS A 872 -51.80 1.60 8.23
N PRO A 873 -52.78 0.77 7.86
CA PRO A 873 -53.84 0.46 8.82
C PRO A 873 -53.35 -0.24 10.08
N ASN A 874 -52.32 -1.08 9.98
CA ASN A 874 -51.81 -1.80 11.14
C ASN A 874 -51.07 -0.82 12.06
N GLN A 875 -51.52 -0.73 13.31
CA GLN A 875 -50.95 0.26 14.22
C GLN A 875 -49.48 -0.01 14.49
N GLU A 876 -49.09 -1.27 14.67
CA GLU A 876 -47.70 -1.57 14.96
C GLU A 876 -46.79 -1.14 13.82
N TYR A 877 -47.29 -1.16 12.59
CA TYR A 877 -46.53 -0.54 11.51
C TYR A 877 -46.37 0.96 11.72
N ALA A 878 -47.46 1.64 12.05
CA ALA A 878 -47.42 3.10 12.19
C ALA A 878 -46.51 3.52 13.33
N ASP A 879 -46.38 2.72 14.38
CA ASP A 879 -45.60 3.13 15.53
C ASP A 879 -44.11 3.27 15.24
N VAL A 880 -43.62 2.70 14.14
CA VAL A 880 -42.20 2.83 13.82
C VAL A 880 -41.83 4.29 13.59
N PHE A 881 -42.65 5.01 12.83
CA PHE A 881 -42.34 6.41 12.55
C PHE A 881 -42.33 7.22 13.82
N HIS A 882 -43.32 7.02 14.70
CA HIS A 882 -43.34 7.76 15.95
C HIS A 882 -42.15 7.38 16.82
N LEU A 883 -41.72 6.11 16.78
CA LEU A 883 -40.52 5.73 17.50
C LEU A 883 -39.32 6.53 17.01
N TYR A 884 -39.16 6.63 15.69
CA TYR A 884 -38.01 7.36 15.16
C TYR A 884 -38.09 8.84 15.50
N LEU A 885 -39.28 9.42 15.46
CA LEU A 885 -39.44 10.83 15.81
C LEU A 885 -39.09 11.08 17.27
N GLN A 886 -39.66 10.29 18.19
CA GLN A 886 -39.35 10.48 19.59
C GLN A 886 -37.88 10.24 19.86
N TYR A 887 -37.29 9.26 19.18
CA TYR A 887 -35.86 8.99 19.37
C TYR A 887 -35.01 10.15 18.88
N ILE A 888 -35.37 10.75 17.75
CA ILE A 888 -34.63 11.91 17.26
C ILE A 888 -34.74 13.04 18.27
N ARG A 889 -35.94 13.25 18.83
CA ARG A 889 -36.09 14.28 19.85
C ARG A 889 -35.20 14.00 21.05
N LYS A 890 -35.13 12.73 21.48
CA LYS A 890 -34.32 12.41 22.64
C LYS A 890 -32.84 12.63 22.38
N LEU A 891 -32.36 12.24 21.20
CA LEU A 891 -30.98 12.57 20.84
C LEU A 891 -30.74 14.07 20.80
N HIS A 892 -31.68 14.84 20.27
CA HIS A 892 -31.45 16.28 20.28
C HIS A 892 -31.32 16.79 21.70
N ASP A 893 -32.20 16.32 22.60
CA ASP A 893 -32.13 16.78 23.99
C ASP A 893 -30.81 16.38 24.63
N GLU A 894 -30.39 15.13 24.43
CA GLU A 894 -29.15 14.67 25.04
C GLU A 894 -27.94 15.38 24.46
N LEU A 895 -27.95 15.65 23.15
CA LEU A 895 -26.87 16.39 22.53
C LEU A 895 -26.78 17.80 23.11
N THR A 896 -27.92 18.46 23.29
CA THR A 896 -27.89 19.77 23.92
C THR A 896 -27.36 19.69 25.34
N GLY A 897 -27.76 18.65 26.09
CA GLY A 897 -27.26 18.51 27.44
C GLY A 897 -25.75 18.34 27.48
N HIS A 898 -25.23 17.44 26.64
CA HIS A 898 -23.78 17.23 26.60
C HIS A 898 -23.05 18.49 26.14
N MET A 899 -23.63 19.19 25.16
CA MET A 899 -23.01 20.41 24.68
C MET A 899 -22.96 21.46 25.78
N LEU A 900 -24.03 21.58 26.56
CA LEU A 900 -24.06 22.53 27.65
C LEU A 900 -23.21 22.07 28.83
N ASP A 901 -22.83 20.79 28.85
CA ASP A 901 -21.93 20.32 29.90
C ASP A 901 -20.47 20.61 29.52
N MET A 902 -20.10 20.33 28.27
CA MET A 902 -18.73 20.61 27.83
C MET A 902 -18.48 22.09 27.64
N TYR A 903 -19.51 22.92 27.74
CA TYR A 903 -19.39 24.37 27.68
C TYR A 903 -20.40 24.95 28.65
N SER A 904 -20.72 26.23 28.51
CA SER A 904 -21.78 26.83 29.31
C SER A 904 -22.70 27.72 28.49
N VAL A 905 -22.65 27.62 27.16
CA VAL A 905 -23.51 28.39 26.28
C VAL A 905 -24.18 27.44 25.29
N MET A 906 -25.50 27.55 25.18
CA MET A 906 -26.26 26.73 24.26
C MET A 906 -26.28 27.39 22.88
N LEU A 907 -26.29 26.55 21.84
CA LEU A 907 -26.11 27.05 20.49
C LEU A 907 -27.19 28.07 20.12
N THR A 908 -26.74 29.22 19.62
CA THR A 908 -27.68 30.30 19.31
C THR A 908 -28.65 29.87 18.22
N ASN A 909 -28.15 29.32 17.13
CA ASN A 909 -28.96 28.89 16.00
C ASN A 909 -29.20 27.40 16.12
N ASP A 910 -30.46 27.01 16.29
CA ASP A 910 -30.85 25.61 16.43
C ASP A 910 -32.15 25.40 15.67
N ASN A 911 -32.04 24.95 14.42
CA ASN A 911 -33.20 24.69 13.58
C ASN A 911 -33.62 23.22 13.64
N THR A 912 -33.00 22.45 14.52
CA THR A 912 -33.31 21.03 14.64
C THR A 912 -34.76 20.78 15.03
N SER A 913 -35.45 21.78 15.56
CA SER A 913 -36.83 21.57 16.01
C SER A 913 -37.74 21.12 14.89
N ARG A 914 -37.38 21.37 13.63
CA ARG A 914 -38.22 20.95 12.53
C ARG A 914 -38.05 19.47 12.18
N TYR A 915 -37.03 18.80 12.71
CA TYR A 915 -36.78 17.41 12.37
C TYR A 915 -37.65 16.43 13.13
N TRP A 916 -38.29 16.85 14.23
CA TRP A 916 -39.24 16.00 14.93
C TRP A 916 -40.67 16.47 14.74
N GLU A 917 -40.98 17.11 13.61
CA GLU A 917 -42.34 17.46 13.24
C GLU A 917 -42.72 16.73 11.96
N PRO A 918 -43.88 16.06 11.90
CA PRO A 918 -44.21 15.26 10.70
C PRO A 918 -44.35 16.08 9.43
N GLU A 919 -44.60 17.39 9.51
CA GLU A 919 -44.79 18.17 8.30
C GLU A 919 -43.59 18.14 7.38
N PHE A 920 -42.38 18.27 7.93
CA PHE A 920 -41.19 18.23 7.10
C PHE A 920 -41.10 16.95 6.30
N TYR A 921 -41.45 15.82 6.92
CA TYR A 921 -41.47 14.56 6.19
C TYR A 921 -42.64 14.46 5.23
N GLU A 922 -43.82 14.94 5.63
CA GLU A 922 -44.97 14.91 4.72
C GLU A 922 -44.65 15.64 3.43
N ALA A 923 -43.84 16.70 3.50
CA ALA A 923 -43.51 17.44 2.30
C ALA A 923 -42.74 16.60 1.28
N MET A 924 -41.94 15.63 1.72
CA MET A 924 -41.18 14.81 0.78
C MET A 924 -42.05 13.97 -0.12
N TYR A 925 -43.30 13.70 0.27
CA TYR A 925 -44.22 12.91 -0.55
C TYR A 925 -45.38 13.74 -1.06
N THR A 926 -45.11 14.97 -1.49
CA THR A 926 -46.10 15.82 -2.12
C THR A 926 -45.58 16.25 -3.49
N PRO A 927 -46.41 16.32 -4.52
CA PRO A 927 -45.87 16.48 -5.88
C PRO A 927 -45.40 17.88 -6.20
N HIS A 928 -45.43 18.79 -5.22
CA HIS A 928 -45.18 20.20 -5.54
C HIS A 928 -43.81 20.42 -6.13
N THR A 929 -42.76 19.87 -5.52
CA THR A 929 -41.41 20.08 -6.02
C THR A 929 -41.21 19.27 -7.30
N PHE B 7 -5.76 47.60 1.66
CA PHE B 7 -6.78 48.63 1.84
C PHE B 7 -6.17 49.90 2.42
N SER B 8 -5.89 49.86 3.73
CA SER B 8 -5.31 51.02 4.40
C SER B 8 -3.98 51.45 3.77
N SER B 9 -3.28 50.53 3.12
CA SER B 9 -2.01 50.87 2.50
C SER B 9 -2.19 51.90 1.39
N LEU B 10 -3.27 51.79 0.61
CA LEU B 10 -3.45 52.67 -0.52
C LEU B 10 -3.67 54.11 -0.04
N PRO B 11 -3.24 55.11 -0.83
CA PRO B 11 -3.42 56.50 -0.41
C PRO B 11 -4.86 56.95 -0.35
N SER B 12 -5.80 56.18 -0.88
CA SER B 12 -7.21 56.57 -0.79
C SER B 12 -7.64 56.69 0.67
N TYR B 13 -7.14 55.80 1.52
CA TYR B 13 -7.45 55.88 2.95
C TYR B 13 -6.97 57.20 3.53
N ALA B 14 -5.75 57.61 3.19
CA ALA B 14 -5.23 58.88 3.69
C ALA B 14 -6.03 60.06 3.15
N ALA B 15 -6.40 60.02 1.86
CA ALA B 15 -7.20 61.10 1.29
C ALA B 15 -8.54 61.22 2.01
N PHE B 16 -9.21 60.09 2.24
CA PHE B 16 -10.47 60.11 2.97
C PHE B 16 -10.26 60.64 4.37
N ALA B 17 -9.19 60.21 5.05
CA ALA B 17 -8.95 60.66 6.42
C ALA B 17 -8.73 62.16 6.48
N THR B 18 -7.93 62.71 5.56
CA THR B 18 -7.67 64.15 5.60
C THR B 18 -8.92 64.94 5.23
N ALA B 19 -9.70 64.45 4.26
CA ALA B 19 -10.95 65.13 3.94
C ALA B 19 -11.89 65.13 5.13
N GLN B 20 -12.00 64.00 5.82
CA GLN B 20 -12.86 63.92 7.01
C GLN B 20 -12.35 64.85 8.11
N GLU B 21 -11.04 64.91 8.30
CA GLU B 21 -10.48 65.80 9.31
C GLU B 21 -10.77 67.25 8.98
N ALA B 22 -10.62 67.64 7.72
CA ALA B 22 -10.94 69.01 7.32
C ALA B 22 -12.42 69.30 7.53
N TYR B 23 -13.29 68.35 7.19
CA TYR B 23 -14.72 68.55 7.38
C TYR B 23 -15.04 68.75 8.86
N GLU B 24 -14.45 67.93 9.73
CA GLU B 24 -14.69 68.07 11.16
C GLU B 24 -14.17 69.39 11.69
N GLN B 25 -12.97 69.81 11.24
CA GLN B 25 -12.42 71.07 11.68
C GLN B 25 -13.32 72.23 11.27
N ALA B 26 -13.81 72.19 10.03
CA ALA B 26 -14.73 73.24 9.57
C ALA B 26 -16.03 73.23 10.37
N VAL B 27 -16.57 72.04 10.65
CA VAL B 27 -17.84 71.97 11.39
C VAL B 27 -17.66 72.53 12.80
N ALA B 28 -16.62 72.09 13.50
CA ALA B 28 -16.37 72.59 14.86
C ALA B 28 -15.97 74.06 14.83
N ASN B 29 -15.42 74.53 13.71
CA ASN B 29 -15.03 75.93 13.57
C ASN B 29 -16.16 76.82 13.07
N GLY B 30 -17.36 76.27 12.90
CA GLY B 30 -18.49 77.06 12.43
C GLY B 30 -18.32 77.58 11.03
N ASP B 31 -17.88 76.72 10.11
CA ASP B 31 -17.77 77.11 8.71
C ASP B 31 -19.16 77.38 8.13
N SER B 32 -19.20 78.24 7.11
CA SER B 32 -20.45 78.63 6.51
C SER B 32 -21.09 77.44 5.80
N GLU B 33 -22.39 77.58 5.50
CA GLU B 33 -23.13 76.50 4.86
C GLU B 33 -22.54 76.15 3.49
N VAL B 34 -22.19 77.17 2.70
CA VAL B 34 -21.60 76.91 1.39
C VAL B 34 -20.30 76.15 1.54
N VAL B 35 -19.48 76.54 2.52
CA VAL B 35 -18.25 75.80 2.78
C VAL B 35 -18.57 74.41 3.32
N LEU B 36 -19.59 74.30 4.17
CA LEU B 36 -19.93 73.00 4.75
C LEU B 36 -20.33 72.01 3.65
N LYS B 37 -21.15 72.45 2.70
CA LYS B 37 -21.54 71.56 1.61
C LYS B 37 -20.33 71.17 0.76
N LYS B 38 -19.43 72.12 0.51
CA LYS B 38 -18.25 71.83 -0.31
C LYS B 38 -17.43 70.71 0.29
N LEU B 39 -17.12 70.80 1.58
CA LEU B 39 -16.32 69.77 2.23
C LEU B 39 -17.07 68.44 2.29
N LYS B 40 -18.37 68.47 2.59
CA LYS B 40 -19.15 67.24 2.62
C LYS B 40 -19.15 66.58 1.24
N LYS B 41 -19.37 67.36 0.19
CA LYS B 41 -19.29 66.82 -1.16
C LYS B 41 -17.88 66.29 -1.44
N SER B 42 -16.86 67.04 -1.02
CA SER B 42 -15.49 66.56 -1.14
C SER B 42 -15.30 65.29 -0.33
N LEU B 43 -15.88 65.22 0.87
CA LEU B 43 -15.77 64.02 1.68
C LEU B 43 -16.41 62.83 0.97
N ASN B 44 -17.57 63.04 0.34
CA ASN B 44 -18.24 61.95 -0.35
C ASN B 44 -17.37 61.37 -1.46
N VAL B 45 -16.86 62.23 -2.35
CA VAL B 45 -16.05 61.74 -3.45
C VAL B 45 -14.78 61.07 -2.92
N ALA B 46 -14.19 61.62 -1.87
CA ALA B 46 -13.05 60.96 -1.24
C ALA B 46 -13.45 59.59 -0.70
N LYS B 47 -14.61 59.53 -0.03
CA LYS B 47 -15.12 58.25 0.41
C LYS B 47 -15.47 57.34 -0.76
N SER B 48 -15.97 57.91 -1.86
CA SER B 48 -16.32 57.12 -3.03
C SER B 48 -15.10 56.37 -3.55
N GLU B 49 -13.98 57.06 -3.68
CA GLU B 49 -12.76 56.39 -4.14
C GLU B 49 -12.28 55.38 -3.11
N PHE B 50 -12.43 55.68 -1.82
CA PHE B 50 -11.92 54.79 -0.79
C PHE B 50 -12.57 53.42 -0.86
N ASP B 51 -13.90 53.39 -1.03
CA ASP B 51 -14.58 52.09 -1.15
C ASP B 51 -14.36 51.48 -2.52
N ARG B 52 -14.25 52.29 -3.56
CA ARG B 52 -14.13 51.76 -4.91
C ARG B 52 -12.92 50.86 -5.05
N ASP B 53 -11.75 51.32 -4.58
CA ASP B 53 -10.56 50.51 -4.63
C ASP B 53 -10.46 49.53 -3.46
N ALA B 54 -11.32 49.68 -2.46
CA ALA B 54 -11.37 48.70 -1.37
C ALA B 54 -12.05 47.42 -1.83
N ALA B 55 -13.14 47.56 -2.59
CA ALA B 55 -13.91 46.40 -3.01
C ALA B 55 -13.08 45.47 -3.88
N MET B 56 -12.32 46.03 -4.82
CA MET B 56 -11.51 45.21 -5.70
C MET B 56 -10.55 44.33 -4.93
N GLN B 57 -10.15 44.76 -3.73
CA GLN B 57 -9.28 43.92 -2.91
C GLN B 57 -9.94 42.59 -2.58
N ARG B 58 -11.23 42.60 -2.26
CA ARG B 58 -11.93 41.37 -1.95
C ARG B 58 -11.80 40.38 -3.10
N LYS B 59 -11.97 40.85 -4.33
CA LYS B 59 -11.76 39.99 -5.49
C LYS B 59 -10.30 39.52 -5.55
N LEU B 60 -9.36 40.42 -5.26
CA LEU B 60 -7.95 40.08 -5.40
C LEU B 60 -7.57 38.93 -4.47
N GLU B 61 -7.63 39.16 -3.16
CA GLU B 61 -7.24 38.11 -2.22
C GLU B 61 -8.10 36.87 -2.40
N LYS B 62 -9.39 37.04 -2.71
CA LYS B 62 -10.19 35.90 -3.09
C LYS B 62 -9.57 35.20 -4.29
N MET B 63 -9.26 35.96 -5.35
CA MET B 63 -8.69 35.37 -6.55
C MET B 63 -7.38 34.65 -6.24
N ALA B 64 -6.52 35.25 -5.43
CA ALA B 64 -5.24 34.64 -5.12
C ALA B 64 -5.43 33.28 -4.45
N ASP B 65 -6.42 33.17 -3.56
CA ASP B 65 -6.59 31.93 -2.81
C ASP B 65 -6.89 30.75 -3.74
N GLN B 66 -7.79 30.95 -4.71
CA GLN B 66 -8.04 29.87 -5.67
C GLN B 66 -6.77 29.52 -6.44
N ALA B 67 -6.01 30.54 -6.85
CA ALA B 67 -4.73 30.28 -7.49
C ALA B 67 -3.84 29.41 -6.62
N MET B 68 -3.65 29.81 -5.35
CA MET B 68 -2.91 28.97 -4.43
C MET B 68 -3.52 27.59 -4.31
N THR B 69 -4.82 27.50 -4.04
CA THR B 69 -5.45 26.19 -3.93
C THR B 69 -5.33 25.43 -5.25
N GLN B 70 -5.63 26.08 -6.36
CA GLN B 70 -5.43 25.46 -7.66
C GLN B 70 -3.98 25.06 -7.84
N MET B 71 -3.06 25.99 -7.57
CA MET B 71 -1.65 25.74 -7.81
C MET B 71 -1.05 24.84 -6.73
N TYR B 72 -1.65 24.83 -5.53
CA TYR B 72 -1.38 23.72 -4.61
C TYR B 72 -1.81 22.40 -5.24
N LYS B 73 -3.05 22.33 -5.73
CA LYS B 73 -3.58 21.07 -6.23
C LYS B 73 -2.76 20.56 -7.40
N GLN B 74 -2.50 21.41 -8.39
CA GLN B 74 -1.73 20.98 -9.55
C GLN B 74 -0.34 20.53 -9.13
N ALA B 75 0.30 21.30 -8.24
CA ALA B 75 1.59 20.88 -7.71
C ALA B 75 1.46 19.58 -6.93
N ARG B 76 0.40 19.46 -6.14
CA ARG B 76 0.22 18.24 -5.35
C ARG B 76 0.07 17.03 -6.24
N SER B 77 -0.69 17.16 -7.33
CA SER B 77 -0.95 16.01 -8.19
C SER B 77 0.33 15.47 -8.81
N GLU B 78 1.11 16.34 -9.45
CA GLU B 78 2.30 15.89 -10.16
C GLU B 78 3.29 15.23 -9.22
N ASP B 79 3.45 15.79 -8.02
CA ASP B 79 4.32 15.19 -7.02
C ASP B 79 3.89 13.76 -6.75
N LYS B 80 2.59 13.51 -6.72
CA LYS B 80 2.07 12.17 -6.54
C LYS B 80 2.16 11.33 -7.81
N ARG B 81 2.11 11.97 -8.97
CA ARG B 81 2.23 11.25 -10.24
C ARG B 81 3.58 10.56 -10.37
N ALA B 82 4.66 11.27 -10.03
CA ALA B 82 5.99 10.67 -10.13
C ALA B 82 6.13 9.48 -9.19
N LYS B 83 5.61 9.59 -7.98
CA LYS B 83 5.73 8.50 -7.02
C LYS B 83 5.05 7.25 -7.54
N VAL B 84 3.82 7.39 -8.06
CA VAL B 84 3.10 6.22 -8.55
C VAL B 84 3.77 5.67 -9.80
N THR B 85 4.29 6.53 -10.68
CA THR B 85 4.99 6.03 -11.85
C THR B 85 6.22 5.21 -11.46
N SER B 86 7.00 5.72 -10.50
CA SER B 86 8.17 4.98 -10.05
C SER B 86 7.76 3.66 -9.41
N ALA B 87 6.70 3.67 -8.61
CA ALA B 87 6.23 2.43 -8.00
C ALA B 87 5.83 1.42 -9.07
N MET B 88 5.12 1.87 -10.10
CA MET B 88 4.69 0.94 -11.14
C MET B 88 5.88 0.37 -11.89
N GLN B 89 6.87 1.22 -12.21
CA GLN B 89 8.06 0.70 -12.89
C GLN B 89 8.79 -0.32 -12.03
N THR B 90 8.95 -0.02 -10.74
CA THR B 90 9.61 -0.97 -9.86
C THR B 90 8.84 -2.28 -9.80
N MET B 91 7.51 -2.21 -9.73
CA MET B 91 6.71 -3.43 -9.71
C MET B 91 6.91 -4.23 -10.97
N LEU B 92 6.89 -3.57 -12.12
CA LEU B 92 7.06 -4.28 -13.39
C LEU B 92 8.41 -4.97 -13.45
N PHE B 93 9.48 -4.26 -13.07
CA PHE B 93 10.81 -4.87 -13.15
C PHE B 93 10.98 -6.00 -12.15
N THR B 94 10.47 -5.84 -10.93
CA THR B 94 10.56 -6.91 -9.95
C THR B 94 9.83 -8.15 -10.44
N MET B 95 8.64 -7.96 -11.03
CA MET B 95 7.93 -9.10 -11.59
C MET B 95 8.69 -9.72 -12.76
N LEU B 96 9.38 -8.90 -13.56
CA LEU B 96 10.21 -9.43 -14.62
C LEU B 96 11.27 -10.38 -14.08
N ARG B 97 11.96 -9.97 -13.01
CA ARG B 97 13.06 -10.78 -12.51
C ARG B 97 12.59 -12.13 -12.02
N LYS B 98 11.29 -12.32 -11.79
CA LYS B 98 10.78 -13.61 -11.36
C LYS B 98 10.63 -14.61 -12.51
N LEU B 99 10.70 -14.15 -13.75
CA LEU B 99 10.42 -15.02 -14.89
C LEU B 99 11.45 -16.14 -15.00
N ASP B 100 10.97 -17.33 -15.38
CA ASP B 100 11.82 -18.44 -15.76
C ASP B 100 12.15 -18.27 -17.24
N ASN B 101 13.28 -17.62 -17.51
CA ASN B 101 13.61 -17.27 -18.89
C ASN B 101 13.79 -18.52 -19.75
N ASP B 102 14.41 -19.56 -19.21
CA ASP B 102 14.72 -20.74 -20.00
C ASP B 102 13.45 -21.40 -20.54
N ALA B 103 12.60 -21.89 -19.64
CA ALA B 103 11.40 -22.60 -20.07
C ALA B 103 10.46 -21.68 -20.84
N LEU B 104 10.37 -20.43 -20.41
CA LEU B 104 9.52 -19.48 -21.12
C LEU B 104 9.97 -19.34 -22.57
N ASN B 105 11.27 -19.15 -22.78
CA ASN B 105 11.79 -19.04 -24.14
C ASN B 105 11.55 -20.32 -24.92
N ASN B 106 11.75 -21.47 -24.29
CA ASN B 106 11.57 -22.74 -24.98
C ASN B 106 10.14 -22.90 -25.47
N ILE B 107 9.17 -22.60 -24.60
CA ILE B 107 7.78 -22.74 -25.02
C ILE B 107 7.38 -21.68 -26.05
N ILE B 108 7.84 -20.44 -25.88
CA ILE B 108 7.36 -19.37 -26.75
C ILE B 108 8.01 -19.44 -28.13
N ASN B 109 9.22 -19.99 -28.23
CA ASN B 109 9.83 -20.17 -29.54
C ASN B 109 9.15 -21.28 -30.32
N ASN B 110 8.63 -22.29 -29.64
CA ASN B 110 7.88 -23.34 -30.33
C ASN B 110 6.60 -22.80 -30.96
N ALA B 111 6.09 -21.68 -30.47
CA ALA B 111 4.89 -21.09 -31.05
C ALA B 111 5.13 -20.72 -32.51
N ARG B 112 4.19 -21.11 -33.37
CA ARG B 112 4.33 -20.83 -34.79
C ARG B 112 4.40 -19.33 -35.05
N ASP B 113 3.53 -18.55 -34.42
CA ASP B 113 3.49 -17.12 -34.60
C ASP B 113 4.12 -16.35 -33.44
N GLY B 114 4.79 -17.03 -32.51
CA GLY B 114 5.34 -16.36 -31.35
C GLY B 114 4.32 -15.84 -30.37
N CYS B 115 3.12 -16.39 -30.37
CA CYS B 115 2.05 -15.98 -29.46
C CYS B 115 1.41 -17.23 -28.87
N VAL B 116 1.21 -17.23 -27.55
CA VAL B 116 0.64 -18.39 -26.87
C VAL B 116 -0.44 -17.93 -25.90
N PRO B 117 -1.45 -18.75 -25.61
CA PRO B 117 -2.45 -18.36 -24.62
C PRO B 117 -1.83 -18.18 -23.25
N LEU B 118 -2.35 -17.22 -22.50
CA LEU B 118 -1.80 -16.93 -21.18
C LEU B 118 -2.01 -18.10 -20.23
N ASN B 119 -3.11 -18.83 -20.39
CA ASN B 119 -3.47 -19.85 -19.42
C ASN B 119 -2.44 -20.96 -19.30
N ILE B 120 -1.54 -21.09 -20.29
CA ILE B 120 -0.52 -22.12 -20.24
C ILE B 120 0.85 -21.58 -19.84
N ILE B 121 1.00 -20.25 -19.75
CA ILE B 121 2.30 -19.70 -19.34
C ILE B 121 2.72 -20.22 -17.97
N PRO B 122 1.88 -20.21 -16.94
CA PRO B 122 2.28 -20.82 -15.67
C PRO B 122 2.34 -22.33 -15.79
N LEU B 123 1.31 -22.90 -16.40
CA LEU B 123 1.13 -24.34 -16.41
C LEU B 123 2.30 -25.07 -17.03
N THR B 124 3.09 -24.39 -17.86
CA THR B 124 4.26 -25.00 -18.47
C THR B 124 5.58 -24.38 -18.03
N THR B 125 5.57 -23.35 -17.19
CA THR B 125 6.81 -22.71 -16.75
C THR B 125 6.88 -22.43 -15.26
N ALA B 126 5.75 -22.34 -14.55
CA ALA B 126 5.81 -22.01 -13.13
C ALA B 126 6.63 -23.05 -12.38
N ALA B 127 7.54 -22.57 -11.54
CA ALA B 127 8.42 -23.46 -10.80
C ALA B 127 7.86 -23.88 -9.45
N LYS B 128 6.74 -23.30 -9.02
CA LYS B 128 6.15 -23.60 -7.73
C LYS B 128 4.65 -23.80 -7.90
N LEU B 129 4.14 -24.90 -7.34
CA LEU B 129 2.73 -25.27 -7.44
C LEU B 129 2.10 -25.18 -6.06
N MET B 130 0.99 -24.46 -5.98
CA MET B 130 0.18 -24.37 -4.78
C MET B 130 -1.12 -25.12 -5.03
N VAL B 131 -1.44 -26.06 -4.14
CA VAL B 131 -2.71 -26.79 -4.22
C VAL B 131 -3.47 -26.50 -2.94
N VAL B 132 -4.70 -26.04 -3.09
CA VAL B 132 -5.59 -25.78 -1.96
C VAL B 132 -6.60 -26.92 -1.89
N ILE B 133 -6.70 -27.55 -0.74
CA ILE B 133 -7.46 -28.78 -0.58
C ILE B 133 -8.50 -28.56 0.53
N PRO B 134 -9.77 -28.91 0.32
CA PRO B 134 -10.78 -28.59 1.34
C PRO B 134 -10.91 -29.65 2.43
N ASP B 135 -10.59 -30.92 2.13
CA ASP B 135 -10.80 -31.99 3.09
C ASP B 135 -9.84 -33.13 2.79
N TYR B 136 -9.95 -34.19 3.59
CA TYR B 136 -9.00 -35.30 3.49
C TYR B 136 -9.21 -36.14 2.24
N ASN B 137 -10.46 -36.36 1.83
CA ASN B 137 -10.69 -37.19 0.66
C ASN B 137 -10.05 -36.58 -0.58
N THR B 138 -10.24 -35.28 -0.78
CA THR B 138 -9.62 -34.62 -1.92
C THR B 138 -8.10 -34.67 -1.82
N TYR B 139 -7.57 -34.49 -0.61
CA TYR B 139 -6.14 -34.65 -0.40
C TYR B 139 -5.65 -35.99 -0.91
N LYS B 140 -6.29 -37.06 -0.45
CA LYS B 140 -5.85 -38.40 -0.82
C LYS B 140 -5.97 -38.61 -2.32
N ASN B 141 -7.06 -38.12 -2.91
CA ASN B 141 -7.27 -38.30 -4.35
C ASN B 141 -6.20 -37.57 -5.17
N THR B 142 -5.88 -36.33 -4.78
CA THR B 142 -5.08 -35.48 -5.65
C THR B 142 -3.58 -35.58 -5.41
N CYS B 143 -3.13 -35.49 -4.16
CA CYS B 143 -1.70 -35.32 -3.90
C CYS B 143 -1.25 -36.19 -2.74
N ASP B 144 -1.67 -37.44 -2.73
CA ASP B 144 -1.20 -38.37 -1.72
C ASP B 144 0.29 -38.64 -1.90
N GLY B 145 1.02 -38.68 -0.78
CA GLY B 145 2.44 -38.95 -0.80
C GLY B 145 3.29 -37.69 -0.88
N THR B 146 4.60 -37.90 -0.83
CA THR B 146 5.55 -36.79 -0.89
C THR B 146 5.79 -36.29 -2.32
N THR B 147 5.35 -37.03 -3.33
CA THR B 147 5.43 -36.58 -4.71
C THR B 147 4.14 -36.97 -5.41
N PHE B 148 3.79 -36.20 -6.44
CA PHE B 148 2.57 -36.47 -7.19
C PHE B 148 2.72 -35.94 -8.60
N THR B 149 1.65 -36.09 -9.38
CA THR B 149 1.64 -35.73 -10.79
C THR B 149 0.53 -34.73 -11.06
N TYR B 150 0.83 -33.70 -11.83
CA TYR B 150 -0.18 -32.76 -12.28
C TYR B 150 0.34 -32.04 -13.52
N ALA B 151 -0.58 -31.68 -14.41
CA ALA B 151 -0.24 -30.96 -15.63
C ALA B 151 0.81 -31.71 -16.44
N SER B 152 0.70 -33.04 -16.45
CA SER B 152 1.66 -33.89 -17.17
C SER B 152 3.09 -33.62 -16.72
N ALA B 153 3.25 -33.36 -15.42
CA ALA B 153 4.55 -33.11 -14.84
C ALA B 153 4.58 -33.67 -13.43
N LEU B 154 5.79 -33.87 -12.91
CA LEU B 154 6.00 -34.45 -11.60
C LEU B 154 6.40 -33.35 -10.62
N TRP B 155 5.71 -33.29 -9.48
CA TRP B 155 6.01 -32.34 -8.43
C TRP B 155 6.32 -33.09 -7.15
N GLU B 156 7.13 -32.47 -6.29
CA GLU B 156 7.47 -33.02 -4.99
C GLU B 156 7.05 -32.03 -3.91
N ILE B 157 6.41 -32.55 -2.87
CA ILE B 157 5.93 -31.69 -1.78
C ILE B 157 7.13 -31.14 -1.03
N GLN B 158 7.12 -29.84 -0.76
CA GLN B 158 8.13 -29.25 0.11
C GLN B 158 7.53 -28.59 1.33
N GLN B 159 6.26 -28.23 1.31
CA GLN B 159 5.67 -27.61 2.50
C GLN B 159 4.16 -27.84 2.51
N VAL B 160 3.59 -27.86 3.70
CA VAL B 160 2.15 -27.96 3.89
C VAL B 160 1.77 -27.07 5.06
N VAL B 161 0.76 -26.23 4.86
CA VAL B 161 0.30 -25.31 5.89
C VAL B 161 -1.22 -25.38 5.97
N ASP B 162 -1.75 -24.96 7.11
CA ASP B 162 -3.18 -24.90 7.34
C ASP B 162 -3.68 -23.49 7.09
N ALA B 163 -4.98 -23.28 7.34
CA ALA B 163 -5.55 -21.96 7.13
C ALA B 163 -4.89 -20.90 8.01
N ASP B 164 -4.29 -21.30 9.13
CA ASP B 164 -3.65 -20.37 10.04
C ASP B 164 -2.18 -20.14 9.71
N SER B 165 -1.69 -20.66 8.58
CA SER B 165 -0.29 -20.51 8.20
C SER B 165 0.62 -21.18 9.22
N LYS B 166 0.18 -22.32 9.76
CA LYS B 166 0.96 -23.14 10.65
C LYS B 166 1.47 -24.37 9.92
N ILE B 167 2.75 -24.68 10.10
CA ILE B 167 3.33 -25.83 9.42
C ILE B 167 2.65 -27.10 9.88
N VAL B 168 2.52 -28.06 8.98
CA VAL B 168 1.91 -29.35 9.26
C VAL B 168 2.79 -30.44 8.67
N GLN B 169 3.06 -31.48 9.45
CA GLN B 169 3.83 -32.61 8.98
C GLN B 169 2.94 -33.55 8.18
N LEU B 170 3.53 -34.18 7.17
CA LEU B 170 2.75 -35.05 6.29
C LEU B 170 2.10 -36.20 7.05
N SER B 171 2.80 -36.81 8.00
CA SER B 171 2.21 -37.89 8.78
C SER B 171 0.95 -37.45 9.51
N GLU B 172 0.84 -36.18 9.85
CA GLU B 172 -0.34 -35.67 10.56
C GLU B 172 -1.59 -35.66 9.70
N ILE B 173 -1.45 -35.73 8.38
CA ILE B 173 -2.60 -35.70 7.48
C ILE B 173 -3.07 -37.13 7.32
N SER B 174 -3.94 -37.56 8.22
CA SER B 174 -4.49 -38.91 8.24
C SER B 174 -5.99 -38.84 8.40
N MET B 175 -6.67 -39.94 8.05
CA MET B 175 -8.13 -39.97 8.14
C MET B 175 -8.60 -39.65 9.54
N ASP B 176 -8.02 -40.29 10.56
CA ASP B 176 -8.46 -40.07 11.93
C ASP B 176 -8.09 -38.70 12.44
N ASN B 177 -6.97 -38.14 12.01
CA ASN B 177 -6.52 -36.84 12.46
C ASN B 177 -7.15 -35.69 11.69
N SER B 178 -7.96 -35.98 10.67
CA SER B 178 -8.52 -34.92 9.85
C SER B 178 -9.29 -33.88 10.64
N PRO B 179 -10.18 -34.23 11.58
CA PRO B 179 -10.94 -33.19 12.28
C PRO B 179 -10.07 -32.21 13.04
N ASN B 180 -8.85 -32.58 13.41
CA ASN B 180 -7.97 -31.73 14.19
C ASN B 180 -7.21 -30.72 13.34
N LEU B 181 -7.32 -30.79 12.02
CA LEU B 181 -6.60 -29.91 11.13
C LEU B 181 -7.49 -28.77 10.67
N ALA B 182 -6.92 -27.56 10.64
CA ALA B 182 -7.67 -26.37 10.27
C ALA B 182 -7.74 -26.29 8.74
N TRP B 183 -8.68 -27.05 8.18
CA TRP B 183 -8.86 -27.05 6.74
C TRP B 183 -9.30 -25.67 6.27
N PRO B 184 -9.04 -25.32 5.00
CA PRO B 184 -8.36 -26.09 3.97
C PRO B 184 -6.85 -26.09 4.12
N LEU B 185 -6.18 -27.03 3.46
CA LEU B 185 -4.73 -27.13 3.51
C LEU B 185 -4.13 -26.55 2.24
N ILE B 186 -3.09 -25.75 2.40
CA ILE B 186 -2.33 -25.20 1.28
C ILE B 186 -1.02 -25.97 1.23
N VAL B 187 -0.81 -26.73 0.17
CA VAL B 187 0.40 -27.52 0.01
C VAL B 187 1.22 -26.94 -1.14
N THR B 188 2.49 -26.69 -0.88
CA THR B 188 3.40 -26.06 -1.83
C THR B 188 4.45 -27.07 -2.25
N ALA B 189 4.61 -27.24 -3.56
CA ALA B 189 5.52 -28.21 -4.15
C ALA B 189 6.33 -27.55 -5.25
N LEU B 190 7.39 -28.24 -5.66
CA LEU B 190 8.32 -27.73 -6.66
C LEU B 190 8.29 -28.61 -7.89
N ARG B 191 8.71 -28.05 -9.03
CA ARG B 191 8.80 -28.82 -10.26
C ARG B 191 10.08 -29.66 -10.24
N ALA B 192 10.00 -30.88 -10.75
CA ALA B 192 11.15 -31.76 -10.80
C ALA B 192 11.66 -31.90 -12.23
N SER C 6 -40.50 -9.62 25.62
CA SER C 6 -39.42 -9.67 24.59
C SER C 6 -38.23 -10.47 25.09
N LYS C 7 -38.08 -11.68 24.57
CA LYS C 7 -36.96 -12.55 24.90
C LYS C 7 -36.21 -13.05 23.67
N MET C 8 -36.87 -13.11 22.52
CA MET C 8 -36.20 -13.53 21.30
C MET C 8 -35.19 -12.48 20.85
N SER C 9 -35.67 -11.26 20.55
CA SER C 9 -34.78 -10.21 20.07
C SER C 9 -33.65 -9.92 21.03
N ASP C 10 -33.89 -10.05 22.33
CA ASP C 10 -32.82 -9.83 23.29
C ASP C 10 -31.70 -10.85 23.10
N VAL C 11 -32.05 -12.12 22.93
CA VAL C 11 -31.03 -13.14 22.68
C VAL C 11 -30.33 -12.87 21.36
N LYS C 12 -31.08 -12.49 20.33
CA LYS C 12 -30.47 -12.22 19.04
C LYS C 12 -29.45 -11.09 19.13
N CYS C 13 -29.78 -9.99 19.80
CA CYS C 13 -28.83 -8.90 19.98
C CYS C 13 -27.65 -9.30 20.84
N THR C 14 -27.89 -10.06 21.91
CA THR C 14 -26.79 -10.55 22.73
C THR C 14 -25.83 -11.38 21.88
N SER C 15 -26.35 -12.13 20.92
CA SER C 15 -25.48 -12.90 20.05
C SER C 15 -24.54 -11.99 19.25
N VAL C 16 -25.08 -10.91 18.69
CA VAL C 16 -24.25 -10.00 17.92
C VAL C 16 -23.18 -9.38 18.81
N VAL C 17 -23.58 -8.94 20.01
CA VAL C 17 -22.62 -8.33 20.91
C VAL C 17 -21.53 -9.32 21.30
N LEU C 18 -21.93 -10.56 21.60
CA LEU C 18 -20.95 -11.57 21.99
C LEU C 18 -19.99 -11.87 20.85
N LEU C 19 -20.49 -12.01 19.63
CA LEU C 19 -19.60 -12.28 18.52
C LEU C 19 -18.65 -11.12 18.28
N SER C 20 -19.14 -9.88 18.42
CA SER C 20 -18.23 -8.74 18.29
C SER C 20 -17.14 -8.79 19.35
N VAL C 21 -17.51 -9.11 20.59
CA VAL C 21 -16.52 -9.19 21.66
C VAL C 21 -15.49 -10.26 21.34
N LEU C 22 -15.94 -11.41 20.85
CA LEU C 22 -15.01 -12.46 20.46
C LEU C 22 -14.09 -11.99 19.35
N GLN C 23 -14.63 -11.26 18.38
CA GLN C 23 -13.82 -10.75 17.29
C GLN C 23 -12.73 -9.83 17.80
N GLN C 24 -13.07 -8.97 18.77
CA GLN C 24 -12.08 -8.04 19.30
C GLN C 24 -10.97 -8.77 20.05
N LEU C 25 -11.19 -10.04 20.39
CA LEU C 25 -10.17 -10.84 21.06
C LEU C 25 -9.29 -11.60 20.09
N ARG C 26 -9.38 -11.31 18.79
CA ARG C 26 -8.52 -11.92 17.78
C ARG C 26 -8.69 -13.44 17.74
N VAL C 27 -9.89 -13.92 18.07
CA VAL C 27 -10.20 -15.31 17.82
C VAL C 27 -10.28 -15.59 16.34
N GLU C 28 -10.43 -14.54 15.52
CA GLU C 28 -10.53 -14.69 14.08
C GLU C 28 -9.29 -15.36 13.50
N SER C 29 -8.15 -15.27 14.19
CA SER C 29 -6.93 -15.91 13.67
C SER C 29 -7.10 -17.42 13.61
N SER C 30 -7.69 -18.02 14.63
CA SER C 30 -7.91 -19.46 14.67
C SER C 30 -9.11 -19.78 13.78
N SER C 31 -8.83 -20.20 12.55
CA SER C 31 -9.90 -20.35 11.57
C SER C 31 -10.91 -21.40 12.01
N LYS C 32 -10.44 -22.53 12.54
CA LYS C 32 -11.36 -23.59 12.92
C LYS C 32 -12.34 -23.10 13.98
N LEU C 33 -11.85 -22.38 14.99
CA LEU C 33 -12.71 -21.86 16.04
C LEU C 33 -13.64 -20.77 15.50
N TRP C 34 -13.10 -19.88 14.67
CA TRP C 34 -13.93 -18.81 14.12
C TRP C 34 -15.05 -19.35 13.27
N ALA C 35 -14.81 -20.45 12.54
CA ALA C 35 -15.87 -21.05 11.74
C ALA C 35 -17.02 -21.51 12.63
N GLN C 36 -16.72 -22.17 13.74
CA GLN C 36 -17.77 -22.59 14.65
C GLN C 36 -18.49 -21.39 15.24
N CYS C 37 -17.74 -20.35 15.63
CA CYS C 37 -18.38 -19.18 16.20
C CYS C 37 -19.35 -18.53 15.21
N VAL C 38 -18.92 -18.34 13.96
CA VAL C 38 -19.77 -17.68 12.99
C VAL C 38 -20.96 -18.56 12.64
N GLN C 39 -20.75 -19.88 12.56
CA GLN C 39 -21.86 -20.78 12.31
C GLN C 39 -22.91 -20.68 13.41
N LEU C 40 -22.47 -20.68 14.66
CA LEU C 40 -23.40 -20.55 15.77
C LEU C 40 -24.13 -19.22 15.71
N HIS C 41 -23.41 -18.14 15.44
CA HIS C 41 -24.04 -16.83 15.41
C HIS C 41 -25.11 -16.77 14.32
N ASN C 42 -24.76 -17.23 13.10
CA ASN C 42 -25.72 -17.21 12.01
C ASN C 42 -26.93 -18.07 12.32
N ASP C 43 -26.73 -19.26 12.88
CA ASP C 43 -27.86 -20.09 13.24
C ASP C 43 -28.73 -19.44 14.31
N ILE C 44 -28.12 -18.78 15.30
CA ILE C 44 -28.90 -18.12 16.33
C ILE C 44 -29.77 -17.02 15.72
N LEU C 45 -29.20 -16.21 14.82
CA LEU C 45 -30.00 -15.14 14.23
C LEU C 45 -31.18 -15.71 13.45
N LEU C 46 -30.98 -16.80 12.73
CA LEU C 46 -32.05 -17.43 11.96
C LEU C 46 -32.75 -18.50 12.80
N ALA C 47 -33.20 -18.10 13.98
CA ALA C 47 -33.80 -19.01 14.95
C ALA C 47 -35.24 -18.63 15.20
N LYS C 48 -36.10 -19.64 15.37
CA LYS C 48 -37.50 -19.43 15.71
C LYS C 48 -37.85 -19.89 17.12
N ASP C 49 -37.19 -20.93 17.62
CA ASP C 49 -37.50 -21.50 18.92
C ASP C 49 -36.54 -20.97 19.98
N THR C 50 -37.08 -20.70 21.17
CA THR C 50 -36.28 -20.15 22.24
C THR C 50 -35.31 -21.16 22.83
N THR C 51 -35.72 -22.41 22.98
CA THR C 51 -34.83 -23.41 23.57
C THR C 51 -33.59 -23.60 22.72
N GLU C 52 -33.77 -23.80 21.41
CA GLU C 52 -32.63 -24.00 20.52
C GLU C 52 -31.74 -22.76 20.51
N ALA C 53 -32.34 -21.58 20.48
CA ALA C 53 -31.56 -20.36 20.49
C ALA C 53 -30.71 -20.26 21.75
N PHE C 54 -31.31 -20.58 22.90
CA PHE C 54 -30.54 -20.51 24.15
C PHE C 54 -29.45 -21.55 24.20
N GLU C 55 -29.70 -22.75 23.66
CA GLU C 55 -28.65 -23.76 23.61
C GLU C 55 -27.48 -23.28 22.77
N LYS C 56 -27.76 -22.70 21.61
CA LYS C 56 -26.68 -22.18 20.78
C LYS C 56 -25.98 -21.00 21.46
N MET C 57 -26.73 -20.18 22.20
CA MET C 57 -26.11 -19.10 22.96
C MET C 57 -25.14 -19.65 23.99
N VAL C 58 -25.53 -20.72 24.68
CA VAL C 58 -24.65 -21.34 25.66
C VAL C 58 -23.39 -21.85 24.96
N SER C 59 -23.58 -22.54 23.82
CA SER C 59 -22.43 -23.05 23.10
C SER C 59 -21.48 -21.93 22.72
N LEU C 60 -22.01 -20.83 22.18
CA LEU C 60 -21.16 -19.71 21.82
C LEU C 60 -20.45 -19.11 23.02
N LEU C 61 -21.18 -18.77 24.08
CA LEU C 61 -20.56 -18.15 25.24
C LEU C 61 -19.51 -19.06 25.87
N SER C 62 -19.65 -20.37 25.66
CA SER C 62 -18.59 -21.27 26.10
C SER C 62 -17.27 -20.92 25.43
N VAL C 63 -17.30 -20.42 24.20
CA VAL C 63 -16.06 -20.02 23.54
C VAL C 63 -15.41 -18.87 24.30
N LEU C 64 -16.19 -17.85 24.66
CA LEU C 64 -15.63 -16.73 25.40
C LEU C 64 -15.08 -17.20 26.74
N LEU C 65 -15.80 -18.07 27.43
CA LEU C 65 -15.33 -18.55 28.72
C LEU C 65 -14.10 -19.43 28.60
N SER C 66 -13.91 -20.12 27.47
CA SER C 66 -12.81 -21.08 27.35
C SER C 66 -11.45 -20.42 27.48
N MET C 67 -11.24 -19.27 26.84
CA MET C 67 -9.94 -18.60 26.86
C MET C 67 -9.77 -17.89 28.20
N GLN C 68 -8.85 -18.40 29.02
CA GLN C 68 -8.70 -17.90 30.38
C GLN C 68 -8.11 -16.49 30.40
N GLY C 69 -7.05 -16.26 29.64
CA GLY C 69 -6.33 -15.01 29.72
C GLY C 69 -6.89 -13.85 28.94
N ALA C 70 -8.03 -14.04 28.28
CA ALA C 70 -8.59 -12.97 27.45
C ALA C 70 -9.25 -11.88 28.30
N VAL C 71 -10.25 -12.26 29.09
CA VAL C 71 -11.04 -11.32 29.87
C VAL C 71 -11.02 -11.74 31.32
N ASP C 72 -11.33 -10.80 32.20
CA ASP C 72 -11.49 -11.06 33.63
C ASP C 72 -12.97 -11.15 33.93
N ILE C 73 -13.48 -12.37 34.06
CA ILE C 73 -14.90 -12.56 34.33
C ILE C 73 -15.26 -11.93 35.66
N ASN C 74 -14.36 -12.03 36.64
CA ASN C 74 -14.64 -11.47 37.97
C ASN C 74 -14.97 -9.99 37.89
N LYS C 75 -14.00 -9.17 37.46
CA LYS C 75 -14.18 -7.73 37.49
C LYS C 75 -15.40 -7.30 36.69
N LEU C 76 -15.61 -7.91 35.52
CA LEU C 76 -16.78 -7.56 34.73
C LEU C 76 -18.06 -7.89 35.47
N CYS C 77 -18.14 -9.06 36.08
CA CYS C 77 -19.32 -9.44 36.84
C CYS C 77 -19.60 -8.52 38.02
N GLU C 78 -18.57 -8.16 38.79
CA GLU C 78 -18.77 -7.16 39.84
C GLU C 78 -18.75 -5.77 39.22
N SER D 8 -30.09 45.21 21.63
CA SER D 8 -29.13 44.10 21.58
C SER D 8 -27.99 44.31 22.56
N SER D 9 -28.04 45.39 23.34
CA SER D 9 -27.02 45.70 24.34
C SER D 9 -25.64 45.80 23.70
N LEU D 10 -25.49 46.77 22.80
CA LEU D 10 -24.22 47.06 22.16
C LEU D 10 -24.26 48.49 21.65
N PRO D 11 -23.09 49.14 21.53
CA PRO D 11 -23.08 50.61 21.36
C PRO D 11 -23.79 51.09 20.11
N SER D 12 -23.57 50.40 18.98
CA SER D 12 -24.26 50.77 17.76
C SER D 12 -25.77 50.71 17.94
N TYR D 13 -26.25 49.72 18.70
CA TYR D 13 -27.67 49.69 19.01
C TYR D 13 -28.09 50.87 19.86
N ALA D 14 -27.22 51.33 20.77
CA ALA D 14 -27.55 52.52 21.55
C ALA D 14 -27.71 53.73 20.64
N ALA D 15 -26.79 53.90 19.69
CA ALA D 15 -26.90 55.02 18.75
C ALA D 15 -28.17 54.91 17.92
N PHE D 16 -28.45 53.73 17.39
CA PHE D 16 -29.64 53.55 16.57
C PHE D 16 -30.90 53.80 17.40
N ALA D 17 -30.92 53.34 18.65
CA ALA D 17 -32.10 53.48 19.48
C ALA D 17 -32.34 54.93 19.86
N THR D 18 -31.28 55.68 20.20
CA THR D 18 -31.47 57.08 20.51
C THR D 18 -31.92 57.86 19.27
N ALA D 19 -31.37 57.53 18.10
CA ALA D 19 -31.85 58.17 16.88
C ALA D 19 -33.32 57.84 16.63
N GLN D 20 -33.70 56.58 16.83
CA GLN D 20 -35.09 56.19 16.62
C GLN D 20 -36.02 56.91 17.59
N GLU D 21 -35.61 57.05 18.85
CA GLU D 21 -36.41 57.76 19.83
C GLU D 21 -36.54 59.23 19.47
N ALA D 22 -35.44 59.84 19.01
CA ALA D 22 -35.51 61.24 18.57
C ALA D 22 -36.47 61.39 17.41
N TYR D 23 -36.41 60.47 16.45
CA TYR D 23 -37.34 60.53 15.31
C TYR D 23 -38.78 60.32 15.76
N GLU D 24 -39.01 59.42 16.70
CA GLU D 24 -40.37 59.21 17.20
C GLU D 24 -40.90 60.46 17.88
N GLN D 25 -40.08 61.10 18.71
CA GLN D 25 -40.51 62.35 19.35
C GLN D 25 -40.77 63.43 18.30
N ALA D 26 -39.89 63.54 17.31
CA ALA D 26 -40.09 64.54 16.28
C ALA D 26 -41.39 64.33 15.53
N VAL D 27 -41.61 63.11 15.01
CA VAL D 27 -42.85 62.84 14.29
C VAL D 27 -44.06 62.97 15.19
N ALA D 28 -43.90 62.75 16.50
CA ALA D 28 -44.98 63.05 17.43
C ALA D 28 -45.29 64.55 17.41
N ASN D 29 -44.25 65.39 17.41
CA ASN D 29 -44.46 66.82 17.21
C ASN D 29 -44.61 67.11 15.72
N GLY D 30 -43.56 66.88 14.95
CA GLY D 30 -43.65 66.82 13.50
C GLY D 30 -44.28 68.02 12.84
N ASP D 31 -43.92 69.22 13.27
CA ASP D 31 -44.55 70.41 12.71
C ASP D 31 -44.25 70.54 11.23
N SER D 32 -43.00 70.85 10.88
CA SER D 32 -42.55 70.85 9.50
C SER D 32 -41.11 71.37 9.46
N GLU D 33 -40.39 71.06 8.38
CA GLU D 33 -40.50 69.81 7.63
C GLU D 33 -39.10 69.29 7.27
N VAL D 34 -38.16 70.21 7.10
CA VAL D 34 -36.81 69.85 6.71
C VAL D 34 -36.09 69.13 7.85
N VAL D 35 -36.34 69.58 9.09
CA VAL D 35 -35.75 68.91 10.25
C VAL D 35 -36.18 67.45 10.28
N LEU D 36 -37.43 67.19 9.94
CA LEU D 36 -37.93 65.81 9.97
C LEU D 36 -37.21 64.94 8.96
N LYS D 37 -37.00 65.46 7.73
CA LYS D 37 -36.30 64.68 6.73
C LYS D 37 -34.83 64.49 7.10
N LYS D 38 -34.21 65.53 7.66
CA LYS D 38 -32.82 65.39 8.11
C LYS D 38 -32.70 64.32 9.18
N LEU D 39 -33.63 64.32 10.13
CA LEU D 39 -33.61 63.29 11.17
C LEU D 39 -33.88 61.92 10.59
N LYS D 40 -34.74 61.82 9.57
CA LYS D 40 -34.96 60.56 8.89
C LYS D 40 -33.66 60.06 8.26
N LYS D 41 -32.92 60.96 7.62
CA LYS D 41 -31.64 60.58 7.03
C LYS D 41 -30.66 60.11 8.09
N SER D 42 -30.58 60.83 9.21
CA SER D 42 -29.68 60.44 10.28
C SER D 42 -30.06 59.06 10.82
N LEU D 43 -31.35 58.81 10.99
CA LEU D 43 -31.81 57.51 11.43
C LEU D 43 -31.43 56.43 10.43
N ASN D 44 -31.60 56.71 9.14
CA ASN D 44 -31.27 55.72 8.12
C ASN D 44 -29.80 55.36 8.18
N VAL D 45 -28.92 56.36 8.27
CA VAL D 45 -27.49 56.06 8.29
C VAL D 45 -27.11 55.32 9.57
N ALA D 46 -27.66 55.74 10.72
CA ALA D 46 -27.35 55.04 11.96
C ALA D 46 -27.82 53.60 11.92
N LYS D 47 -29.02 53.36 11.40
CA LYS D 47 -29.53 52.00 11.29
C LYS D 47 -28.67 51.18 10.34
N SER D 48 -28.22 51.80 9.25
CA SER D 48 -27.32 51.09 8.34
C SER D 48 -26.04 50.68 9.05
N GLU D 49 -25.45 51.58 9.83
CA GLU D 49 -24.22 51.24 10.54
C GLU D 49 -24.47 50.13 11.56
N PHE D 50 -25.59 50.21 12.27
CA PHE D 50 -25.93 49.14 13.21
C PHE D 50 -26.11 47.81 12.51
N ASP D 51 -26.75 47.81 11.34
CA ASP D 51 -26.92 46.58 10.60
C ASP D 51 -25.58 46.02 10.13
N ARG D 52 -24.67 46.91 9.70
CA ARG D 52 -23.31 46.47 9.43
C ARG D 52 -22.75 45.74 10.64
N ASP D 53 -22.83 46.36 11.82
CA ASP D 53 -22.26 45.75 13.01
C ASP D 53 -22.89 44.39 13.29
N ALA D 54 -24.22 44.29 13.12
CA ALA D 54 -24.90 43.04 13.43
C ALA D 54 -24.49 41.94 12.45
N ALA D 55 -24.24 42.29 11.20
CA ALA D 55 -23.98 41.28 10.18
C ALA D 55 -22.76 40.43 10.52
N MET D 56 -21.59 41.07 10.65
CA MET D 56 -20.39 40.27 10.89
C MET D 56 -20.40 39.67 12.29
N GLN D 57 -21.12 40.28 13.23
CA GLN D 57 -21.28 39.66 14.55
C GLN D 57 -22.00 38.32 14.42
N ARG D 58 -23.10 38.30 13.66
CA ARG D 58 -23.79 37.05 13.40
C ARG D 58 -22.90 36.05 12.68
N LYS D 59 -22.14 36.53 11.69
CA LYS D 59 -21.26 35.63 10.95
C LYS D 59 -20.22 35.01 11.88
N LEU D 60 -19.62 35.82 12.75
CA LEU D 60 -18.61 35.31 13.67
C LEU D 60 -19.21 34.32 14.65
N GLU D 61 -20.40 34.64 15.18
CA GLU D 61 -21.03 33.70 16.10
C GLU D 61 -21.37 32.39 15.42
N LYS D 62 -21.82 32.45 14.17
CA LYS D 62 -22.07 31.23 13.40
C LYS D 62 -20.79 30.42 13.27
N MET D 63 -19.70 31.07 12.85
CA MET D 63 -18.42 30.36 12.77
C MET D 63 -18.05 29.73 14.10
N ALA D 64 -18.33 30.41 15.20
CA ALA D 64 -18.10 29.81 16.52
C ALA D 64 -18.93 28.55 16.69
N ASP D 65 -20.18 28.57 16.21
CA ASP D 65 -21.01 27.38 16.31
C ASP D 65 -20.43 26.22 15.52
N GLN D 66 -19.97 26.47 14.28
CA GLN D 66 -19.28 25.43 13.54
C GLN D 66 -18.08 24.91 14.32
N ALA D 67 -17.30 25.81 14.91
CA ALA D 67 -16.12 25.38 15.65
C ALA D 67 -16.50 24.45 16.79
N MET D 68 -17.49 24.85 17.59
CA MET D 68 -17.89 24.02 18.72
C MET D 68 -18.39 22.66 18.25
N THR D 69 -19.26 22.65 17.25
CA THR D 69 -19.80 21.38 16.79
C THR D 69 -18.70 20.47 16.25
N GLN D 70 -17.81 21.02 15.43
CA GLN D 70 -16.74 20.20 14.84
C GLN D 70 -15.83 19.64 15.91
N MET D 71 -15.40 20.46 16.86
CA MET D 71 -14.48 19.96 17.88
C MET D 71 -15.17 18.96 18.78
N TYR D 72 -16.45 19.17 19.10
CA TYR D 72 -17.16 18.19 19.90
C TYR D 72 -17.27 16.85 19.17
N LYS D 73 -17.60 16.90 17.87
CA LYS D 73 -17.68 15.65 17.10
C LYS D 73 -16.34 14.93 17.12
N GLN D 74 -15.25 15.66 16.87
CA GLN D 74 -13.94 15.02 16.83
C GLN D 74 -13.60 14.40 18.18
N ALA D 75 -13.85 15.16 19.26
CA ALA D 75 -13.50 14.67 20.59
C ALA D 75 -14.28 13.41 20.93
N ARG D 76 -15.59 13.43 20.74
CA ARG D 76 -16.39 12.27 21.08
C ARG D 76 -16.05 11.08 20.18
N SER D 77 -15.80 11.32 18.90
CA SER D 77 -15.45 10.23 18.00
C SER D 77 -14.16 9.56 18.44
N GLU D 78 -13.12 10.34 18.71
CA GLU D 78 -11.85 9.75 19.11
C GLU D 78 -11.99 9.05 20.46
N ASP D 79 -12.75 9.64 21.39
CA ASP D 79 -12.94 9.01 22.68
C ASP D 79 -13.63 7.65 22.53
N LYS D 80 -14.73 7.61 21.76
CA LYS D 80 -15.44 6.35 21.59
C LYS D 80 -14.59 5.31 20.89
N ARG D 81 -13.85 5.72 19.85
CA ARG D 81 -12.99 4.77 19.15
C ARG D 81 -11.92 4.22 20.07
N ALA D 82 -11.31 5.06 20.90
CA ALA D 82 -10.25 4.58 21.79
C ALA D 82 -10.78 3.57 22.80
N LYS D 83 -11.89 3.89 23.46
CA LYS D 83 -12.48 3.04 24.48
C LYS D 83 -13.65 2.29 23.88
N VAL D 84 -13.39 1.08 23.37
CA VAL D 84 -14.43 0.27 22.76
C VAL D 84 -14.48 -1.09 23.43
N THR D 85 -13.34 -1.74 23.58
CA THR D 85 -13.31 -3.11 24.09
C THR D 85 -13.98 -3.22 25.46
N SER D 86 -13.58 -2.34 26.39
CA SER D 86 -14.20 -2.37 27.72
C SER D 86 -15.69 -2.08 27.61
N ALA D 87 -16.08 -1.12 26.77
CA ALA D 87 -17.49 -0.83 26.61
C ALA D 87 -18.25 -2.04 26.09
N MET D 88 -17.71 -2.70 25.07
CA MET D 88 -18.41 -3.85 24.51
C MET D 88 -18.52 -4.98 25.53
N GLN D 89 -17.46 -5.23 26.29
CA GLN D 89 -17.53 -6.30 27.29
C GLN D 89 -18.55 -5.98 28.37
N THR D 90 -18.55 -4.73 28.85
CA THR D 90 -19.53 -4.35 29.86
C THR D 90 -20.94 -4.49 29.32
N MET D 91 -21.17 -4.07 28.08
CA MET D 91 -22.48 -4.22 27.47
C MET D 91 -22.87 -5.69 27.37
N LEU D 92 -21.92 -6.53 26.98
CA LEU D 92 -22.20 -7.96 26.86
C LEU D 92 -22.65 -8.53 28.18
N PHE D 93 -21.93 -8.25 29.25
CA PHE D 93 -22.31 -8.84 30.53
C PHE D 93 -23.57 -8.21 31.10
N THR D 94 -23.83 -6.93 30.80
CA THR D 94 -25.11 -6.36 31.17
C THR D 94 -26.26 -7.11 30.51
N MET D 95 -26.11 -7.39 29.22
CA MET D 95 -27.15 -8.14 28.51
C MET D 95 -27.29 -9.54 29.10
N LEU D 96 -26.17 -10.21 29.37
CA LEU D 96 -26.24 -11.56 29.91
C LEU D 96 -26.96 -11.57 31.26
N ARG D 97 -26.65 -10.60 32.12
CA ARG D 97 -27.36 -10.50 33.38
C ARG D 97 -28.85 -10.24 33.15
N LYS D 98 -29.17 -9.43 32.13
CA LYS D 98 -30.58 -9.16 31.85
C LYS D 98 -31.33 -10.40 31.42
N LEU D 99 -30.71 -11.26 30.61
CA LEU D 99 -31.42 -12.41 30.08
C LEU D 99 -31.97 -13.29 31.19
N ASP D 100 -31.16 -13.56 32.21
CA ASP D 100 -31.59 -14.33 33.38
C ASP D 100 -32.00 -15.74 32.98
N ASN D 101 -31.27 -16.31 32.03
CA ASN D 101 -31.41 -17.73 31.75
C ASN D 101 -30.62 -18.54 32.77
N ASP D 102 -31.20 -19.67 33.18
CA ASP D 102 -30.54 -20.49 34.19
C ASP D 102 -29.19 -21.02 33.73
N ALA D 103 -29.13 -21.53 32.50
CA ALA D 103 -27.87 -22.12 32.02
C ALA D 103 -26.77 -21.07 31.94
N LEU D 104 -27.09 -19.90 31.38
CA LEU D 104 -26.08 -18.87 31.25
C LEU D 104 -25.57 -18.42 32.62
N ASN D 105 -26.49 -18.20 33.55
CA ASN D 105 -26.06 -17.80 34.89
C ASN D 105 -25.22 -18.88 35.55
N ASN D 106 -25.60 -20.14 35.36
CA ASN D 106 -24.84 -21.23 35.96
C ASN D 106 -23.42 -21.26 35.41
N ILE D 107 -23.26 -21.20 34.10
CA ILE D 107 -21.91 -21.28 33.54
C ILE D 107 -21.11 -20.03 33.91
N ILE D 108 -21.75 -18.87 33.98
CA ILE D 108 -21.01 -17.67 34.36
C ILE D 108 -20.53 -17.78 35.80
N ASN D 109 -21.40 -18.24 36.70
CA ASN D 109 -20.99 -18.42 38.09
C ASN D 109 -19.84 -19.42 38.19
N ASN D 110 -19.93 -20.53 37.46
CA ASN D 110 -18.86 -21.50 37.46
C ASN D 110 -17.56 -20.89 36.95
N ALA D 111 -17.64 -20.07 35.90
CA ALA D 111 -16.45 -19.38 35.40
C ALA D 111 -15.88 -18.46 36.45
N ARG D 112 -16.73 -17.77 37.21
CA ARG D 112 -16.24 -16.97 38.32
C ARG D 112 -15.47 -17.83 39.30
N ASP D 113 -16.02 -19.00 39.64
CA ASP D 113 -15.33 -19.91 40.54
C ASP D 113 -14.08 -20.52 39.89
N GLY D 114 -13.92 -20.37 38.58
CA GLY D 114 -12.78 -20.92 37.88
C GLY D 114 -13.05 -22.18 37.10
N CYS D 115 -14.31 -22.66 37.10
CA CYS D 115 -14.66 -23.88 36.36
C CYS D 115 -15.09 -23.52 34.94
N VAL D 116 -14.09 -23.38 34.08
CA VAL D 116 -14.31 -22.98 32.69
C VAL D 116 -14.21 -24.21 31.80
N PRO D 117 -14.97 -24.32 30.72
CA PRO D 117 -14.79 -25.42 29.79
C PRO D 117 -13.54 -25.24 28.95
N LEU D 118 -12.93 -26.37 28.60
CA LEU D 118 -11.72 -26.36 27.77
C LEU D 118 -12.02 -26.46 26.29
N ASN D 119 -13.29 -26.59 25.91
CA ASN D 119 -13.69 -26.64 24.51
C ASN D 119 -15.08 -26.05 24.41
N ILE D 120 -15.65 -26.08 23.20
CA ILE D 120 -17.02 -25.63 23.02
C ILE D 120 -17.96 -26.66 23.62
N ILE D 121 -18.89 -26.20 24.44
CA ILE D 121 -19.86 -27.11 25.06
C ILE D 121 -20.70 -27.71 23.94
N PRO D 122 -20.79 -29.03 23.83
CA PRO D 122 -21.54 -29.62 22.72
C PRO D 122 -23.04 -29.67 22.98
N LEU D 123 -23.77 -29.75 21.88
CA LEU D 123 -25.23 -29.87 21.91
C LEU D 123 -25.72 -31.27 21.63
N THR D 124 -25.07 -31.99 20.72
CA THR D 124 -25.51 -33.34 20.39
C THR D 124 -25.35 -34.27 21.59
N THR D 125 -26.30 -35.17 21.73
CA THR D 125 -26.27 -36.13 22.82
C THR D 125 -25.04 -37.03 22.68
N ALA D 126 -24.50 -37.44 23.82
CA ALA D 126 -23.33 -38.32 23.86
C ALA D 126 -22.13 -37.68 23.17
N ALA D 127 -21.95 -36.39 23.41
CA ALA D 127 -20.80 -35.64 22.91
C ALA D 127 -19.87 -35.30 24.06
N LYS D 128 -18.62 -35.00 23.71
CA LYS D 128 -17.52 -34.92 24.68
C LYS D 128 -17.34 -33.50 25.16
N LEU D 129 -17.27 -33.33 26.48
CA LEU D 129 -17.10 -32.03 27.13
C LEU D 129 -15.94 -32.12 28.11
N MET D 130 -15.03 -31.16 28.06
CA MET D 130 -13.93 -31.06 29.01
C MET D 130 -14.06 -29.79 29.84
N VAL D 131 -13.99 -29.92 31.16
CA VAL D 131 -14.07 -28.77 32.05
C VAL D 131 -13.03 -28.91 33.15
N VAL D 132 -12.42 -27.79 33.54
CA VAL D 132 -11.41 -27.79 34.58
C VAL D 132 -12.07 -27.53 35.91
N ILE D 133 -11.63 -28.24 36.94
CA ILE D 133 -12.12 -28.09 38.31
C ILE D 133 -10.93 -27.68 39.18
N PRO D 134 -10.93 -26.48 39.77
CA PRO D 134 -9.75 -26.04 40.53
C PRO D 134 -9.77 -26.39 42.00
N ASP D 135 -10.91 -26.82 42.56
CA ASP D 135 -10.98 -27.12 43.98
C ASP D 135 -12.09 -28.11 44.23
N TYR D 136 -11.96 -28.84 45.35
CA TYR D 136 -12.95 -29.86 45.66
C TYR D 136 -14.31 -29.26 45.97
N ASN D 137 -14.35 -28.01 46.46
CA ASN D 137 -15.62 -27.38 46.75
C ASN D 137 -16.50 -27.33 45.52
N THR D 138 -15.93 -26.91 44.39
CA THR D 138 -16.65 -26.93 43.12
C THR D 138 -17.06 -28.34 42.74
N TYR D 139 -16.16 -29.31 42.90
CA TYR D 139 -16.49 -30.70 42.59
C TYR D 139 -17.72 -31.15 43.36
N LYS D 140 -17.83 -30.76 44.63
CA LYS D 140 -18.95 -31.20 45.46
C LYS D 140 -20.27 -30.69 44.89
N ASN D 141 -20.32 -29.42 44.50
CA ASN D 141 -21.58 -28.87 44.01
C ASN D 141 -21.94 -29.44 42.65
N THR D 142 -20.94 -29.59 41.78
CA THR D 142 -21.22 -29.98 40.40
C THR D 142 -21.25 -31.49 40.22
N CYS D 143 -20.40 -32.22 40.95
CA CYS D 143 -20.26 -33.65 40.78
C CYS D 143 -20.96 -34.37 41.93
N ASP D 144 -21.88 -35.28 41.59
CA ASP D 144 -22.55 -36.13 42.55
C ASP D 144 -22.53 -37.56 42.01
N GLY D 145 -21.87 -38.46 42.73
CA GLY D 145 -21.71 -39.82 42.21
C GLY D 145 -20.99 -39.78 40.88
N THR D 146 -21.56 -40.47 39.89
CA THR D 146 -21.02 -40.47 38.55
C THR D 146 -21.70 -39.45 37.64
N THR D 147 -22.62 -38.66 38.18
CA THR D 147 -23.32 -37.64 37.41
C THR D 147 -22.64 -36.29 37.63
N PHE D 148 -22.74 -35.42 36.63
CA PHE D 148 -22.08 -34.12 36.64
C PHE D 148 -23.05 -33.08 36.12
N THR D 149 -23.40 -32.12 36.98
CA THR D 149 -24.39 -31.10 36.62
C THR D 149 -23.66 -29.86 36.12
N TYR D 150 -24.08 -29.36 34.97
CA TYR D 150 -23.39 -28.23 34.35
C TYR D 150 -24.26 -27.68 33.23
N ALA D 151 -24.30 -26.36 33.12
CA ALA D 151 -25.04 -25.68 32.06
C ALA D 151 -26.49 -26.14 32.01
N SER D 152 -27.08 -26.32 33.19
CA SER D 152 -28.47 -26.78 33.30
C SER D 152 -28.68 -28.08 32.54
N ALA D 153 -27.70 -28.97 32.65
CA ALA D 153 -27.77 -30.27 31.98
C ALA D 153 -26.99 -31.28 32.79
N LEU D 154 -27.33 -32.55 32.59
CA LEU D 154 -26.71 -33.66 33.30
C LEU D 154 -25.77 -34.39 32.34
N TRP D 155 -24.57 -34.72 32.84
CA TRP D 155 -23.51 -35.29 32.03
C TRP D 155 -22.97 -36.52 32.74
N GLU D 156 -22.59 -37.51 31.94
CA GLU D 156 -22.00 -38.74 32.47
C GLU D 156 -20.50 -38.58 32.51
N ILE D 157 -19.94 -38.56 33.72
CA ILE D 157 -18.49 -38.41 33.87
C ILE D 157 -17.80 -39.63 33.29
N GLN D 158 -16.83 -39.40 32.41
CA GLN D 158 -16.07 -40.48 31.77
C GLN D 158 -14.66 -40.60 32.32
N GLN D 159 -13.93 -39.49 32.40
CA GLN D 159 -12.52 -39.54 32.75
C GLN D 159 -12.16 -38.36 33.61
N VAL D 160 -11.24 -38.55 34.56
CA VAL D 160 -10.77 -37.51 35.45
C VAL D 160 -9.25 -37.56 35.47
N VAL D 161 -8.60 -36.44 35.19
CA VAL D 161 -7.15 -36.37 35.12
C VAL D 161 -6.67 -35.18 35.92
N ASP D 162 -5.37 -35.17 36.22
CA ASP D 162 -4.72 -34.12 36.98
C ASP D 162 -3.77 -33.35 36.07
N ALA D 163 -3.05 -32.39 36.67
CA ALA D 163 -2.03 -31.66 35.93
C ALA D 163 -0.93 -32.57 35.40
N ASP D 164 -0.76 -33.75 35.99
CA ASP D 164 0.17 -34.74 35.50
C ASP D 164 -0.45 -35.67 34.47
N SER D 165 -1.72 -35.47 34.11
CA SER D 165 -2.45 -36.31 33.17
C SER D 165 -2.58 -37.75 33.67
N LYS D 166 -2.36 -37.97 34.96
CA LYS D 166 -2.53 -39.30 35.54
C LYS D 166 -4.01 -39.56 35.78
N ILE D 167 -4.49 -40.71 35.31
CA ILE D 167 -5.90 -41.06 35.48
C ILE D 167 -6.22 -41.12 36.97
N VAL D 168 -7.36 -40.56 37.34
CA VAL D 168 -7.83 -40.54 38.72
C VAL D 168 -9.22 -41.14 38.77
N GLN D 169 -9.40 -42.14 39.63
CA GLN D 169 -10.71 -42.75 39.81
C GLN D 169 -11.60 -41.85 40.66
N LEU D 170 -12.91 -42.02 40.48
CA LEU D 170 -13.87 -41.24 41.26
C LEU D 170 -13.74 -41.50 42.75
N SER D 171 -13.24 -42.68 43.14
CA SER D 171 -13.18 -43.05 44.55
C SER D 171 -12.20 -42.18 45.34
N GLU D 172 -11.01 -41.94 44.82
CA GLU D 172 -9.97 -41.26 45.58
C GLU D 172 -10.22 -39.75 45.71
N ILE D 173 -11.32 -39.25 45.17
CA ILE D 173 -11.73 -37.86 45.39
C ILE D 173 -12.56 -37.82 46.66
N SER D 174 -12.05 -37.13 47.68
CA SER D 174 -12.75 -37.03 48.96
C SER D 174 -12.07 -35.93 49.78
N MET D 175 -12.50 -35.80 51.05
CA MET D 175 -11.91 -34.82 51.93
C MET D 175 -10.43 -35.05 52.18
N ASP D 176 -10.01 -36.30 52.36
CA ASP D 176 -8.68 -36.61 52.87
C ASP D 176 -7.66 -36.88 51.78
N ASN D 177 -8.07 -37.48 50.66
CA ASN D 177 -7.12 -37.78 49.59
C ASN D 177 -6.95 -36.61 48.63
N SER D 178 -8.01 -35.84 48.39
CA SER D 178 -7.92 -34.73 47.45
C SER D 178 -6.83 -33.72 47.80
N PRO D 179 -6.60 -33.34 49.08
CA PRO D 179 -5.55 -32.35 49.36
C PRO D 179 -4.18 -32.78 48.89
N ASN D 180 -3.90 -34.08 48.82
CA ASN D 180 -2.62 -34.58 48.34
C ASN D 180 -2.57 -34.70 46.82
N LEU D 181 -3.67 -34.42 46.13
CA LEU D 181 -3.74 -34.60 44.68
C LEU D 181 -3.15 -33.38 43.96
N ALA D 182 -2.85 -33.55 42.68
CA ALA D 182 -2.21 -32.52 41.88
C ALA D 182 -3.26 -31.70 41.14
N TRP D 183 -3.89 -30.80 41.87
CA TRP D 183 -4.88 -29.92 41.27
C TRP D 183 -4.21 -28.96 40.30
N PRO D 184 -4.97 -28.39 39.35
CA PRO D 184 -6.40 -28.55 39.11
C PRO D 184 -6.76 -29.81 38.32
N LEU D 185 -7.93 -30.39 38.59
CA LEU D 185 -8.40 -31.52 37.83
C LEU D 185 -9.00 -31.08 36.50
N ILE D 186 -9.05 -32.02 35.56
CA ILE D 186 -9.78 -31.85 34.30
C ILE D 186 -10.71 -33.04 34.15
N VAL D 187 -11.98 -32.78 33.88
CA VAL D 187 -13.00 -33.81 33.80
C VAL D 187 -13.52 -33.85 32.38
N THR D 188 -13.56 -35.05 31.80
CA THR D 188 -14.14 -35.30 30.50
C THR D 188 -15.42 -36.10 30.70
N ALA D 189 -16.54 -35.56 30.23
CA ALA D 189 -17.85 -36.16 30.41
C ALA D 189 -18.61 -36.16 29.10
N LEU D 190 -19.78 -36.80 29.12
CA LEU D 190 -20.64 -36.94 27.97
C LEU D 190 -22.03 -36.40 28.29
N ARG D 191 -22.65 -35.77 27.30
CA ARG D 191 -24.00 -35.25 27.46
C ARG D 191 -24.98 -36.41 27.60
N ALA D 192 -26.00 -36.22 28.43
CA ALA D 192 -27.02 -37.24 28.64
C ALA D 192 -28.41 -36.65 28.43
N ALA E 5 -9.12 18.53 22.43
CA ALA E 5 -7.85 18.31 23.18
C ALA E 5 -8.07 18.49 24.68
N VAL E 6 -8.84 17.57 25.26
CA VAL E 6 -9.21 17.66 26.66
C VAL E 6 -8.34 16.70 27.47
N GLY E 7 -8.41 16.83 28.79
CA GLY E 7 -7.67 15.96 29.68
C GLY E 7 -8.33 15.92 31.04
N ALA E 8 -7.56 15.41 32.01
CA ALA E 8 -8.04 15.24 33.38
C ALA E 8 -7.17 16.06 34.32
N CYS E 9 -7.80 16.70 35.31
CA CYS E 9 -7.06 17.46 36.29
C CYS E 9 -6.20 16.54 37.14
N VAL E 10 -4.96 16.93 37.37
CA VAL E 10 -3.99 16.02 37.96
C VAL E 10 -4.43 15.57 39.35
N LEU E 11 -4.79 16.52 40.22
CA LEU E 11 -4.97 16.21 41.63
C LEU E 11 -6.43 15.92 41.98
N CYS E 12 -7.34 15.99 41.01
CA CYS E 12 -8.71 15.53 41.23
C CYS E 12 -9.25 14.70 40.09
N ASN E 13 -8.54 14.59 38.97
CA ASN E 13 -8.89 13.65 37.91
C ASN E 13 -10.26 13.93 37.31
N SER E 14 -10.73 15.16 37.47
CA SER E 14 -11.97 15.58 36.84
C SER E 14 -11.68 16.01 35.40
N GLN E 15 -12.69 15.89 34.54
CA GLN E 15 -12.54 16.34 33.17
C GLN E 15 -12.21 17.82 33.13
N THR E 16 -11.24 18.18 32.30
CA THR E 16 -10.79 19.56 32.21
C THR E 16 -10.13 19.78 30.87
N SER E 17 -9.96 21.06 30.54
CA SER E 17 -9.23 21.46 29.34
C SER E 17 -8.30 22.63 29.61
N LEU E 18 -7.94 22.88 30.87
CA LEU E 18 -7.11 24.01 31.25
C LEU E 18 -5.74 23.54 31.72
N ARG E 19 -4.71 24.23 31.24
CA ARG E 19 -3.34 23.88 31.59
C ARG E 19 -2.61 25.15 32.01
N CYS E 20 -1.66 24.98 32.93
CA CYS E 20 -0.86 26.08 33.45
C CYS E 20 0.35 26.31 32.57
N GLY E 21 0.36 27.41 31.82
CA GLY E 21 1.53 27.74 31.02
C GLY E 21 2.77 27.93 31.87
N ALA E 22 2.61 28.57 33.02
CA ALA E 22 3.76 28.78 33.91
C ALA E 22 4.34 27.46 34.39
N CYS E 23 3.52 26.42 34.50
CA CYS E 23 4.06 25.09 34.77
C CYS E 23 4.90 24.63 33.58
N ILE E 24 6.04 24.02 33.89
CA ILE E 24 6.91 23.53 32.83
C ILE E 24 6.21 22.45 32.01
N ARG E 25 5.55 21.52 32.69
CA ARG E 25 4.92 20.39 32.03
C ARG E 25 3.55 20.74 31.45
N ARG E 26 3.01 21.90 31.79
CA ARG E 26 1.71 22.33 31.29
C ARG E 26 0.65 21.27 31.60
N PRO E 27 0.51 20.85 32.85
CA PRO E 27 -0.42 19.77 33.18
C PRO E 27 -1.87 20.22 33.10
N PHE E 28 -2.75 19.23 32.96
CA PHE E 28 -4.18 19.51 32.92
C PHE E 28 -4.71 19.84 34.31
N LEU E 29 -5.47 20.92 34.41
CA LEU E 29 -6.06 21.34 35.67
C LEU E 29 -7.53 21.66 35.46
N CYS E 30 -8.34 21.45 36.50
CA CYS E 30 -9.74 21.82 36.45
C CYS E 30 -9.93 23.26 36.87
N CYS E 31 -11.16 23.76 36.70
CA CYS E 31 -11.44 25.16 36.99
C CYS E 31 -11.13 25.48 38.44
N LYS E 32 -11.63 24.67 39.38
CA LYS E 32 -11.40 24.93 40.79
C LYS E 32 -9.92 24.79 41.13
N CYS E 33 -9.31 23.68 40.70
CA CYS E 33 -7.91 23.46 41.02
C CYS E 33 -7.02 24.50 40.35
N CYS E 34 -7.32 24.86 39.10
CA CYS E 34 -6.55 25.91 38.44
C CYS E 34 -6.70 27.24 39.18
N TYR E 35 -7.91 27.57 39.60
CA TYR E 35 -8.13 28.78 40.38
C TYR E 35 -7.27 28.78 41.63
N ASP E 36 -7.28 27.67 42.38
CA ASP E 36 -6.50 27.61 43.60
C ASP E 36 -5.01 27.74 43.29
N HIS E 37 -4.54 27.09 42.23
CA HIS E 37 -3.13 27.18 41.88
C HIS E 37 -2.73 28.61 41.55
N VAL E 38 -3.46 29.25 40.64
CA VAL E 38 -3.05 30.56 40.17
C VAL E 38 -3.19 31.62 41.26
N ILE E 39 -4.31 31.61 41.99
CA ILE E 39 -4.57 32.68 42.96
C ILE E 39 -3.51 32.77 44.04
N SER E 40 -2.86 31.67 44.38
CA SER E 40 -1.86 31.66 45.45
C SER E 40 -0.44 31.77 44.95
N THR E 41 -0.11 31.15 43.83
CA THR E 41 1.27 31.08 43.35
C THR E 41 1.50 32.14 42.28
N SER E 42 2.77 32.30 41.90
CA SER E 42 3.14 33.22 40.83
C SER E 42 2.61 32.78 39.48
N HIS E 43 2.18 31.53 39.35
CA HIS E 43 1.62 31.05 38.10
C HIS E 43 0.34 31.83 37.79
N LYS E 44 0.35 32.57 36.67
CA LYS E 44 -0.80 33.35 36.26
C LYS E 44 -1.01 33.27 34.75
N LEU E 45 -0.60 32.16 34.14
CA LEU E 45 -0.82 31.92 32.72
C LEU E 45 -1.50 30.57 32.57
N VAL E 46 -2.66 30.55 31.92
CA VAL E 46 -3.47 29.36 31.78
C VAL E 46 -3.72 29.12 30.29
N LEU E 47 -3.64 27.86 29.88
CA LEU E 47 -3.85 27.48 28.49
C LEU E 47 -5.07 26.59 28.38
N SER E 48 -6.12 27.11 27.75
CA SER E 48 -7.28 26.34 27.34
C SER E 48 -7.04 25.85 25.90
N VAL E 49 -8.10 25.40 25.23
CA VAL E 49 -7.99 25.11 23.80
C VAL E 49 -7.39 26.30 23.07
N ASN E 50 -7.69 27.51 23.54
CA ASN E 50 -7.06 28.74 23.08
C ASN E 50 -6.28 29.38 24.22
N PRO E 51 -5.12 29.98 23.97
CA PRO E 51 -4.42 30.70 25.03
C PRO E 51 -5.27 31.86 25.54
N TYR E 52 -5.08 32.18 26.82
CA TYR E 52 -5.84 33.23 27.49
C TYR E 52 -5.14 34.58 27.44
N VAL E 53 -4.30 34.82 26.43
CA VAL E 53 -3.74 36.15 26.23
C VAL E 53 -4.88 37.07 25.77
N CYS E 54 -4.78 38.35 26.10
CA CYS E 54 -5.77 39.32 25.65
C CYS E 54 -5.59 39.54 24.15
N ASN E 55 -6.62 39.22 23.39
CA ASN E 55 -6.54 39.25 21.92
C ASN E 55 -6.86 40.63 21.39
N ALA E 56 -6.20 41.65 21.93
CA ALA E 56 -6.30 43.00 21.42
C ALA E 56 -5.40 43.13 20.19
N PRO E 57 -5.58 44.19 19.38
CA PRO E 57 -4.66 44.38 18.25
C PRO E 57 -3.22 44.43 18.73
N GLY E 58 -2.97 45.20 19.78
CA GLY E 58 -1.74 45.10 20.52
C GLY E 58 -1.99 45.14 22.02
N CYS E 59 -1.68 44.05 22.72
CA CYS E 59 -1.82 44.01 24.17
C CYS E 59 -1.25 42.68 24.67
N ASP E 60 -0.60 42.73 25.82
CA ASP E 60 0.01 41.55 26.44
C ASP E 60 -0.41 41.50 27.91
N VAL E 61 -1.55 40.85 28.17
CA VAL E 61 -2.05 40.62 29.52
C VAL E 61 -2.31 39.13 29.66
N THR E 62 -1.51 38.47 30.50
CA THR E 62 -1.61 37.03 30.70
C THR E 62 -2.25 36.65 32.03
N ASP E 63 -2.26 37.54 33.01
CA ASP E 63 -2.87 37.22 34.30
C ASP E 63 -4.34 36.93 34.11
N VAL E 64 -4.80 35.81 34.67
CA VAL E 64 -6.18 35.38 34.46
C VAL E 64 -7.17 36.29 35.16
N THR E 65 -6.90 36.70 36.40
CA THR E 65 -7.83 37.57 37.10
C THR E 65 -7.93 38.95 36.47
N GLN E 66 -7.02 39.28 35.54
CA GLN E 66 -7.06 40.57 34.88
C GLN E 66 -7.95 40.57 33.62
N LEU E 67 -8.51 39.43 33.25
CA LEU E 67 -9.13 39.27 31.95
C LEU E 67 -10.63 39.05 32.05
N TYR E 68 -11.31 39.24 30.92
CA TYR E 68 -12.73 38.96 30.77
C TYR E 68 -12.94 38.17 29.49
N LEU E 69 -13.95 37.31 29.50
CA LEU E 69 -14.44 36.68 28.28
C LEU E 69 -15.53 37.58 27.72
N GLY E 70 -15.20 38.32 26.67
CA GLY E 70 -16.13 39.25 26.06
C GLY E 70 -16.28 38.95 24.58
N GLY E 71 -17.46 39.26 24.04
CA GLY E 71 -17.68 39.01 22.63
C GLY E 71 -17.45 37.55 22.32
N MET E 72 -16.34 37.26 21.64
CA MET E 72 -15.98 35.90 21.27
C MET E 72 -14.70 35.45 21.96
N SER E 73 -13.89 36.38 22.48
CA SER E 73 -12.53 36.04 22.90
C SER E 73 -12.26 36.67 24.25
N TYR E 74 -11.02 36.50 24.72
CA TYR E 74 -10.59 36.97 26.03
C TYR E 74 -9.85 38.29 25.85
N TYR E 75 -10.26 39.30 26.62
CA TYR E 75 -9.70 40.65 26.51
C TYR E 75 -9.37 41.20 27.88
N CYS E 76 -8.55 42.24 27.90
CA CYS E 76 -8.09 42.87 29.14
C CYS E 76 -9.13 43.88 29.61
N LYS E 77 -8.75 44.70 30.59
CA LYS E 77 -9.69 45.68 31.14
C LYS E 77 -10.12 46.69 30.09
N SER E 78 -9.16 47.24 29.34
CA SER E 78 -9.43 48.34 28.43
C SER E 78 -9.57 47.89 26.98
N HIS E 79 -9.67 46.58 26.74
CA HIS E 79 -9.84 46.06 25.40
C HIS E 79 -11.08 45.20 25.23
N LYS E 80 -11.98 45.21 26.21
CA LYS E 80 -13.15 44.35 26.16
C LYS E 80 -14.38 45.12 25.66
N PRO E 81 -15.21 44.51 24.82
CA PRO E 81 -16.50 45.10 24.54
C PRO E 81 -17.31 45.28 25.80
N PRO E 82 -18.38 46.07 25.76
CA PRO E 82 -19.15 46.34 26.98
C PRO E 82 -19.80 45.10 27.57
N ILE E 83 -19.96 44.03 26.80
CA ILE E 83 -20.55 42.79 27.31
C ILE E 83 -19.44 41.88 27.82
N SER E 84 -19.05 42.07 29.07
CA SER E 84 -17.95 41.31 29.66
C SER E 84 -18.43 40.43 30.80
N PHE E 85 -17.59 39.50 31.22
CA PHE E 85 -17.83 38.65 32.38
C PHE E 85 -16.50 38.11 32.85
N PRO E 86 -16.19 38.22 34.15
CA PRO E 86 -14.86 37.80 34.61
C PRO E 86 -14.61 36.32 34.38
N LEU E 87 -13.37 36.00 34.03
CA LEU E 87 -12.97 34.61 33.86
C LEU E 87 -12.69 33.96 35.21
N CYS E 88 -11.69 34.47 35.92
CA CYS E 88 -11.28 33.95 37.23
C CYS E 88 -12.19 34.60 38.27
N ALA E 89 -13.33 33.97 38.51
CA ALA E 89 -14.33 34.53 39.41
C ALA E 89 -15.18 33.39 39.97
N ASN E 90 -15.99 33.72 40.98
CA ASN E 90 -16.88 32.76 41.61
C ASN E 90 -16.11 31.54 42.10
N GLY E 91 -14.91 31.77 42.64
CA GLY E 91 -14.10 30.69 43.12
C GLY E 91 -13.65 29.71 42.04
N GLN E 92 -13.68 30.12 40.78
CA GLN E 92 -13.35 29.24 39.67
C GLN E 92 -12.72 30.04 38.55
N VAL E 93 -12.20 29.32 37.56
CA VAL E 93 -11.70 29.88 36.32
C VAL E 93 -12.44 29.21 35.18
N PHE E 94 -13.00 30.02 34.28
CA PHE E 94 -13.85 29.49 33.23
C PHE E 94 -13.10 28.46 32.39
N GLY E 95 -13.73 27.32 32.16
CA GLY E 95 -13.15 26.27 31.36
C GLY E 95 -14.19 25.22 31.05
N LEU E 96 -13.83 24.29 30.17
CA LEU E 96 -14.74 23.22 29.80
C LEU E 96 -15.09 22.38 31.02
N TYR E 97 -16.32 21.86 31.04
CA TYR E 97 -16.81 21.07 32.16
C TYR E 97 -16.80 21.90 33.44
N LYS E 98 -17.22 23.15 33.33
CA LYS E 98 -17.07 24.10 34.43
C LYS E 98 -17.79 23.62 35.69
N ASN E 99 -19.03 23.17 35.55
CA ASN E 99 -19.87 22.84 36.70
C ASN E 99 -19.83 21.35 37.04
N THR E 100 -18.76 20.67 36.63
CA THR E 100 -18.57 19.28 37.02
C THR E 100 -17.18 19.04 37.62
N CYS E 101 -16.60 20.05 38.26
CA CYS E 101 -15.24 19.98 38.79
C CYS E 101 -15.31 19.96 40.32
N VAL E 102 -14.31 19.33 40.94
CA VAL E 102 -14.20 19.27 42.39
C VAL E 102 -12.72 19.18 42.75
N GLY E 103 -12.32 19.94 43.78
CA GLY E 103 -10.95 19.92 44.24
C GLY E 103 -10.88 20.00 45.74
N SER E 104 -9.65 19.86 46.26
CA SER E 104 -9.40 19.88 47.69
C SER E 104 -8.18 20.75 48.00
N ASP E 105 -7.87 20.85 49.29
CA ASP E 105 -6.77 21.69 49.75
C ASP E 105 -5.40 21.07 49.50
N ASN E 106 -5.34 19.82 49.07
CA ASN E 106 -4.06 19.17 48.80
C ASN E 106 -3.23 19.90 47.76
N VAL E 107 -3.83 20.86 47.04
CA VAL E 107 -3.07 21.68 46.09
C VAL E 107 -1.84 22.27 46.76
N THR E 108 -1.93 22.53 48.06
CA THR E 108 -0.82 23.09 48.83
C THR E 108 0.47 22.37 48.49
N ASP E 109 0.47 21.05 48.59
CA ASP E 109 1.63 20.27 48.17
C ASP E 109 1.94 20.45 46.70
N PHE E 110 0.91 20.42 45.85
CA PHE E 110 1.14 20.65 44.43
C PHE E 110 1.77 22.01 44.19
N ASN E 111 1.39 23.01 44.98
CA ASN E 111 2.02 24.31 44.84
C ASN E 111 3.52 24.22 45.10
N ALA E 112 3.90 23.50 46.16
CA ALA E 112 5.32 23.31 46.43
C ALA E 112 6.00 22.58 45.28
N ILE E 113 5.35 21.56 44.75
CA ILE E 113 5.94 20.80 43.64
C ILE E 113 6.17 21.72 42.44
N ALA E 114 5.18 22.54 42.11
CA ALA E 114 5.33 23.45 40.98
C ALA E 114 6.42 24.46 41.22
N THR E 115 6.47 25.03 42.43
CA THR E 115 7.39 26.13 42.70
C THR E 115 8.83 25.66 42.87
N CYS E 116 9.02 24.50 43.50
CA CYS E 116 10.37 24.10 43.90
C CYS E 116 11.26 23.91 42.68
N ASP E 117 12.50 24.39 42.82
CA ASP E 117 13.50 24.30 41.78
C ASP E 117 14.27 22.99 41.82
N TRP E 118 13.98 22.12 42.80
CA TRP E 118 14.70 20.87 42.97
C TRP E 118 16.16 21.10 43.37
N THR E 119 16.40 22.13 44.19
CA THR E 119 17.72 22.40 44.74
C THR E 119 17.85 21.90 46.17
N ASN E 120 16.81 22.09 46.97
CA ASN E 120 16.83 21.63 48.35
C ASN E 120 16.43 20.15 48.42
N ALA E 121 16.91 19.47 49.45
CA ALA E 121 16.59 18.07 49.66
C ALA E 121 15.12 17.84 49.99
N GLY E 122 14.50 18.75 50.73
CA GLY E 122 13.08 18.60 51.02
C GLY E 122 12.22 18.45 49.80
N ASP E 123 12.65 19.04 48.67
CA ASP E 123 11.89 18.95 47.44
C ASP E 123 11.63 17.50 47.04
N TYR E 124 12.67 16.68 47.06
CA TYR E 124 12.53 15.30 46.59
C TYR E 124 11.67 14.48 47.55
N ILE E 125 11.95 14.56 48.85
CA ILE E 125 11.16 13.79 49.81
C ILE E 125 9.69 14.17 49.77
N LEU E 126 9.36 15.46 49.65
CA LEU E 126 7.99 15.84 49.38
C LEU E 126 7.50 15.32 48.04
N ALA E 127 8.34 15.35 47.01
CA ALA E 127 7.99 14.83 45.71
C ALA E 127 7.82 13.32 45.72
N ASN E 128 8.38 12.62 46.70
CA ASN E 128 8.30 11.17 46.75
C ASN E 128 7.32 10.68 47.81
N THR E 129 6.63 11.58 48.52
CA THR E 129 5.64 11.21 49.52
C THR E 129 4.28 11.82 49.21
N CYS E 130 4.03 12.15 47.95
CA CYS E 130 2.77 12.74 47.53
C CYS E 130 1.86 11.65 46.95
N THR E 131 0.71 12.04 46.42
CA THR E 131 -0.21 11.09 45.82
C THR E 131 0.38 10.53 44.52
N GLU E 132 -0.21 9.43 44.07
CA GLU E 132 0.34 8.72 42.91
C GLU E 132 0.43 9.62 41.69
N ARG E 133 -0.65 10.33 41.35
CA ARG E 133 -0.59 11.24 40.22
C ARG E 133 0.37 12.38 40.52
N LEU E 134 0.35 12.88 41.76
CA LEU E 134 1.34 13.86 42.16
C LEU E 134 2.75 13.30 42.06
N LYS E 135 2.93 12.03 42.41
CA LYS E 135 4.24 11.41 42.24
C LYS E 135 4.68 11.45 40.78
N LEU E 136 3.82 11.02 39.86
CA LEU E 136 4.15 11.04 38.45
C LEU E 136 4.48 12.46 37.98
N PHE E 137 3.65 13.43 38.36
CA PHE E 137 3.86 14.80 37.94
C PHE E 137 5.18 15.33 38.48
N ALA E 138 5.51 15.00 39.73
CA ALA E 138 6.76 15.46 40.31
C ALA E 138 7.96 14.89 39.56
N ALA E 139 7.90 13.62 39.19
CA ALA E 139 8.98 13.04 38.40
C ALA E 139 9.11 13.75 37.06
N GLU E 140 7.96 14.00 36.41
CA GLU E 140 8.00 14.71 35.14
C GLU E 140 8.65 16.08 35.29
N THR E 141 8.25 16.79 36.34
CA THR E 141 8.80 18.13 36.58
C THR E 141 10.29 18.08 36.87
N LEU E 142 10.74 17.12 37.68
CA LEU E 142 12.17 17.03 37.97
C LEU E 142 12.96 16.74 36.71
N LYS E 143 12.46 15.81 35.88
CA LYS E 143 13.16 15.51 34.63
C LYS E 143 13.19 16.74 33.72
N ALA E 144 12.08 17.47 33.65
CA ALA E 144 12.06 18.68 32.83
C ALA E 144 13.04 19.72 33.36
N THR E 145 13.12 19.88 34.68
CA THR E 145 14.08 20.81 35.26
C THR E 145 15.50 20.40 34.93
N GLU E 146 15.80 19.11 35.02
CA GLU E 146 17.13 18.64 34.66
C GLU E 146 17.44 18.93 33.20
N GLU E 147 16.48 18.66 32.30
CA GLU E 147 16.71 18.93 30.89
C GLU E 147 16.95 20.42 30.65
N THR E 148 16.10 21.28 31.21
CA THR E 148 16.25 22.72 31.04
C THR E 148 17.54 23.24 31.63
N PHE E 149 18.07 22.60 32.68
CA PHE E 149 19.33 23.06 33.26
C PHE E 149 20.46 23.02 32.24
N LYS E 150 20.40 22.08 31.30
CA LYS E 150 21.46 21.96 30.31
C LYS E 150 21.58 23.19 29.42
N LEU E 151 20.51 23.96 29.26
CA LEU E 151 20.54 25.14 28.40
C LEU E 151 21.58 26.15 28.83
N SER E 152 21.88 26.25 30.13
CA SER E 152 22.87 27.19 30.64
C SER E 152 24.25 26.58 30.79
N TYR E 153 24.43 25.32 30.39
CA TYR E 153 25.74 24.69 30.51
C TYR E 153 26.74 25.40 29.60
N GLY E 154 28.00 25.38 30.02
CA GLY E 154 29.03 26.08 29.28
C GLY E 154 29.38 25.38 27.98
N ILE E 155 30.22 26.04 27.18
CA ILE E 155 30.68 25.55 25.90
C ILE E 155 32.18 25.34 25.98
N ALA E 156 32.63 24.14 25.60
CA ALA E 156 34.05 23.83 25.57
C ALA E 156 34.63 24.18 24.20
N THR E 157 35.88 23.80 24.00
CA THR E 157 36.54 23.84 22.69
C THR E 157 37.93 23.25 22.88
N VAL E 158 38.62 23.04 21.77
CA VAL E 158 39.93 22.41 21.75
C VAL E 158 41.00 23.47 21.51
N ARG E 159 42.02 23.49 22.37
CA ARG E 159 43.16 24.35 22.14
C ARG E 159 44.01 23.81 21.00
N GLU E 160 44.53 22.59 21.17
CA GLU E 160 45.31 21.90 20.15
C GLU E 160 45.33 20.43 20.54
N VAL E 161 46.08 19.63 19.79
CA VAL E 161 46.23 18.21 20.10
C VAL E 161 47.69 17.80 19.92
N LEU E 162 48.44 17.78 21.02
CA LEU E 162 49.81 17.26 20.96
C LEU E 162 49.82 15.75 20.90
N SER E 163 48.86 15.10 21.56
CA SER E 163 48.69 13.66 21.52
C SER E 163 47.24 13.35 21.19
N ASP E 164 47.04 12.52 20.15
CA ASP E 164 45.69 12.14 19.76
C ASP E 164 44.96 11.32 20.81
N ARG E 165 45.69 10.68 21.73
CA ARG E 165 45.06 9.89 22.77
C ARG E 165 44.42 10.73 23.86
N GLU E 166 44.90 11.95 24.07
CA GLU E 166 44.39 12.84 25.12
C GLU E 166 44.14 14.22 24.51
N LEU E 167 42.91 14.70 24.64
CA LEU E 167 42.56 16.00 24.10
C LEU E 167 43.07 17.10 25.01
N HIS E 168 43.20 18.30 24.45
CA HIS E 168 43.49 19.50 25.23
C HIS E 168 42.26 20.39 25.22
N LEU E 169 41.74 20.67 26.42
CA LEU E 169 40.40 21.25 26.59
C LEU E 169 40.49 22.75 26.80
N SER E 170 39.38 23.42 26.50
CA SER E 170 39.24 24.85 26.76
C SER E 170 37.77 25.15 26.97
N TRP E 171 37.40 25.56 28.18
CA TRP E 171 36.04 25.96 28.48
C TRP E 171 35.80 27.39 28.01
N GLU E 172 34.53 27.71 27.72
CA GLU E 172 34.19 29.08 27.40
C GLU E 172 34.38 29.95 28.64
N VAL E 173 34.96 31.12 28.44
CA VAL E 173 35.26 32.03 29.54
C VAL E 173 33.95 32.61 30.07
N GLY E 174 33.79 32.58 31.39
CA GLY E 174 32.63 33.18 32.02
C GLY E 174 31.47 32.24 32.28
N LYS E 175 31.65 30.94 32.14
CA LYS E 175 30.59 29.97 32.39
C LYS E 175 31.16 28.83 33.22
N PRO E 176 30.32 28.15 34.00
CA PRO E 176 30.82 27.08 34.87
C PRO E 176 31.35 25.91 34.06
N ARG E 177 32.35 25.24 34.62
CA ARG E 177 32.95 24.07 34.01
C ARG E 177 32.30 22.82 34.57
N PRO E 178 31.54 22.05 33.79
CA PRO E 178 30.96 20.82 34.32
C PRO E 178 32.05 19.82 34.65
N PRO E 179 31.83 18.97 35.65
CA PRO E 179 32.86 17.98 35.99
C PRO E 179 33.07 16.97 34.87
N LEU E 180 34.29 16.45 34.81
CA LEU E 180 34.70 15.51 33.76
C LEU E 180 34.50 14.10 34.31
N ASN E 181 33.66 13.32 33.63
CA ASN E 181 33.34 11.97 34.07
C ASN E 181 32.57 11.26 32.96
N ARG E 182 32.16 10.03 33.23
CA ARG E 182 31.43 9.23 32.25
C ARG E 182 29.97 9.67 32.11
N ASN E 183 29.36 10.12 33.21
CA ASN E 183 27.93 10.43 33.18
C ASN E 183 27.60 11.50 32.16
N TYR E 184 28.54 12.42 31.91
CA TYR E 184 28.32 13.53 31.00
C TYR E 184 28.96 13.23 29.64
N VAL E 185 28.20 13.50 28.58
CA VAL E 185 28.67 13.29 27.22
C VAL E 185 28.48 14.58 26.44
N PHE E 186 29.23 14.73 25.35
CA PHE E 186 29.22 15.96 24.58
C PHE E 186 28.96 15.63 23.12
N THR E 187 28.34 16.57 22.43
CA THR E 187 28.26 16.55 20.97
C THR E 187 28.83 17.87 20.47
N GLY E 188 29.48 17.82 19.31
CA GLY E 188 30.31 18.91 18.86
C GLY E 188 29.69 19.79 17.80
N TYR E 189 30.49 20.75 17.36
CA TYR E 189 30.08 21.76 16.39
C TYR E 189 31.30 22.19 15.60
N ARG E 190 31.05 22.57 14.35
CA ARG E 190 32.06 23.04 13.41
C ARG E 190 31.58 24.35 12.78
N VAL E 191 31.20 25.29 13.64
CA VAL E 191 30.32 26.41 13.27
C VAL E 191 30.96 27.38 12.29
N THR E 192 32.18 27.10 11.83
CA THR E 192 32.98 28.13 11.18
C THR E 192 32.24 28.80 10.01
N LYS E 193 32.01 28.08 8.91
CA LYS E 193 31.29 28.72 7.79
C LYS E 193 30.12 27.96 7.15
N ASN E 194 30.28 26.78 6.53
CA ASN E 194 31.15 25.60 6.81
C ASN E 194 30.80 24.90 8.11
N SER E 195 29.62 24.26 8.06
CA SER E 195 29.23 23.15 8.91
C SER E 195 29.03 23.45 10.39
N LYS E 196 28.05 24.30 10.71
CA LYS E 196 27.52 24.34 12.07
C LYS E 196 26.68 23.09 12.30
N VAL E 197 27.34 21.93 12.35
CA VAL E 197 26.68 20.64 12.44
C VAL E 197 27.42 19.78 13.46
N GLN E 198 26.73 18.73 13.92
CA GLN E 198 27.29 17.85 14.94
C GLN E 198 28.45 17.03 14.37
N ILE E 199 29.43 16.74 15.23
CA ILE E 199 30.62 16.00 14.83
C ILE E 199 30.86 14.83 15.77
N GLY E 200 29.79 14.22 16.27
CA GLY E 200 29.89 12.98 17.01
C GLY E 200 29.77 13.19 18.51
N GLU E 201 29.63 12.06 19.21
CA GLU E 201 29.46 12.02 20.65
C GLU E 201 30.76 11.61 21.31
N TYR E 202 31.22 12.42 22.26
CA TYR E 202 32.48 12.22 22.97
C TYR E 202 32.24 12.25 24.48
N THR E 203 33.27 11.86 25.23
CA THR E 203 33.24 11.93 26.69
C THR E 203 34.64 12.24 27.19
N PHE E 204 34.72 12.68 28.45
CA PHE E 204 35.94 13.23 29.00
C PHE E 204 36.23 12.68 30.39
N GLU E 205 37.52 12.70 30.73
CA GLU E 205 38.03 12.43 32.07
C GLU E 205 39.41 13.06 32.17
N LYS E 206 39.66 13.76 33.26
CA LYS E 206 40.82 14.63 33.35
C LYS E 206 42.13 13.84 33.25
N GLY E 207 43.16 14.53 32.76
CA GLY E 207 44.50 13.99 32.67
C GLY E 207 45.34 14.43 33.85
N ASP E 208 46.27 13.56 34.27
CA ASP E 208 47.04 13.81 35.48
C ASP E 208 47.99 15.00 35.33
N TYR E 209 48.79 15.02 34.27
CA TYR E 209 49.84 16.02 34.12
C TYR E 209 49.31 17.25 33.40
N GLY E 210 49.50 18.42 34.03
CA GLY E 210 49.12 19.67 33.41
C GLY E 210 47.65 19.70 33.06
N ASP E 211 47.34 20.33 31.93
CA ASP E 211 45.99 20.40 31.38
C ASP E 211 45.89 19.43 30.22
N ALA E 212 45.15 18.35 30.42
CA ALA E 212 44.95 17.34 29.39
C ALA E 212 43.82 16.43 29.83
N VAL E 213 43.07 15.92 28.85
CA VAL E 213 41.95 15.04 29.10
C VAL E 213 42.09 13.83 28.18
N VAL E 214 42.09 12.63 28.78
CA VAL E 214 42.05 11.39 28.01
C VAL E 214 40.58 11.15 27.68
N TYR E 215 40.27 11.13 26.38
CA TYR E 215 38.90 11.22 25.92
C TYR E 215 38.49 9.94 25.19
N ARG E 216 37.26 9.92 24.71
CA ARG E 216 36.69 8.77 24.02
C ARG E 216 35.48 9.24 23.23
N GLY E 217 35.25 8.62 22.07
CA GLY E 217 34.21 9.05 21.18
C GLY E 217 33.35 7.90 20.69
N THR E 218 32.05 8.15 20.68
CA THR E 218 31.10 7.23 20.04
C THR E 218 31.40 7.07 18.57
N THR E 219 31.51 8.17 17.83
CA THR E 219 32.13 8.21 16.53
C THR E 219 33.62 8.43 16.73
N THR E 220 34.33 8.74 15.64
CA THR E 220 35.78 8.78 15.63
C THR E 220 36.28 10.19 15.29
N TYR E 221 35.34 11.11 15.08
CA TYR E 221 35.65 12.39 14.45
C TYR E 221 36.60 13.21 15.30
N LYS E 222 37.79 13.47 14.76
CA LYS E 222 38.75 14.39 15.34
C LYS E 222 38.29 15.82 15.12
N LEU E 223 38.73 16.71 16.01
CA LEU E 223 38.29 18.09 16.03
C LEU E 223 39.38 18.99 15.47
N ASN E 224 39.03 19.80 14.47
CA ASN E 224 39.84 20.96 14.14
C ASN E 224 39.77 21.96 15.29
N VAL E 225 40.75 22.86 15.34
CA VAL E 225 40.83 23.83 16.43
C VAL E 225 39.54 24.62 16.48
N GLY E 226 38.97 24.91 15.31
CA GLY E 226 37.69 25.60 15.27
C GLY E 226 36.55 24.79 15.86
N ASP E 227 36.59 23.47 15.70
CA ASP E 227 35.52 22.62 16.22
C ASP E 227 35.52 22.67 17.74
N TYR E 228 34.34 22.48 18.33
CA TYR E 228 34.23 22.49 19.79
C TYR E 228 33.10 21.56 20.21
N PHE E 229 32.80 21.56 21.51
CA PHE E 229 31.84 20.63 22.10
C PHE E 229 30.85 21.36 23.00
N VAL E 230 29.67 20.74 23.18
CA VAL E 230 28.66 21.19 24.11
C VAL E 230 27.93 19.95 24.63
N LEU E 231 27.52 19.98 25.89
CA LEU E 231 26.81 18.85 26.48
C LEU E 231 25.54 18.53 25.69
N THR E 232 25.29 17.24 25.47
CA THR E 232 24.11 16.81 24.74
C THR E 232 22.85 17.03 25.56
N SER E 233 21.71 17.07 24.88
CA SER E 233 20.41 17.14 25.53
C SER E 233 19.37 16.50 24.62
N HIS E 234 18.38 15.89 25.25
CA HIS E 234 17.27 15.25 24.56
C HIS E 234 15.97 15.63 25.25
N THR E 235 14.94 15.87 24.45
CA THR E 235 13.64 16.26 24.99
C THR E 235 13.05 15.10 25.77
N VAL E 236 11.90 15.32 26.41
CA VAL E 236 11.26 14.32 27.25
C VAL E 236 9.79 14.23 26.88
N MET E 237 9.30 13.00 26.76
CA MET E 237 7.88 12.75 26.51
C MET E 237 7.20 12.53 27.85
N PRO E 238 6.03 13.13 28.12
CA PRO E 238 5.39 12.91 29.41
C PRO E 238 5.13 11.44 29.67
N LEU E 239 5.35 11.02 30.91
CA LEU E 239 5.05 9.66 31.31
C LEU E 239 3.63 9.57 31.84
N SER E 240 3.02 8.40 31.66
CA SER E 240 1.63 8.21 32.02
C SER E 240 1.46 7.03 32.98
N ALA E 241 2.26 5.99 32.81
CA ALA E 241 2.10 4.80 33.63
C ALA E 241 2.43 5.12 35.09
N PRO E 242 1.78 4.43 36.03
CA PRO E 242 2.12 4.64 37.44
C PRO E 242 3.50 4.11 37.75
N THR E 243 4.08 4.64 38.84
CA THR E 243 5.42 4.22 39.22
C THR E 243 5.49 2.72 39.45
N LEU E 244 4.49 2.17 40.13
CA LEU E 244 4.38 0.73 40.36
C LEU E 244 2.95 0.31 40.17
N VAL E 245 2.75 -0.83 39.52
CA VAL E 245 1.40 -1.40 39.40
C VAL E 245 0.95 -1.82 40.80
N PRO E 246 -0.34 -1.68 41.14
CA PRO E 246 -0.77 -2.13 42.47
C PRO E 246 -0.52 -3.62 42.67
N GLN E 247 -0.19 -3.98 43.90
CA GLN E 247 0.15 -5.37 44.22
C GLN E 247 -1.11 -6.19 44.46
N GLU E 248 -1.17 -7.36 43.83
CA GLU E 248 -2.27 -8.30 44.00
C GLU E 248 -1.71 -9.67 44.36
N HIS E 249 -2.22 -10.24 45.44
CA HIS E 249 -1.71 -11.49 46.00
C HIS E 249 -2.52 -12.65 45.43
N TYR E 250 -1.86 -13.53 44.70
CA TYR E 250 -2.53 -14.70 44.15
C TYR E 250 -2.41 -15.89 45.11
N VAL E 251 -3.23 -16.92 44.86
CA VAL E 251 -3.22 -18.10 45.71
C VAL E 251 -2.18 -19.11 45.24
N ARG E 252 -1.94 -19.17 43.94
CA ARG E 252 -1.00 -20.13 43.37
C ARG E 252 -0.30 -19.51 42.16
N ILE E 253 0.57 -20.32 41.53
CA ILE E 253 1.31 -19.84 40.36
C ILE E 253 0.41 -19.89 39.14
N THR E 254 0.31 -18.75 38.44
CA THR E 254 -0.49 -18.64 37.23
C THR E 254 0.36 -18.00 36.14
N GLY E 255 0.43 -18.65 34.98
CA GLY E 255 1.14 -18.11 33.84
C GLY E 255 2.62 -18.42 33.78
N LEU E 256 3.18 -18.99 34.85
CA LEU E 256 4.59 -19.38 34.88
C LEU E 256 4.68 -20.85 35.24
N TYR E 257 5.69 -21.53 34.71
CA TYR E 257 5.80 -22.97 34.83
C TYR E 257 7.20 -23.37 35.25
N PRO E 258 7.34 -24.17 36.33
CA PRO E 258 8.67 -24.42 36.90
C PRO E 258 9.56 -25.31 36.01
N THR E 259 10.74 -25.64 36.54
CA THR E 259 11.72 -26.46 35.84
C THR E 259 11.91 -27.77 36.60
N LEU E 260 12.43 -28.77 35.89
CA LEU E 260 12.72 -30.08 36.45
C LEU E 260 14.22 -30.13 36.78
N ASN E 261 14.53 -30.11 38.08
CA ASN E 261 15.92 -30.14 38.56
C ASN E 261 16.72 -29.01 37.92
N ILE E 262 16.37 -27.78 38.32
CA ILE E 262 16.94 -26.57 37.74
C ILE E 262 18.46 -26.67 37.71
N SER E 263 19.09 -26.89 38.86
CA SER E 263 20.53 -27.06 38.97
C SER E 263 20.86 -27.28 40.43
N ASP E 264 22.13 -27.55 40.70
CA ASP E 264 22.63 -27.69 42.06
C ASP E 264 23.04 -26.35 42.68
N GLU E 265 23.14 -25.28 41.88
CA GLU E 265 23.54 -23.98 42.38
C GLU E 265 22.38 -23.15 42.91
N PHE E 266 21.19 -23.28 42.31
CA PHE E 266 20.03 -22.48 42.69
C PHE E 266 19.08 -23.26 43.59
N SER E 267 19.50 -24.41 44.10
CA SER E 267 18.62 -25.28 44.88
C SER E 267 18.04 -24.60 46.12
N SER E 268 18.83 -23.80 46.82
CA SER E 268 18.33 -23.07 47.98
C SER E 268 17.47 -21.87 47.58
N ASN E 269 17.40 -21.57 46.29
CA ASN E 269 16.77 -20.37 45.77
C ASN E 269 15.36 -20.64 45.23
N VAL E 270 14.79 -21.81 45.53
CA VAL E 270 13.55 -22.24 44.88
C VAL E 270 12.34 -21.51 45.49
N ALA E 271 12.23 -21.50 46.82
CA ALA E 271 11.10 -20.83 47.45
C ALA E 271 11.07 -19.35 47.07
N ASN E 272 12.24 -18.78 46.79
CA ASN E 272 12.29 -17.41 46.29
C ASN E 272 11.54 -17.27 44.96
N TYR E 273 11.81 -18.16 44.01
CA TYR E 273 11.12 -18.08 42.73
C TYR E 273 9.64 -18.38 42.90
N GLN E 274 9.31 -19.28 43.83
CA GLN E 274 7.91 -19.53 44.15
C GLN E 274 7.22 -18.26 44.62
N LYS E 275 7.86 -17.53 45.54
CA LYS E 275 7.29 -16.28 46.04
C LYS E 275 7.18 -15.25 44.92
N VAL E 276 8.17 -15.23 44.02
CA VAL E 276 8.10 -14.33 42.88
C VAL E 276 6.87 -14.63 42.03
N GLY E 277 6.65 -15.91 41.71
CA GLY E 277 5.51 -16.27 40.89
C GLY E 277 4.19 -15.99 41.56
N MET E 278 4.11 -16.23 42.88
CA MET E 278 2.84 -16.06 43.59
C MET E 278 2.37 -14.61 43.53
N GLN E 279 3.28 -13.66 43.74
CA GLN E 279 2.92 -12.25 43.83
C GLN E 279 2.95 -11.61 42.45
N LYS E 280 2.23 -10.49 42.33
CA LYS E 280 2.25 -9.74 41.07
C LYS E 280 3.63 -9.18 40.80
N TYR E 281 4.22 -8.52 41.79
CA TYR E 281 5.58 -8.02 41.70
C TYR E 281 6.29 -8.23 43.02
N SER E 282 7.62 -8.25 42.96
CA SER E 282 8.44 -8.58 44.13
C SER E 282 9.70 -7.74 44.14
N THR E 283 10.28 -7.61 45.33
CA THR E 283 11.48 -6.82 45.57
C THR E 283 12.52 -7.69 46.28
N LEU E 284 13.77 -7.62 45.81
CA LEU E 284 14.88 -8.33 46.41
C LEU E 284 15.94 -7.32 46.81
N GLN E 285 16.31 -7.32 48.10
CA GLN E 285 17.31 -6.41 48.63
C GLN E 285 18.42 -7.22 49.30
N GLY E 286 19.66 -6.89 48.98
CA GLY E 286 20.81 -7.50 49.60
C GLY E 286 22.09 -6.76 49.29
N PRO E 287 23.12 -6.95 50.12
CA PRO E 287 24.40 -6.27 49.89
C PRO E 287 24.98 -6.65 48.54
N PRO E 288 26.00 -5.92 48.07
CA PRO E 288 26.52 -6.17 46.73
C PRO E 288 27.19 -7.53 46.61
N GLY E 289 27.11 -8.10 45.41
CA GLY E 289 27.80 -9.34 45.11
C GLY E 289 27.39 -10.49 45.99
N THR E 290 26.12 -10.52 46.37
CA THR E 290 25.58 -11.58 47.23
C THR E 290 24.72 -12.58 46.50
N GLY E 291 24.67 -12.52 45.16
CA GLY E 291 23.84 -13.43 44.39
C GLY E 291 22.64 -12.73 43.79
N LYS E 292 22.64 -11.39 43.83
CA LYS E 292 21.50 -10.63 43.33
C LYS E 292 21.43 -10.69 41.80
N SER E 293 22.49 -10.28 41.13
CA SER E 293 22.54 -10.42 39.68
C SER E 293 22.46 -11.88 39.25
N HIS E 294 23.02 -12.79 40.04
CA HIS E 294 22.86 -14.23 39.85
C HIS E 294 21.44 -14.69 40.10
N PHE E 295 20.71 -14.01 40.98
CA PHE E 295 19.34 -14.42 41.29
C PHE E 295 18.45 -14.33 40.06
N ALA E 296 18.60 -13.28 39.26
CA ALA E 296 17.72 -13.12 38.10
C ALA E 296 17.91 -14.25 37.09
N ILE E 297 19.16 -14.63 36.83
CA ILE E 297 19.42 -15.72 35.91
C ILE E 297 18.95 -17.05 36.50
N GLY E 298 19.09 -17.22 37.81
CA GLY E 298 18.53 -18.40 38.44
C GLY E 298 17.02 -18.49 38.27
N LEU E 299 16.33 -17.36 38.45
CA LEU E 299 14.90 -17.33 38.20
C LEU E 299 14.58 -17.68 36.75
N ALA E 300 15.36 -17.12 35.83
CA ALA E 300 15.14 -17.41 34.41
C ALA E 300 15.26 -18.90 34.13
N LEU E 301 16.30 -19.54 34.67
CA LEU E 301 16.42 -20.98 34.54
C LEU E 301 15.26 -21.70 35.22
N TYR E 302 14.69 -21.12 36.28
CA TYR E 302 13.55 -21.72 36.95
C TYR E 302 12.27 -21.64 36.13
N TYR E 303 12.15 -20.64 35.26
CA TYR E 303 11.00 -20.48 34.37
C TYR E 303 11.52 -20.34 32.95
N PRO E 304 11.90 -21.45 32.31
CA PRO E 304 12.52 -21.34 30.99
C PRO E 304 11.58 -20.83 29.91
N SER E 305 10.39 -21.40 29.78
CA SER E 305 9.45 -21.00 28.74
C SER E 305 9.02 -19.55 28.86
N ALA E 306 9.18 -18.93 30.02
CA ALA E 306 8.75 -17.55 30.23
C ALA E 306 9.66 -16.60 29.47
N ARG E 307 9.05 -15.65 28.77
CA ARG E 307 9.82 -14.57 28.13
C ARG E 307 10.22 -13.55 29.19
N ILE E 308 11.50 -13.20 29.22
CA ILE E 308 12.07 -12.40 30.30
C ILE E 308 12.77 -11.18 29.73
N VAL E 309 12.55 -10.04 30.38
CA VAL E 309 13.16 -8.78 29.99
C VAL E 309 13.97 -8.25 31.17
N TYR E 310 15.29 -8.38 31.08
CA TYR E 310 16.21 -7.75 32.01
C TYR E 310 16.40 -6.30 31.64
N THR E 311 16.26 -5.42 32.64
CA THR E 311 16.43 -3.99 32.42
C THR E 311 17.31 -3.40 33.50
N ALA E 312 18.09 -2.39 33.08
CA ALA E 312 18.86 -1.57 34.00
C ALA E 312 18.85 -0.13 33.49
N CYS E 313 19.22 0.81 34.36
CA CYS E 313 19.29 2.20 33.92
C CYS E 313 20.66 2.55 33.35
N SER E 314 21.71 1.87 33.81
CA SER E 314 23.06 2.11 33.37
C SER E 314 23.48 1.04 32.36
N HIS E 315 24.68 1.22 31.83
CA HIS E 315 25.20 0.35 30.78
C HIS E 315 26.29 -0.59 31.29
N ALA E 316 27.07 -0.18 32.29
CA ALA E 316 28.09 -1.05 32.84
C ALA E 316 27.52 -2.27 33.55
N ALA E 317 26.45 -2.11 34.33
CA ALA E 317 25.87 -3.21 35.07
C ALA E 317 25.15 -4.20 34.16
N VAL E 318 24.42 -3.69 33.18
CA VAL E 318 23.74 -4.58 32.25
C VAL E 318 24.74 -5.37 31.43
N ASP E 319 25.90 -4.79 31.15
CA ASP E 319 26.94 -5.54 30.43
C ASP E 319 27.44 -6.72 31.25
N ALA E 320 27.68 -6.51 32.55
CA ALA E 320 28.07 -7.62 33.41
C ALA E 320 26.96 -8.65 33.52
N LEU E 321 25.70 -8.18 33.57
CA LEU E 321 24.57 -9.10 33.60
C LEU E 321 24.53 -9.96 32.34
N CYS E 322 24.76 -9.34 31.19
CA CYS E 322 24.80 -10.09 29.93
C CYS E 322 25.96 -11.08 29.93
N GLU E 323 27.12 -10.68 30.47
CA GLU E 323 28.23 -11.61 30.59
C GLU E 323 27.85 -12.82 31.44
N LYS E 324 27.18 -12.58 32.56
CA LYS E 324 26.76 -13.68 33.41
C LYS E 324 25.75 -14.58 32.70
N ALA E 325 24.82 -13.97 31.97
CA ALA E 325 23.84 -14.77 31.22
C ALA E 325 24.53 -15.63 30.17
N LEU E 326 25.50 -15.06 29.46
CA LEU E 326 26.30 -15.86 28.53
C LEU E 326 26.98 -17.01 29.26
N LYS E 327 27.52 -16.72 30.44
CA LYS E 327 28.14 -17.77 31.24
C LYS E 327 27.15 -18.90 31.54
N TYR E 328 25.89 -18.57 31.82
CA TYR E 328 24.90 -19.56 32.20
C TYR E 328 23.79 -19.71 31.17
N LEU E 329 23.08 -18.63 30.83
CA LEU E 329 21.93 -18.75 29.96
C LEU E 329 22.36 -19.12 28.53
N PRO E 330 21.50 -19.81 27.78
CA PRO E 330 21.88 -20.19 26.42
C PRO E 330 22.12 -18.97 25.54
N ILE E 331 23.23 -19.00 24.80
CA ILE E 331 23.59 -17.89 23.95
C ILE E 331 22.56 -17.65 22.85
N ASP E 332 21.94 -18.71 22.34
CA ASP E 332 21.02 -18.55 21.20
C ASP E 332 19.85 -17.65 21.55
N LYS E 333 19.16 -17.94 22.65
CA LYS E 333 17.92 -17.23 23.00
C LYS E 333 18.28 -16.05 23.89
N CYS E 334 19.04 -15.11 23.33
CA CYS E 334 19.44 -13.90 24.03
C CYS E 334 19.62 -12.79 23.02
N SER E 335 19.55 -11.55 23.50
CA SER E 335 19.62 -10.38 22.65
C SER E 335 20.22 -9.22 23.44
N ARG E 336 20.56 -8.15 22.73
CA ARG E 336 21.07 -6.94 23.37
C ARG E 336 20.66 -5.73 22.56
N ILE E 337 19.93 -4.80 23.18
CA ILE E 337 19.36 -3.64 22.50
C ILE E 337 20.20 -2.43 22.88
N ILE E 338 20.64 -1.68 21.88
CA ILE E 338 21.48 -0.51 22.08
C ILE E 338 20.80 0.67 21.39
N PRO E 339 20.90 1.89 21.93
CA PRO E 339 20.30 3.03 21.23
C PRO E 339 20.92 3.24 19.85
N ALA E 340 20.27 4.07 19.06
CA ALA E 340 20.73 4.33 17.70
C ALA E 340 22.13 4.93 17.71
N ARG E 341 22.37 5.90 18.60
CA ARG E 341 23.69 6.50 18.70
C ARG E 341 24.69 5.54 19.32
N ALA E 342 24.27 4.75 20.31
CA ALA E 342 25.14 3.80 20.99
C ALA E 342 26.36 4.53 21.58
N ARG E 343 26.06 5.41 22.53
CA ARG E 343 27.09 6.28 23.10
C ARG E 343 28.24 5.46 23.65
N VAL E 344 27.93 4.45 24.47
CA VAL E 344 28.96 3.60 25.06
C VAL E 344 29.01 2.29 24.27
N GLU E 345 30.19 1.68 24.26
CA GLU E 345 30.39 0.40 23.61
C GLU E 345 29.80 -0.70 24.49
N CYS E 346 28.68 -1.27 24.04
CA CYS E 346 27.89 -2.17 24.85
C CYS E 346 28.34 -3.62 24.63
N PHE E 347 27.57 -4.57 25.14
CA PHE E 347 27.87 -5.99 25.04
C PHE E 347 27.48 -6.47 23.65
N ASP E 348 28.47 -6.83 22.84
CA ASP E 348 28.23 -7.32 21.48
C ASP E 348 28.75 -8.76 21.39
N LYS E 349 27.93 -9.69 21.85
CA LYS E 349 28.20 -11.12 21.67
C LYS E 349 26.98 -11.93 21.23
N PHE E 350 25.76 -11.44 21.44
CA PHE E 350 24.56 -12.16 21.07
C PHE E 350 24.07 -11.66 19.71
N LYS E 351 22.87 -12.09 19.32
CA LYS E 351 22.21 -11.50 18.16
C LYS E 351 21.71 -10.12 18.56
N VAL E 352 22.50 -9.09 18.26
CA VAL E 352 22.28 -7.77 18.83
C VAL E 352 20.99 -7.15 18.28
N ASN E 353 20.29 -6.44 19.16
CA ASN E 353 19.10 -5.67 18.78
C ASN E 353 18.03 -6.58 18.18
N SER E 354 17.61 -7.56 18.99
CA SER E 354 16.53 -8.49 18.63
C SER E 354 15.51 -8.44 19.76
N THR E 355 14.54 -7.53 19.63
CA THR E 355 13.57 -7.32 20.71
C THR E 355 12.67 -8.53 20.91
N LEU E 356 12.40 -9.28 19.85
CA LEU E 356 11.44 -10.38 19.91
C LEU E 356 12.04 -11.68 20.40
N GLU E 357 13.16 -11.63 21.12
CA GLU E 357 13.77 -12.84 21.65
C GLU E 357 13.22 -13.15 23.04
N GLN E 358 13.35 -14.41 23.44
CA GLN E 358 12.79 -14.83 24.72
C GLN E 358 13.42 -14.07 25.88
N TYR E 359 14.73 -13.93 25.88
CA TYR E 359 15.47 -13.24 26.94
C TYR E 359 16.12 -12.00 26.35
N VAL E 360 15.70 -10.83 26.80
CA VAL E 360 16.12 -9.57 26.20
C VAL E 360 16.65 -8.67 27.31
N PHE E 361 17.85 -8.13 27.10
CA PHE E 361 18.53 -7.29 28.08
C PHE E 361 18.64 -5.87 27.52
N CYS E 362 18.36 -4.87 28.35
CA CYS E 362 18.35 -3.50 27.84
C CYS E 362 18.55 -2.49 28.96
N THR E 363 18.91 -1.27 28.54
CA THR E 363 18.86 -0.13 29.43
C THR E 363 17.45 0.49 29.41
N VAL E 364 17.12 1.22 30.48
CA VAL E 364 15.77 1.78 30.59
C VAL E 364 15.49 2.75 29.46
N ASN E 365 16.45 3.63 29.15
CA ASN E 365 16.17 4.71 28.22
C ASN E 365 15.84 4.20 26.82
N ALA E 366 16.50 3.14 26.37
CA ALA E 366 16.34 2.63 25.02
C ALA E 366 15.33 1.49 24.94
N LEU E 367 14.47 1.36 25.94
CA LEU E 367 13.51 0.26 25.95
C LEU E 367 12.50 0.44 24.81
N PRO E 368 12.15 -0.63 24.09
CA PRO E 368 11.03 -0.56 23.15
C PRO E 368 9.72 -0.96 23.81
N GLU E 369 8.63 -0.48 23.21
CA GLU E 369 7.31 -0.81 23.72
C GLU E 369 6.90 -2.21 23.26
N THR E 370 6.90 -3.16 24.19
CA THR E 370 6.57 -4.54 23.89
C THR E 370 5.93 -5.16 25.14
N THR E 371 5.65 -6.45 25.06
CA THR E 371 5.13 -7.24 26.17
C THR E 371 6.18 -8.25 26.61
N ALA E 372 5.86 -8.99 27.66
CA ALA E 372 6.76 -10.01 28.19
C ALA E 372 5.99 -10.87 29.18
N ASP E 373 6.62 -11.97 29.61
CA ASP E 373 6.10 -12.78 30.70
C ASP E 373 6.61 -12.34 32.06
N ILE E 374 7.78 -11.71 32.12
CA ILE E 374 8.30 -11.16 33.37
C ILE E 374 9.41 -10.17 33.06
N VAL E 375 9.44 -9.07 33.80
CA VAL E 375 10.47 -8.04 33.65
C VAL E 375 11.23 -7.95 34.96
N VAL E 376 12.55 -8.07 34.87
CA VAL E 376 13.44 -8.04 36.02
C VAL E 376 14.27 -6.77 35.89
N PHE E 377 14.03 -5.81 36.77
CA PHE E 377 14.84 -4.60 36.80
C PHE E 377 15.88 -4.72 37.90
N ASP E 378 17.13 -4.41 37.56
CA ASP E 378 18.25 -4.58 38.47
C ASP E 378 18.80 -3.25 38.92
N GLU E 379 19.27 -3.21 40.17
CA GLU E 379 19.94 -2.05 40.74
C GLU E 379 19.02 -0.83 40.74
N ILE E 380 17.97 -0.92 41.55
CA ILE E 380 17.03 0.19 41.71
C ILE E 380 17.70 1.47 42.18
N SER E 381 18.88 1.38 42.81
CA SER E 381 19.46 2.56 43.43
C SER E 381 19.76 3.64 42.40
N MET E 382 20.23 3.26 41.21
CA MET E 382 20.62 4.25 40.22
C MET E 382 19.44 4.83 39.46
N ALA E 383 18.25 4.25 39.61
CA ALA E 383 17.09 4.63 38.83
C ALA E 383 16.17 5.54 39.65
N THR E 384 15.51 6.46 38.95
CA THR E 384 14.57 7.39 39.55
C THR E 384 13.13 6.95 39.26
N ASN E 385 12.18 7.66 39.86
CA ASN E 385 10.77 7.35 39.63
C ASN E 385 10.41 7.53 38.16
N TYR E 386 11.03 8.49 37.47
CA TYR E 386 10.81 8.62 36.04
C TYR E 386 11.16 7.32 35.32
N ASP E 387 12.30 6.73 35.67
CA ASP E 387 12.67 5.44 35.10
C ASP E 387 11.64 4.39 35.44
N LEU E 388 11.12 4.42 36.67
CA LEU E 388 10.12 3.44 37.07
C LEU E 388 8.87 3.54 36.20
N SER E 389 8.40 4.76 35.96
CA SER E 389 7.24 4.94 35.11
C SER E 389 7.55 4.50 33.67
N VAL E 390 8.75 4.83 33.19
CA VAL E 390 9.11 4.47 31.82
C VAL E 390 9.07 2.95 31.65
N VAL E 391 9.66 2.22 32.59
CA VAL E 391 9.66 0.77 32.49
C VAL E 391 8.26 0.22 32.67
N ASN E 392 7.48 0.78 33.60
CA ASN E 392 6.10 0.32 33.76
C ASN E 392 5.28 0.54 32.51
N ALA E 393 5.61 1.55 31.71
CA ALA E 393 4.84 1.84 30.51
C ALA E 393 5.29 1.00 29.31
N ARG E 394 6.58 1.08 28.95
CA ARG E 394 7.01 0.47 27.70
C ARG E 394 6.88 -1.05 27.74
N LEU E 395 7.29 -1.68 28.83
CA LEU E 395 7.32 -3.13 28.94
C LEU E 395 6.11 -3.61 29.74
N ARG E 396 5.29 -4.45 29.12
CA ARG E 396 4.10 -4.99 29.77
C ARG E 396 4.32 -6.47 30.08
N ALA E 397 4.28 -6.81 31.36
CA ALA E 397 4.65 -8.15 31.80
C ALA E 397 3.67 -8.64 32.86
N LYS E 398 3.54 -9.96 32.94
CA LYS E 398 2.75 -10.62 33.97
C LYS E 398 3.33 -10.38 35.36
N HIS E 399 4.65 -10.42 35.50
CA HIS E 399 5.32 -10.26 36.78
C HIS E 399 6.42 -9.23 36.66
N TYR E 400 6.68 -8.51 37.75
CA TYR E 400 7.72 -7.51 37.83
C TYR E 400 8.61 -7.78 39.03
N VAL E 401 9.92 -7.83 38.81
CA VAL E 401 10.87 -8.14 39.87
C VAL E 401 11.90 -7.02 39.90
N TYR E 402 12.15 -6.48 41.08
CA TYR E 402 13.06 -5.36 41.27
C TYR E 402 14.20 -5.78 42.18
N ILE E 403 15.43 -5.51 41.75
CA ILE E 403 16.63 -5.87 42.47
C ILE E 403 17.50 -4.63 42.64
N GLY E 404 18.08 -4.47 43.81
CA GLY E 404 18.97 -3.36 44.07
C GLY E 404 18.98 -3.05 45.55
N ASP E 405 20.08 -2.46 45.99
CA ASP E 405 20.31 -2.20 47.40
C ASP E 405 20.30 -0.70 47.64
N PRO E 406 19.47 -0.21 48.58
CA PRO E 406 19.42 1.24 48.82
C PRO E 406 20.77 1.81 49.22
N ALA E 407 21.57 1.04 49.96
CA ALA E 407 22.85 1.55 50.43
C ALA E 407 23.83 1.80 49.28
N GLN E 408 23.54 1.32 48.08
CA GLN E 408 24.37 1.63 46.92
C GLN E 408 24.19 3.09 46.54
N LEU E 409 25.13 3.61 45.74
CA LEU E 409 25.10 5.01 45.37
C LEU E 409 23.84 5.31 44.55
N PRO E 410 23.15 6.43 44.83
CA PRO E 410 21.89 6.69 44.12
C PRO E 410 22.09 7.29 42.74
N ALA E 411 21.00 7.71 42.11
CA ALA E 411 21.09 8.38 40.83
C ALA E 411 21.85 9.69 40.99
N PRO E 412 22.40 10.24 39.90
CA PRO E 412 23.22 11.46 40.01
C PRO E 412 22.53 12.58 40.77
N ARG E 413 21.35 13.00 40.30
CA ARG E 413 20.62 14.12 40.90
C ARG E 413 21.52 15.35 41.03
N THR E 414 22.06 15.75 39.88
CA THR E 414 23.07 16.81 39.85
C THR E 414 22.54 18.10 40.45
N LEU E 415 21.28 18.45 40.17
CA LEU E 415 20.72 19.68 40.74
C LEU E 415 20.77 19.67 42.25
N LEU E 416 20.70 18.49 42.87
CA LEU E 416 20.78 18.42 44.32
C LEU E 416 22.14 18.91 44.78
N THR E 417 22.14 19.96 45.60
CA THR E 417 23.37 20.49 46.16
C THR E 417 23.23 20.89 47.63
N LYS E 418 22.08 20.66 48.25
CA LYS E 418 21.85 21.00 49.64
C LYS E 418 21.15 19.84 50.33
N GLY E 419 21.62 19.50 51.52
CA GLY E 419 21.07 18.37 52.25
C GLY E 419 21.53 17.05 51.68
N THR E 420 21.05 15.97 52.30
CA THR E 420 21.35 14.62 51.88
C THR E 420 20.07 13.85 51.61
N LEU E 421 20.13 12.98 50.61
CA LEU E 421 18.99 12.15 50.23
C LEU E 421 19.14 10.79 50.89
N GLU E 422 18.16 10.41 51.70
CA GLU E 422 18.21 9.13 52.38
C GLU E 422 17.76 8.02 51.44
N PRO E 423 18.13 6.77 51.76
CA PRO E 423 17.78 5.66 50.84
C PRO E 423 16.30 5.51 50.62
N GLU E 424 15.48 5.76 51.64
CA GLU E 424 14.04 5.60 51.52
C GLU E 424 13.40 6.61 50.59
N TYR E 425 14.15 7.59 50.09
CA TYR E 425 13.61 8.61 49.20
C TYR E 425 14.31 8.64 47.84
N PHE E 426 15.14 7.63 47.55
CA PHE E 426 15.74 7.56 46.22
C PHE E 426 14.67 7.41 45.15
N ASN E 427 13.68 6.55 45.40
CA ASN E 427 12.56 6.38 44.49
C ASN E 427 11.50 5.56 45.21
N SER E 428 10.37 5.33 44.53
CA SER E 428 9.26 4.62 45.16
C SER E 428 9.67 3.21 45.58
N VAL E 429 10.41 2.51 44.71
CA VAL E 429 10.79 1.13 45.04
C VAL E 429 11.67 1.10 46.27
N CYS E 430 12.64 2.02 46.36
CA CYS E 430 13.47 2.10 47.56
C CYS E 430 12.63 2.50 48.76
N ARG E 431 11.64 3.37 48.56
CA ARG E 431 10.75 3.72 49.67
C ARG E 431 10.02 2.49 50.20
N LEU E 432 9.53 1.64 49.30
CA LEU E 432 8.90 0.40 49.73
C LEU E 432 9.90 -0.50 50.44
N MET E 433 11.12 -0.57 49.91
CA MET E 433 12.14 -1.44 50.49
C MET E 433 12.45 -1.04 51.92
N LYS E 434 12.54 0.26 52.18
CA LYS E 434 12.91 0.75 53.51
C LYS E 434 11.72 0.87 54.44
N THR E 435 10.51 1.05 53.91
CA THR E 435 9.36 1.37 54.74
C THR E 435 8.81 0.15 55.45
N ILE E 436 8.35 -0.83 54.69
CA ILE E 436 7.79 -2.05 55.25
C ILE E 436 8.85 -3.13 55.24
N GLY E 437 9.88 -2.94 54.41
CA GLY E 437 10.92 -3.92 54.24
C GLY E 437 10.82 -4.58 52.88
N PRO E 438 11.91 -5.13 52.39
CA PRO E 438 11.87 -5.81 51.10
C PRO E 438 11.00 -7.06 51.17
N ASP E 439 10.46 -7.44 50.01
CA ASP E 439 9.73 -8.69 49.96
C ASP E 439 10.65 -9.87 50.20
N MET E 440 11.93 -9.72 49.89
CA MET E 440 12.92 -10.78 50.05
C MET E 440 14.28 -10.18 50.39
N PHE E 441 15.11 -10.97 51.06
CA PHE E 441 16.45 -10.53 51.43
C PHE E 441 17.40 -11.71 51.45
N LEU E 442 18.65 -11.48 51.05
CA LEU E 442 19.72 -12.45 51.18
C LEU E 442 21.00 -11.71 51.50
N GLY E 443 21.81 -12.27 52.40
CA GLY E 443 23.09 -11.67 52.74
C GLY E 443 24.19 -12.67 52.99
N THR E 444 25.26 -12.59 52.21
CA THR E 444 26.45 -13.41 52.40
C THR E 444 27.52 -12.87 51.46
N CYS E 445 28.78 -12.94 51.91
CA CYS E 445 29.90 -12.37 51.18
C CYS E 445 30.92 -13.46 50.93
N ARG E 446 31.49 -13.48 49.72
CA ARG E 446 32.39 -14.53 49.28
C ARG E 446 33.70 -14.01 48.71
N ARG E 447 33.88 -12.69 48.63
CA ARG E 447 34.99 -12.10 47.90
C ARG E 447 36.10 -11.56 48.79
N CYS E 448 35.77 -10.64 49.69
CA CYS E 448 36.78 -9.94 50.48
C CYS E 448 37.18 -10.73 51.72
N PRO E 449 38.31 -10.39 52.36
CA PRO E 449 38.74 -11.12 53.54
C PRO E 449 37.76 -11.03 54.69
N ALA E 450 38.06 -11.73 55.79
CA ALA E 450 37.14 -11.79 56.92
C ALA E 450 37.08 -10.48 57.68
N GLU E 451 38.17 -9.70 57.69
CA GLU E 451 38.21 -8.52 58.55
C GLU E 451 37.34 -7.39 58.00
N ILE E 452 37.57 -6.99 56.76
CA ILE E 452 36.83 -5.84 56.23
C ILE E 452 35.37 -6.19 56.02
N VAL E 453 35.07 -7.47 55.73
CA VAL E 453 33.67 -7.88 55.69
C VAL E 453 33.06 -7.85 57.09
N ASP E 454 33.82 -8.24 58.11
CA ASP E 454 33.32 -8.09 59.47
C ASP E 454 33.03 -6.63 59.80
N THR E 455 33.89 -5.71 59.38
CA THR E 455 33.65 -4.29 59.63
C THR E 455 32.43 -3.78 58.88
N VAL E 456 32.30 -4.08 57.59
CA VAL E 456 31.13 -3.61 56.85
C VAL E 456 29.86 -4.26 57.35
N SER E 457 29.96 -5.41 58.01
CA SER E 457 28.81 -6.02 58.67
C SER E 457 28.30 -5.19 59.84
N ALA E 458 29.00 -4.12 60.21
CA ALA E 458 28.55 -3.17 61.21
C ALA E 458 28.49 -1.73 60.71
N LEU E 459 29.24 -1.40 59.65
CA LEU E 459 29.24 -0.04 59.14
C LEU E 459 27.84 0.41 58.75
N VAL E 460 27.27 -0.22 57.74
CA VAL E 460 25.91 0.07 57.28
C VAL E 460 24.96 -1.07 57.60
N TYR E 461 25.46 -2.30 57.52
CA TYR E 461 24.66 -3.49 57.80
C TYR E 461 24.73 -3.80 59.28
N ASP E 462 23.60 -4.20 59.85
CA ASP E 462 23.50 -4.50 61.28
C ASP E 462 23.85 -5.96 61.52
N ASN E 463 25.15 -6.21 61.65
CA ASN E 463 25.73 -7.55 61.91
C ASN E 463 24.98 -8.64 61.14
N LYS E 464 24.74 -8.38 59.86
CA LYS E 464 23.99 -9.30 58.99
C LYS E 464 24.89 -10.27 58.25
N LEU E 465 26.07 -9.84 57.82
CA LEU E 465 26.87 -10.60 56.87
C LEU E 465 27.91 -11.46 57.58
N LYS E 466 27.81 -12.77 57.38
CA LYS E 466 28.95 -13.65 57.56
C LYS E 466 29.70 -13.78 56.25
N ALA E 467 30.92 -14.29 56.33
CA ALA E 467 31.80 -14.38 55.15
C ALA E 467 32.50 -15.72 55.16
N HIS E 468 33.23 -16.00 54.08
CA HIS E 468 33.95 -17.26 53.91
C HIS E 468 35.37 -16.91 53.47
N LYS E 469 36.22 -16.61 54.43
CA LYS E 469 37.64 -16.33 54.20
C LYS E 469 38.31 -16.17 55.57
N ASP E 470 39.62 -15.99 55.56
CA ASP E 470 40.39 -15.72 56.77
C ASP E 470 41.10 -14.38 56.62
N LYS E 471 41.01 -13.56 57.66
CA LYS E 471 41.67 -12.25 57.65
C LYS E 471 43.16 -12.45 57.45
N SER E 472 43.70 -11.89 56.37
CA SER E 472 45.11 -12.07 56.02
C SER E 472 46.02 -11.11 56.77
N ALA E 473 45.49 -10.28 57.66
CA ALA E 473 46.25 -9.27 58.38
C ALA E 473 46.81 -8.19 57.46
N GLN E 474 46.35 -8.13 56.21
CA GLN E 474 46.80 -7.13 55.25
C GLN E 474 45.81 -5.98 55.14
N CYS E 475 44.83 -5.92 56.03
CA CYS E 475 43.92 -4.79 56.13
C CYS E 475 44.61 -3.70 56.95
N PHE E 476 44.83 -2.55 56.32
CA PHE E 476 45.59 -1.46 56.93
C PHE E 476 44.77 -0.18 56.92
N LYS E 477 44.75 0.49 58.08
CA LYS E 477 44.17 1.82 58.22
C LYS E 477 45.29 2.78 58.59
N MET E 478 45.45 3.83 57.80
CA MET E 478 46.49 4.83 58.02
C MET E 478 45.86 6.17 58.40
N PHE E 479 46.47 6.81 59.40
CA PHE E 479 46.01 8.10 59.91
C PHE E 479 47.10 9.14 59.70
N TYR E 480 46.85 10.09 58.81
CA TYR E 480 47.76 11.20 58.58
C TYR E 480 46.90 12.44 58.36
N LYS E 481 47.43 13.61 58.73
CA LYS E 481 46.62 14.82 58.65
C LYS E 481 46.16 15.09 57.22
N GLY E 482 47.06 14.99 56.26
CA GLY E 482 46.68 15.15 54.87
C GLY E 482 46.18 16.53 54.53
N VAL E 483 47.09 17.52 54.51
CA VAL E 483 46.69 18.87 54.17
C VAL E 483 45.97 18.88 52.82
N ILE E 484 45.03 19.81 52.68
CA ILE E 484 44.10 19.83 51.55
C ILE E 484 44.66 20.75 50.47
N THR E 485 44.32 20.45 49.22
CA THR E 485 44.64 21.30 48.07
C THR E 485 43.43 21.26 47.12
N HIS E 486 42.55 22.25 47.25
CA HIS E 486 41.34 22.35 46.44
C HIS E 486 41.73 22.89 45.06
N ASP E 487 42.16 21.97 44.19
CA ASP E 487 42.83 22.34 42.94
C ASP E 487 41.86 22.44 41.76
N VAL E 488 41.17 21.35 41.44
CA VAL E 488 40.36 21.26 40.23
C VAL E 488 38.87 21.39 40.55
N SER E 489 38.53 22.02 41.68
CA SER E 489 37.19 22.05 42.24
C SER E 489 36.86 20.72 42.90
N SER E 490 37.75 19.73 42.78
CA SER E 490 37.74 18.51 43.55
C SER E 490 39.04 18.43 44.32
N ALA E 491 38.94 18.19 45.62
CA ALA E 491 40.10 18.30 46.49
C ALA E 491 41.20 17.34 46.09
N ILE E 492 42.44 17.80 46.18
CA ILE E 492 43.63 16.98 46.01
C ILE E 492 44.43 17.05 47.30
N ASN E 493 44.77 15.89 47.86
CA ASN E 493 45.47 15.79 49.14
C ASN E 493 46.89 15.34 48.86
N ARG E 494 47.76 16.31 48.58
CA ARG E 494 49.14 15.98 48.21
C ARG E 494 49.92 15.31 49.33
N PRO E 495 49.89 15.78 50.58
CA PRO E 495 50.67 15.07 51.61
C PRO E 495 50.20 13.64 51.85
N GLN E 496 48.90 13.36 51.72
CA GLN E 496 48.46 11.98 51.82
C GLN E 496 49.03 11.15 50.67
N ILE E 497 49.12 11.73 49.48
CA ILE E 497 49.83 11.11 48.37
C ILE E 497 51.28 10.86 48.74
N GLY E 498 51.91 11.80 49.45
CA GLY E 498 53.27 11.59 49.90
C GLY E 498 53.39 10.39 50.80
N VAL E 499 52.46 10.25 51.74
CA VAL E 499 52.45 9.08 52.63
C VAL E 499 52.28 7.81 51.82
N VAL E 500 51.38 7.85 50.83
CA VAL E 500 51.13 6.66 50.01
C VAL E 500 52.41 6.25 49.29
N ARG E 501 53.06 7.20 48.61
CA ARG E 501 54.25 6.87 47.83
C ARG E 501 55.40 6.45 48.73
N GLU E 502 55.48 7.00 49.94
CA GLU E 502 56.57 6.67 50.83
C GLU E 502 56.44 5.28 51.45
N PHE E 503 55.23 4.75 51.57
CA PHE E 503 54.98 3.38 52.04
C PHE E 503 54.35 2.55 50.93
N LEU E 504 54.73 2.81 49.69
CA LEU E 504 54.48 1.91 48.57
C LEU E 504 55.75 1.23 48.09
N THR E 505 56.91 1.88 48.20
CA THR E 505 58.19 1.23 48.02
C THR E 505 58.61 0.40 49.22
N ARG E 506 57.93 0.57 50.36
CA ARG E 506 58.15 -0.24 51.55
C ARG E 506 57.24 -1.46 51.59
N ASN E 507 56.39 -1.65 50.58
CA ASN E 507 55.42 -2.74 50.54
C ASN E 507 55.57 -3.46 49.20
N PRO E 508 56.51 -4.39 49.09
CA PRO E 508 56.73 -5.05 47.79
C PRO E 508 55.51 -5.75 47.24
N ALA E 509 54.63 -6.27 48.11
CA ALA E 509 53.43 -6.97 47.68
C ALA E 509 52.28 -6.02 47.35
N TRP E 510 52.56 -4.74 47.15
CA TRP E 510 51.53 -3.76 46.84
C TRP E 510 51.94 -2.86 45.67
N ARG E 511 52.67 -3.40 44.70
CA ARG E 511 53.15 -2.61 43.56
C ARG E 511 52.13 -2.54 42.43
N LYS E 512 50.95 -3.14 42.59
CA LYS E 512 49.90 -3.09 41.57
C LYS E 512 48.55 -2.72 42.14
N ALA E 513 48.47 -2.41 43.43
CA ALA E 513 47.18 -2.13 44.06
C ALA E 513 46.51 -0.93 43.40
N VAL E 514 45.20 -1.06 43.17
CA VAL E 514 44.45 0.01 42.49
C VAL E 514 44.20 1.15 43.46
N PHE E 515 44.55 2.37 43.06
CA PHE E 515 44.40 3.55 43.89
C PHE E 515 42.95 4.03 43.80
N ILE E 516 42.34 4.29 44.96
CA ILE E 516 40.93 4.66 45.05
C ILE E 516 40.83 5.93 45.87
N SER E 517 40.00 6.86 45.42
CA SER E 517 39.72 8.09 46.14
C SER E 517 38.39 8.65 45.68
N PRO E 518 37.59 9.24 46.56
CA PRO E 518 36.28 9.76 46.14
C PRO E 518 36.37 10.83 45.07
N TYR E 519 37.39 11.67 45.11
CA TYR E 519 37.52 12.79 44.17
C TYR E 519 38.31 12.36 42.96
N ASN E 520 37.87 12.82 41.78
CA ASN E 520 38.54 12.45 40.54
C ASN E 520 39.87 13.18 40.35
N SER E 521 40.01 14.39 40.91
CA SER E 521 41.24 15.15 40.72
C SER E 521 42.43 14.43 41.35
N GLN E 522 42.31 14.07 42.63
CA GLN E 522 43.38 13.32 43.30
C GLN E 522 43.58 11.98 42.63
N ASN E 523 42.48 11.30 42.29
CA ASN E 523 42.58 10.00 41.64
C ASN E 523 43.44 10.08 40.38
N ALA E 524 43.15 11.05 39.52
CA ALA E 524 43.94 11.20 38.30
C ALA E 524 45.37 11.61 38.60
N VAL E 525 45.56 12.66 39.40
CA VAL E 525 46.92 13.19 39.61
C VAL E 525 47.82 12.20 40.29
N ALA E 526 47.28 11.21 41.00
CA ALA E 526 48.11 10.16 41.56
C ALA E 526 48.70 9.26 40.48
N SER E 527 48.13 9.26 39.27
CA SER E 527 48.56 8.31 38.24
C SER E 527 50.02 8.54 37.83
N LYS E 528 50.42 9.80 37.65
CA LYS E 528 51.73 10.07 37.06
C LYS E 528 52.87 9.77 38.04
N ILE E 529 52.54 9.50 39.30
CA ILE E 529 53.56 9.47 40.35
C ILE E 529 53.77 8.09 40.94
N LEU E 530 52.70 7.32 41.15
CA LEU E 530 52.81 5.98 41.73
C LEU E 530 52.43 4.92 40.70
N GLY E 531 51.93 5.35 39.55
CA GLY E 531 51.81 4.48 38.38
C GLY E 531 50.76 3.39 38.46
N LEU E 532 50.18 3.14 39.63
CA LEU E 532 49.19 2.08 39.76
C LEU E 532 47.93 2.45 38.98
N PRO E 533 47.13 1.45 38.59
CA PRO E 533 45.86 1.76 37.94
C PRO E 533 44.97 2.62 38.82
N THR E 534 44.28 3.57 38.20
CA THR E 534 43.45 4.55 38.90
C THR E 534 41.98 4.30 38.59
N GLN E 535 41.16 4.33 39.63
CA GLN E 535 39.73 4.05 39.48
C GLN E 535 38.97 4.80 40.55
N THR E 536 38.06 5.67 40.14
CA THR E 536 37.26 6.45 41.07
C THR E 536 36.20 5.56 41.72
N VAL E 537 35.71 6.01 42.88
CA VAL E 537 34.77 5.20 43.64
C VAL E 537 33.48 4.99 42.85
N ASP E 538 33.01 6.03 42.16
CA ASP E 538 31.74 5.92 41.45
C ASP E 538 31.75 4.79 40.44
N SER E 539 32.75 4.76 39.57
CA SER E 539 32.86 3.70 38.57
C SER E 539 33.55 2.46 39.10
N SER E 540 34.15 2.53 40.29
CA SER E 540 34.74 1.34 40.90
C SER E 540 33.68 0.29 41.23
N GLN E 541 32.43 0.70 41.38
CA GLN E 541 31.36 -0.26 41.68
C GLN E 541 31.25 -1.27 40.55
N GLY E 542 31.12 -2.54 40.92
CA GLY E 542 31.01 -3.62 39.96
C GLY E 542 32.32 -4.22 39.52
N SER E 543 33.45 -3.74 40.04
CA SER E 543 34.77 -4.25 39.70
C SER E 543 35.50 -4.69 40.97
N GLU E 544 36.19 -5.81 40.88
CA GLU E 544 36.97 -6.36 41.99
C GLU E 544 38.45 -6.36 41.63
N TYR E 545 39.29 -6.16 42.64
CA TYR E 545 40.73 -6.07 42.45
C TYR E 545 41.43 -6.82 43.58
N ASP E 546 42.63 -7.33 43.27
CA ASP E 546 43.40 -8.06 44.27
C ASP E 546 43.85 -7.17 45.41
N TYR E 547 44.23 -5.93 45.14
CA TYR E 547 44.76 -5.04 46.17
C TYR E 547 44.24 -3.64 45.88
N VAL E 548 43.93 -2.90 46.95
CA VAL E 548 43.31 -1.58 46.84
C VAL E 548 44.01 -0.63 47.81
N ILE E 549 44.23 0.60 47.36
CA ILE E 549 44.76 1.67 48.18
C ILE E 549 43.73 2.79 48.17
N PHE E 550 42.92 2.87 49.21
CA PHE E 550 41.92 3.92 49.36
C PHE E 550 42.53 5.09 50.11
N THR E 551 42.07 6.29 49.79
CA THR E 551 42.59 7.52 50.40
C THR E 551 41.43 8.48 50.62
N GLN E 552 41.10 8.75 51.88
CA GLN E 552 40.09 9.76 52.20
C GLN E 552 40.68 11.13 51.90
N THR E 553 40.23 11.73 50.80
CA THR E 553 40.83 12.98 50.33
C THR E 553 40.66 14.08 51.39
N THR E 554 39.43 14.37 51.77
CA THR E 554 39.13 15.41 52.76
C THR E 554 37.92 14.99 53.57
N GLU E 555 37.78 15.61 54.74
CA GLU E 555 36.60 15.38 55.57
C GLU E 555 35.46 16.27 55.08
N THR E 556 34.36 15.64 54.65
CA THR E 556 33.21 16.36 54.14
C THR E 556 32.08 15.36 53.95
N ALA E 557 30.91 15.85 53.57
CA ALA E 557 29.73 15.02 53.39
C ALA E 557 29.85 14.06 52.21
N HIS E 558 30.71 14.38 51.23
CA HIS E 558 30.89 13.52 50.07
C HIS E 558 31.89 12.40 50.33
N SER E 559 33.09 12.74 50.82
CA SER E 559 34.10 11.74 51.10
C SER E 559 33.76 10.88 52.31
N CYS E 560 33.07 11.43 53.30
CA CYS E 560 32.69 10.69 54.50
C CYS E 560 31.36 9.96 54.34
N ASN E 561 30.85 9.86 53.11
CA ASN E 561 29.63 9.11 52.87
C ASN E 561 29.85 7.65 53.23
N VAL E 562 29.02 7.12 54.13
CA VAL E 562 29.16 5.72 54.54
C VAL E 562 28.95 4.80 53.35
N ASN E 563 27.98 5.12 52.48
CA ASN E 563 27.75 4.29 51.30
C ASN E 563 28.96 4.30 50.38
N ARG E 564 29.51 5.48 50.11
CA ARG E 564 30.65 5.58 49.22
C ARG E 564 31.85 4.85 49.79
N PHE E 565 32.11 5.03 51.09
CA PHE E 565 33.22 4.35 51.72
C PHE E 565 33.03 2.84 51.70
N ASN E 566 31.80 2.39 51.94
CA ASN E 566 31.48 0.97 51.87
C ASN E 566 31.78 0.40 50.49
N VAL E 567 31.24 1.02 49.44
CA VAL E 567 31.47 0.51 48.09
C VAL E 567 32.92 0.61 47.68
N ALA E 568 33.69 1.53 48.28
CA ALA E 568 35.11 1.58 48.03
C ALA E 568 35.84 0.39 48.68
N ILE E 569 35.54 0.13 49.95
CA ILE E 569 36.28 -0.89 50.67
C ILE E 569 35.89 -2.29 50.21
N THR E 570 34.64 -2.48 49.78
CA THR E 570 34.15 -3.81 49.46
C THR E 570 34.61 -4.33 48.09
N ARG E 571 35.62 -3.70 47.50
CA ARG E 571 36.16 -4.15 46.21
C ARG E 571 37.45 -4.94 46.36
N ALA E 572 38.07 -4.94 47.54
CA ALA E 572 39.29 -5.70 47.76
C ALA E 572 39.00 -7.19 47.82
N LYS E 573 40.05 -7.99 47.65
CA LYS E 573 39.93 -9.44 47.62
C LYS E 573 40.71 -10.13 48.73
N VAL E 574 41.95 -9.74 48.97
CA VAL E 574 42.80 -10.39 49.96
C VAL E 574 43.26 -9.37 51.01
N GLY E 575 43.30 -8.10 50.63
CA GLY E 575 43.72 -7.06 51.55
C GLY E 575 43.47 -5.69 50.98
N ILE E 576 43.59 -4.69 51.84
CA ILE E 576 43.35 -3.31 51.45
C ILE E 576 44.01 -2.39 52.47
N LEU E 577 44.66 -1.34 51.99
CA LEU E 577 45.15 -0.26 52.84
C LEU E 577 44.33 0.99 52.56
N CYS E 578 43.90 1.66 53.63
CA CYS E 578 43.04 2.82 53.53
C CYS E 578 43.62 3.96 54.35
N ILE E 579 43.40 5.19 53.89
CA ILE E 579 43.84 6.39 54.60
C ILE E 579 42.61 7.09 55.16
N MET E 580 42.56 7.20 56.49
CA MET E 580 41.45 7.82 57.18
C MET E 580 41.83 9.23 57.61
N SER E 581 40.85 10.13 57.53
CA SER E 581 41.00 11.51 57.98
C SER E 581 40.17 11.80 59.20
N ASP E 582 38.87 11.52 59.15
CA ASP E 582 38.01 11.73 60.32
C ASP E 582 38.29 10.66 61.36
N ARG E 583 38.32 11.08 62.63
CA ARG E 583 38.62 10.16 63.72
C ARG E 583 37.52 9.11 63.89
N ASP E 584 36.25 9.52 63.76
CA ASP E 584 35.14 8.59 63.94
C ASP E 584 35.19 7.45 62.93
N LEU E 585 35.44 7.78 61.66
CA LEU E 585 35.53 6.74 60.64
C LEU E 585 36.70 5.81 60.91
N TYR E 586 37.85 6.35 61.30
CA TYR E 586 39.01 5.52 61.61
C TYR E 586 38.77 4.62 62.81
N ASP E 587 37.93 5.04 63.74
CA ASP E 587 37.68 4.28 64.95
C ASP E 587 36.57 3.24 64.79
N LYS E 588 35.50 3.57 64.07
CA LYS E 588 34.40 2.62 63.94
C LYS E 588 34.83 1.36 63.20
N LEU E 589 35.75 1.49 62.26
CA LEU E 589 36.42 0.33 61.69
C LEU E 589 37.51 -0.15 62.65
N GLN E 590 37.91 -1.41 62.48
CA GLN E 590 38.90 -2.05 63.35
C GLN E 590 39.98 -2.68 62.48
N PHE E 591 40.96 -1.89 62.08
CA PHE E 591 42.08 -2.33 61.24
C PHE E 591 43.35 -2.42 62.09
N THR E 592 44.47 -2.68 61.44
CA THR E 592 45.75 -2.77 62.12
C THR E 592 46.17 -1.40 62.63
N SER E 593 47.33 -1.35 63.30
CA SER E 593 47.71 -0.18 64.09
C SER E 593 48.41 0.88 63.24
N LEU E 594 49.41 0.48 62.44
CA LEU E 594 50.28 1.41 61.74
C LEU E 594 50.99 2.34 62.71
N ALA F 5 6.05 20.28 -9.87
CA ALA F 5 7.05 19.66 -8.95
C ALA F 5 7.81 20.75 -8.20
N VAL F 6 7.66 20.77 -6.89
CA VAL F 6 8.31 21.76 -6.05
C VAL F 6 9.75 21.34 -5.83
N GLY F 7 10.56 22.29 -5.38
CA GLY F 7 11.96 22.05 -5.14
C GLY F 7 12.52 23.05 -4.15
N ALA F 8 13.83 23.26 -4.25
CA ALA F 8 14.54 24.17 -3.36
C ALA F 8 15.27 25.22 -4.19
N CYS F 9 15.25 26.46 -3.70
CA CYS F 9 15.97 27.54 -4.38
C CYS F 9 17.47 27.28 -4.34
N VAL F 10 18.13 27.53 -5.46
CA VAL F 10 19.55 27.18 -5.59
C VAL F 10 20.38 27.95 -4.58
N LEU F 11 20.21 29.27 -4.50
CA LEU F 11 21.07 30.11 -3.69
C LEU F 11 20.50 30.43 -2.32
N CYS F 12 19.31 29.91 -1.99
CA CYS F 12 18.82 30.03 -0.62
C CYS F 12 18.10 28.79 -0.11
N ASN F 13 17.92 27.75 -0.92
CA ASN F 13 17.38 26.47 -0.46
C ASN F 13 15.94 26.58 0.04
N SER F 14 15.28 27.71 -0.18
CA SER F 14 13.91 27.86 0.27
C SER F 14 12.96 27.14 -0.66
N GLN F 15 11.88 26.60 -0.09
CA GLN F 15 10.87 25.90 -0.87
C GLN F 15 10.30 26.82 -1.94
N THR F 16 10.21 26.31 -3.15
CA THR F 16 9.68 27.08 -4.26
C THR F 16 9.23 26.12 -5.36
N SER F 17 8.56 26.69 -6.36
CA SER F 17 8.13 25.96 -7.54
C SER F 17 8.35 26.78 -8.80
N LEU F 18 9.33 27.68 -8.77
CA LEU F 18 9.61 28.56 -9.88
C LEU F 18 10.93 28.19 -10.51
N ARG F 19 10.99 28.25 -11.84
CA ARG F 19 12.17 27.88 -12.59
C ARG F 19 12.43 28.94 -13.63
N CYS F 20 13.71 29.23 -13.87
CA CYS F 20 14.11 30.20 -14.87
C CYS F 20 14.11 29.50 -16.23
N GLY F 21 12.98 29.59 -16.94
CA GLY F 21 12.88 28.95 -18.24
C GLY F 21 13.95 29.39 -19.22
N ALA F 22 14.49 30.59 -19.04
CA ALA F 22 15.58 31.05 -19.90
C ALA F 22 16.89 30.33 -19.61
N CYS F 23 17.18 30.03 -18.35
CA CYS F 23 18.37 29.24 -18.05
C CYS F 23 18.26 27.86 -18.68
N ILE F 24 19.41 27.34 -19.09
CA ILE F 24 19.44 26.05 -19.79
C ILE F 24 18.94 24.94 -18.87
N ARG F 25 19.27 25.01 -17.59
CA ARG F 25 18.89 23.97 -16.64
C ARG F 25 17.54 24.22 -15.98
N ARG F 26 16.98 25.42 -16.13
CA ARG F 26 15.71 25.76 -15.49
C ARG F 26 15.79 25.46 -14.01
N PRO F 27 16.79 25.99 -13.29
CA PRO F 27 16.92 25.68 -11.88
C PRO F 27 15.84 26.34 -11.04
N PHE F 28 15.56 25.74 -9.90
CA PHE F 28 14.55 26.28 -9.00
C PHE F 28 15.00 27.61 -8.43
N LEU F 29 14.04 28.51 -8.23
CA LEU F 29 14.31 29.83 -7.70
C LEU F 29 13.15 30.25 -6.82
N CYS F 30 13.45 30.92 -5.70
CA CYS F 30 12.37 31.36 -4.83
C CYS F 30 11.83 32.70 -5.31
N CYS F 31 10.74 33.15 -4.69
CA CYS F 31 10.10 34.39 -5.10
C CYS F 31 11.08 35.55 -5.11
N LYS F 32 11.79 35.75 -3.98
CA LYS F 32 12.71 36.87 -3.90
C LYS F 32 13.92 36.67 -4.81
N CYS F 33 14.54 35.50 -4.76
CA CYS F 33 15.69 35.23 -5.62
C CYS F 33 15.27 35.28 -7.09
N CYS F 34 14.09 34.73 -7.41
CA CYS F 34 13.62 34.79 -8.79
C CYS F 34 13.42 36.23 -9.24
N TYR F 35 12.84 37.08 -8.40
CA TYR F 35 12.68 38.47 -8.78
C TYR F 35 14.03 39.13 -9.00
N ASP F 36 14.97 38.87 -8.11
CA ASP F 36 16.30 39.46 -8.27
C ASP F 36 16.94 39.01 -9.57
N HIS F 37 16.79 37.74 -9.93
CA HIS F 37 17.36 37.24 -11.17
C HIS F 37 16.69 37.85 -12.39
N VAL F 38 15.35 37.83 -12.45
CA VAL F 38 14.67 38.35 -13.63
C VAL F 38 14.90 39.84 -13.80
N ILE F 39 14.79 40.62 -12.73
CA ILE F 39 15.03 42.06 -12.83
C ILE F 39 16.49 42.35 -13.15
N SER F 40 17.42 41.55 -12.63
CA SER F 40 18.85 41.77 -12.87
C SER F 40 19.26 41.34 -14.26
N THR F 41 19.07 40.06 -14.58
CA THR F 41 19.50 39.52 -15.87
C THR F 41 18.46 39.85 -16.93
N SER F 42 18.74 39.45 -18.17
CA SER F 42 17.81 39.60 -19.28
C SER F 42 16.82 38.45 -19.35
N HIS F 43 16.94 37.45 -18.48
CA HIS F 43 16.03 36.32 -18.44
C HIS F 43 14.67 36.83 -17.95
N LYS F 44 13.69 36.84 -18.85
CA LYS F 44 12.34 37.26 -18.52
C LYS F 44 11.31 36.16 -18.82
N LEU F 45 11.77 34.91 -18.88
CA LEU F 45 10.90 33.75 -18.98
C LEU F 45 11.10 32.88 -17.74
N VAL F 46 10.03 32.67 -16.99
CA VAL F 46 10.08 31.95 -15.73
C VAL F 46 8.94 30.94 -15.72
N LEU F 47 9.23 29.74 -15.23
CA LEU F 47 8.29 28.62 -15.26
C LEU F 47 7.88 28.27 -13.84
N SER F 48 6.60 28.41 -13.55
CA SER F 48 5.98 27.85 -12.37
C SER F 48 5.43 26.48 -12.72
N VAL F 49 4.53 25.94 -11.88
CA VAL F 49 3.81 24.73 -12.24
C VAL F 49 3.25 24.83 -13.65
N ASN F 50 2.91 26.03 -14.10
CA ASN F 50 2.56 26.29 -15.48
C ASN F 50 3.48 27.36 -16.04
N PRO F 51 3.72 27.37 -17.35
CA PRO F 51 4.53 28.45 -17.92
C PRO F 51 3.86 29.80 -17.74
N TYR F 52 4.68 30.84 -17.59
CA TYR F 52 4.18 32.21 -17.50
C TYR F 52 4.16 32.84 -18.89
N VAL F 53 2.97 32.79 -19.50
CA VAL F 53 2.76 33.35 -20.81
C VAL F 53 1.40 34.05 -20.84
N CYS F 54 1.16 34.85 -21.86
CA CYS F 54 -0.13 35.50 -22.06
C CYS F 54 -1.09 34.49 -22.68
N ASN F 55 -2.02 33.99 -21.87
CA ASN F 55 -2.96 32.98 -22.33
C ASN F 55 -4.16 33.62 -23.03
N ALA F 56 -3.89 34.48 -24.00
CA ALA F 56 -4.92 35.03 -24.85
C ALA F 56 -5.19 34.09 -26.02
N PRO F 57 -6.35 34.22 -26.69
CA PRO F 57 -6.58 33.40 -27.88
C PRO F 57 -5.45 33.52 -28.88
N GLY F 58 -5.17 34.75 -29.31
CA GLY F 58 -3.98 35.01 -30.10
C GLY F 58 -3.11 36.08 -29.47
N CYS F 59 -1.96 35.66 -28.94
CA CYS F 59 -0.97 36.59 -28.38
C CYS F 59 0.25 35.80 -27.94
N ASP F 60 1.41 36.46 -27.88
CA ASP F 60 2.66 35.81 -27.47
C ASP F 60 3.49 36.83 -26.72
N VAL F 61 3.39 36.81 -25.40
CA VAL F 61 4.21 37.65 -24.53
C VAL F 61 4.86 36.75 -23.50
N THR F 62 6.19 36.74 -23.47
CA THR F 62 6.94 35.89 -22.55
C THR F 62 7.54 36.66 -21.39
N ASP F 63 7.70 37.97 -21.52
CA ASP F 63 8.20 38.77 -20.40
C ASP F 63 7.26 38.63 -19.21
N VAL F 64 7.85 38.45 -18.03
CA VAL F 64 7.08 38.25 -16.82
C VAL F 64 6.61 39.56 -16.21
N THR F 65 7.47 40.58 -16.13
CA THR F 65 7.08 41.85 -15.53
C THR F 65 5.95 42.51 -16.30
N GLN F 66 5.73 42.14 -17.56
CA GLN F 66 4.67 42.69 -18.39
C GLN F 66 3.39 41.85 -18.31
N LEU F 67 3.39 40.82 -17.46
CA LEU F 67 2.28 39.89 -17.37
C LEU F 67 1.48 40.15 -16.10
N TYR F 68 0.16 40.08 -16.23
CA TYR F 68 -0.78 40.24 -15.13
C TYR F 68 -1.72 39.05 -15.14
N LEU F 69 -2.15 38.62 -13.96
CA LEU F 69 -3.03 37.47 -13.85
C LEU F 69 -4.49 37.93 -13.80
N GLY F 70 -5.32 37.25 -14.57
CA GLY F 70 -6.74 37.55 -14.62
C GLY F 70 -7.56 36.28 -14.71
N GLY F 71 -8.71 36.27 -14.05
CA GLY F 71 -9.52 35.06 -13.99
C GLY F 71 -8.74 33.93 -13.38
N MET F 72 -8.33 32.97 -14.21
CA MET F 72 -7.52 31.83 -13.79
C MET F 72 -6.36 31.64 -14.75
N SER F 73 -5.93 32.71 -15.40
CA SER F 73 -4.92 32.64 -16.45
C SER F 73 -4.05 33.89 -16.36
N TYR F 74 -3.10 33.99 -17.30
CA TYR F 74 -2.13 35.08 -17.34
C TYR F 74 -2.23 35.76 -18.69
N TYR F 75 -2.03 37.07 -18.72
CA TYR F 75 -2.17 37.88 -19.92
C TYR F 75 -1.15 39.01 -19.89
N CYS F 76 -1.03 39.70 -21.03
CA CYS F 76 -0.24 40.92 -21.07
C CYS F 76 -1.12 42.08 -20.62
N LYS F 77 -0.63 43.31 -20.77
CA LYS F 77 -1.45 44.47 -20.46
C LYS F 77 -2.65 44.60 -21.39
N SER F 78 -2.54 44.14 -22.63
CA SER F 78 -3.59 44.32 -23.62
C SER F 78 -4.66 43.25 -23.56
N HIS F 79 -4.47 42.19 -22.75
CA HIS F 79 -5.46 41.13 -22.67
C HIS F 79 -5.88 40.83 -21.24
N LYS F 80 -5.59 41.73 -20.29
CA LYS F 80 -5.98 41.51 -18.92
C LYS F 80 -7.44 41.91 -18.71
N PRO F 81 -8.09 41.36 -17.69
CA PRO F 81 -9.46 41.77 -17.39
C PRO F 81 -9.47 43.09 -16.64
N PRO F 82 -10.65 43.61 -16.28
CA PRO F 82 -10.69 44.82 -15.46
C PRO F 82 -10.02 44.66 -14.10
N ILE F 83 -9.84 43.42 -13.63
CA ILE F 83 -9.26 43.18 -12.32
C ILE F 83 -7.74 43.10 -12.44
N SER F 84 -7.05 43.54 -11.39
CA SER F 84 -5.60 43.50 -11.30
C SER F 84 -5.18 42.02 -11.22
N PHE F 85 -3.88 41.68 -11.14
CA PHE F 85 -2.76 42.52 -10.69
C PHE F 85 -1.44 42.00 -11.25
N PRO F 86 -0.36 42.76 -11.11
CA PRO F 86 0.94 42.30 -11.62
C PRO F 86 1.35 40.98 -10.98
N LEU F 87 2.00 40.14 -11.77
CA LEU F 87 2.63 38.95 -11.21
C LEU F 87 3.93 39.30 -10.50
N CYS F 88 4.68 40.27 -11.02
CA CYS F 88 6.03 40.59 -10.57
C CYS F 88 5.97 41.93 -9.83
N ALA F 89 5.72 41.87 -8.53
CA ALA F 89 5.60 43.08 -7.72
C ALA F 89 5.91 42.74 -6.27
N ASN F 90 5.96 43.79 -5.44
CA ASN F 90 6.21 43.65 -4.01
C ASN F 90 7.55 42.98 -3.74
N GLY F 91 8.53 43.19 -4.61
CA GLY F 91 9.82 42.57 -4.45
C GLY F 91 9.82 41.07 -4.54
N GLN F 92 8.74 40.46 -5.02
CA GLN F 92 8.60 39.02 -5.08
C GLN F 92 7.88 38.62 -6.36
N VAL F 93 8.03 37.35 -6.71
CA VAL F 93 7.36 36.76 -7.86
C VAL F 93 6.23 35.87 -7.34
N PHE F 94 5.08 35.93 -8.00
CA PHE F 94 3.90 35.22 -7.54
C PHE F 94 4.09 33.72 -7.65
N GLY F 95 3.86 32.99 -6.56
CA GLY F 95 4.12 31.57 -6.56
C GLY F 95 3.80 30.93 -5.22
N LEU F 96 4.33 29.73 -5.04
CA LEU F 96 4.06 28.97 -3.82
C LEU F 96 4.93 29.47 -2.67
N TYR F 97 4.48 29.18 -1.45
CA TYR F 97 5.25 29.46 -0.24
C TYR F 97 5.77 30.90 -0.24
N LYS F 98 4.88 31.82 -0.65
CA LYS F 98 5.28 33.21 -0.83
C LYS F 98 5.84 33.83 0.45
N ASN F 99 5.48 33.30 1.61
CA ASN F 99 5.83 33.93 2.89
C ASN F 99 7.03 33.24 3.55
N THR F 100 7.65 32.28 2.88
CA THR F 100 8.86 31.63 3.39
C THR F 100 10.02 31.72 2.41
N CYS F 101 9.95 32.65 1.45
CA CYS F 101 10.98 32.78 0.42
C CYS F 101 11.99 33.82 0.88
N VAL F 102 13.16 33.35 1.29
CA VAL F 102 14.22 34.23 1.77
C VAL F 102 15.14 34.56 0.61
N GLY F 103 15.45 35.84 0.45
CA GLY F 103 16.33 36.30 -0.61
C GLY F 103 17.77 36.33 -0.14
N SER F 104 18.70 36.24 -1.09
CA SER F 104 20.12 36.29 -0.82
C SER F 104 20.81 37.17 -1.85
N ASP F 105 21.88 37.85 -1.41
CA ASP F 105 22.59 38.76 -2.30
C ASP F 105 23.50 38.00 -3.25
N ASN F 106 23.58 36.68 -3.10
CA ASN F 106 24.46 35.85 -3.92
C ASN F 106 24.05 35.87 -5.39
N VAL F 107 22.89 36.46 -5.69
CA VAL F 107 22.43 36.57 -7.07
C VAL F 107 23.50 37.21 -7.96
N THR F 108 24.36 38.07 -7.39
CA THR F 108 25.37 38.74 -8.19
C THR F 108 26.26 37.76 -8.93
N ASP F 109 26.75 36.73 -8.27
CA ASP F 109 27.52 35.67 -8.92
C ASP F 109 26.66 34.71 -9.70
N PHE F 110 25.44 34.44 -9.23
CA PHE F 110 24.53 33.57 -9.97
C PHE F 110 24.30 34.09 -11.37
N ASN F 111 24.19 35.41 -11.54
CA ASN F 111 23.97 35.97 -12.86
C ASN F 111 25.12 35.62 -13.80
N ALA F 112 26.36 35.83 -13.35
CA ALA F 112 27.50 35.47 -14.16
C ALA F 112 27.54 33.97 -14.43
N ILE F 113 27.24 33.16 -13.42
CA ILE F 113 27.27 31.71 -13.60
C ILE F 113 26.31 31.29 -14.70
N ALA F 114 25.09 31.84 -14.68
CA ALA F 114 24.09 31.44 -15.64
C ALA F 114 24.35 32.01 -17.03
N THR F 115 24.71 33.28 -17.12
CA THR F 115 24.80 33.96 -18.41
C THR F 115 26.06 33.62 -19.19
N CYS F 116 27.11 33.15 -18.54
CA CYS F 116 28.37 32.91 -19.24
C CYS F 116 28.25 31.69 -20.15
N ASP F 117 29.11 31.64 -21.16
CA ASP F 117 29.14 30.54 -22.12
C ASP F 117 30.40 29.69 -21.99
N TRP F 118 31.21 29.91 -20.96
CA TRP F 118 32.41 29.12 -20.66
C TRP F 118 33.52 29.31 -21.68
N THR F 119 33.41 30.29 -22.58
CA THR F 119 34.46 30.49 -23.58
C THR F 119 35.77 30.90 -22.92
N ASN F 120 35.71 31.78 -21.91
CA ASN F 120 36.90 32.29 -21.26
C ASN F 120 37.24 31.46 -20.02
N ALA F 121 38.45 31.69 -19.50
CA ALA F 121 38.92 30.95 -18.33
C ALA F 121 38.26 31.47 -17.05
N GLY F 122 37.89 32.74 -17.02
CA GLY F 122 37.29 33.32 -15.82
C GLY F 122 36.09 32.54 -15.31
N ASP F 123 35.27 32.05 -16.23
CA ASP F 123 34.08 31.31 -15.81
C ASP F 123 34.45 30.09 -14.98
N TYR F 124 35.40 29.28 -15.48
CA TYR F 124 35.81 28.09 -14.75
C TYR F 124 36.28 28.43 -13.35
N ILE F 125 37.21 29.38 -13.22
CA ILE F 125 37.74 29.71 -11.92
C ILE F 125 36.65 30.24 -11.00
N LEU F 126 35.78 31.10 -11.49
CA LEU F 126 34.66 31.58 -10.69
C LEU F 126 33.58 30.53 -10.50
N ALA F 127 33.49 29.57 -11.41
CA ALA F 127 32.55 28.45 -11.26
C ALA F 127 33.01 27.44 -10.23
N ASN F 128 34.23 27.58 -9.72
CA ASN F 128 34.76 26.64 -8.73
C ASN F 128 34.83 27.23 -7.33
N THR F 129 34.91 28.55 -7.18
CA THR F 129 34.98 29.18 -5.88
C THR F 129 33.62 29.44 -5.27
N CYS F 130 32.54 29.15 -5.98
CA CYS F 130 31.20 29.43 -5.47
C CYS F 130 30.81 28.41 -4.42
N THR F 131 29.66 28.64 -3.78
CA THR F 131 29.19 27.76 -2.72
C THR F 131 28.83 26.38 -3.28
N GLU F 132 28.49 25.48 -2.38
CA GLU F 132 28.23 24.09 -2.78
C GLU F 132 27.06 24.01 -3.76
N ARG F 133 25.92 24.61 -3.40
CA ARG F 133 24.75 24.54 -4.25
C ARG F 133 24.98 25.19 -5.61
N LEU F 134 25.62 26.36 -5.64
CA LEU F 134 26.04 26.97 -6.88
C LEU F 134 27.09 26.16 -7.61
N LYS F 135 28.00 25.51 -6.87
CA LYS F 135 28.99 24.64 -7.50
C LYS F 135 28.31 23.54 -8.30
N LEU F 136 27.33 22.88 -7.70
CA LEU F 136 26.62 21.81 -8.40
C LEU F 136 25.94 22.34 -9.65
N PHE F 137 25.24 23.46 -9.52
CA PHE F 137 24.53 24.01 -10.68
C PHE F 137 25.50 24.40 -11.78
N ALA F 138 26.62 25.01 -11.41
CA ALA F 138 27.62 25.38 -12.41
C ALA F 138 28.14 24.16 -13.13
N ALA F 139 28.43 23.09 -12.38
CA ALA F 139 28.89 21.86 -13.03
C ALA F 139 27.83 21.32 -13.97
N GLU F 140 26.57 21.30 -13.53
CA GLU F 140 25.50 20.75 -14.36
C GLU F 140 25.36 21.53 -15.65
N THR F 141 25.31 22.86 -15.54
CA THR F 141 25.12 23.67 -16.73
C THR F 141 26.34 23.64 -17.63
N LEU F 142 27.54 23.52 -17.06
CA LEU F 142 28.74 23.37 -17.89
C LEU F 142 28.68 22.08 -18.68
N LYS F 143 28.27 20.98 -18.03
CA LYS F 143 28.18 19.71 -18.74
C LYS F 143 27.09 19.77 -19.81
N ALA F 144 25.98 20.43 -19.51
CA ALA F 144 24.94 20.61 -20.51
C ALA F 144 25.45 21.42 -21.70
N THR F 145 26.23 22.46 -21.42
CA THR F 145 26.84 23.24 -22.50
C THR F 145 27.76 22.36 -23.33
N GLU F 146 28.53 21.50 -22.67
CA GLU F 146 29.40 20.58 -23.40
C GLU F 146 28.59 19.68 -24.33
N GLU F 147 27.52 19.07 -23.81
CA GLU F 147 26.72 18.17 -24.64
C GLU F 147 26.07 18.92 -25.80
N THR F 148 25.53 20.10 -25.54
CA THR F 148 24.93 20.89 -26.62
C THR F 148 25.96 21.25 -27.66
N PHE F 149 27.16 21.66 -27.25
CA PHE F 149 28.23 21.94 -28.19
C PHE F 149 28.58 20.70 -29.01
N LYS F 150 28.57 19.53 -28.38
CA LYS F 150 28.82 18.28 -29.08
C LYS F 150 27.74 17.97 -30.11
N LEU F 151 26.53 18.48 -29.96
CA LEU F 151 25.50 18.30 -30.95
C LEU F 151 25.88 18.89 -32.30
N SER F 152 26.76 19.89 -32.31
CA SER F 152 27.32 20.43 -33.54
C SER F 152 28.62 19.69 -33.83
N TYR F 153 28.52 18.58 -34.56
CA TYR F 153 29.66 17.73 -34.82
C TYR F 153 29.56 17.19 -36.23
N GLY F 154 30.70 16.74 -36.76
CA GLY F 154 30.77 16.21 -38.11
C GLY F 154 30.41 14.73 -38.13
N ILE F 155 29.40 14.41 -38.93
CA ILE F 155 28.91 13.04 -39.08
C ILE F 155 29.56 12.43 -40.32
N ALA F 156 29.77 11.12 -40.29
CA ALA F 156 30.40 10.42 -41.39
C ALA F 156 29.78 9.05 -41.62
N THR F 157 30.31 8.31 -42.58
CA THR F 157 29.91 6.93 -42.81
C THR F 157 31.06 6.22 -43.51
N VAL F 158 30.99 4.90 -43.57
CA VAL F 158 32.02 4.09 -44.21
C VAL F 158 31.91 4.28 -45.72
N ARG F 159 33.05 4.58 -46.37
CA ARG F 159 33.06 4.62 -47.82
C ARG F 159 32.51 3.34 -48.40
N GLU F 160 33.15 2.22 -48.09
CA GLU F 160 32.63 0.90 -48.40
C GLU F 160 33.47 -0.12 -47.62
N VAL F 161 33.22 -1.40 -47.89
CA VAL F 161 33.93 -2.45 -47.18
C VAL F 161 35.34 -2.54 -47.74
N LEU F 162 36.33 -2.15 -46.95
CA LEU F 162 37.73 -2.17 -47.36
C LEU F 162 38.54 -3.23 -46.63
N SER F 163 38.55 -3.23 -45.31
CA SER F 163 39.32 -4.20 -44.54
C SER F 163 38.60 -4.48 -43.24
N ASP F 164 38.78 -5.71 -42.74
CA ASP F 164 38.17 -6.11 -41.48
C ASP F 164 38.73 -5.33 -40.30
N ARG F 165 40.03 -5.03 -40.30
CA ARG F 165 40.66 -4.31 -39.20
C ARG F 165 40.65 -2.79 -39.40
N GLU F 166 40.24 -2.31 -40.57
CA GLU F 166 40.24 -0.88 -40.85
C GLU F 166 39.15 -0.55 -41.86
N LEU F 167 38.36 0.47 -41.54
CA LEU F 167 37.36 1.03 -42.43
C LEU F 167 37.91 2.29 -43.07
N HIS F 168 37.05 3.03 -43.76
CA HIS F 168 37.38 4.32 -44.33
C HIS F 168 36.30 5.33 -43.94
N LEU F 169 36.67 6.61 -43.98
CA LEU F 169 35.85 7.68 -43.42
C LEU F 169 35.34 8.59 -44.53
N SER F 170 34.05 8.89 -44.49
CA SER F 170 33.41 9.81 -45.43
C SER F 170 32.58 10.79 -44.62
N TRP F 171 33.18 11.92 -44.28
CA TRP F 171 32.53 12.93 -43.44
C TRP F 171 31.71 13.89 -44.29
N GLU F 172 30.78 14.57 -43.63
CA GLU F 172 30.03 15.64 -44.27
C GLU F 172 30.92 16.86 -44.47
N VAL F 173 30.61 17.63 -45.51
CA VAL F 173 31.37 18.82 -45.86
C VAL F 173 30.79 20.01 -45.11
N GLY F 174 31.68 20.83 -44.54
CA GLY F 174 31.28 22.02 -43.81
C GLY F 174 31.19 21.87 -42.31
N LYS F 175 31.69 20.78 -41.75
CA LYS F 175 31.68 20.56 -40.31
C LYS F 175 33.02 20.04 -39.84
N PRO F 176 33.38 20.29 -38.59
CA PRO F 176 34.69 19.84 -38.09
C PRO F 176 34.68 18.34 -37.80
N ARG F 177 35.80 17.87 -37.27
CA ARG F 177 35.96 16.49 -36.88
C ARG F 177 36.52 16.42 -35.46
N PRO F 178 36.20 15.37 -34.71
CA PRO F 178 36.67 15.28 -33.33
C PRO F 178 38.04 14.63 -33.25
N PRO F 179 38.68 14.69 -32.09
CA PRO F 179 39.93 13.92 -31.91
C PRO F 179 39.64 12.43 -31.88
N LEU F 180 40.66 11.66 -32.28
CA LEU F 180 40.53 10.21 -32.44
C LEU F 180 41.38 9.53 -31.38
N ASN F 181 40.73 8.94 -30.40
CA ASN F 181 41.39 8.17 -29.34
C ASN F 181 40.31 7.32 -28.67
N ARG F 182 40.68 6.67 -27.56
CA ARG F 182 39.74 5.79 -26.88
C ARG F 182 38.60 6.56 -26.21
N ASN F 183 38.86 7.79 -25.75
CA ASN F 183 37.82 8.55 -25.06
C ASN F 183 36.63 8.82 -25.97
N TYR F 184 36.89 9.08 -27.25
CA TYR F 184 35.85 9.50 -28.19
C TYR F 184 35.35 8.28 -28.95
N VAL F 185 34.07 7.96 -28.78
CA VAL F 185 33.43 6.86 -29.48
C VAL F 185 32.33 7.45 -30.35
N PHE F 186 31.83 6.64 -31.28
CA PHE F 186 30.81 7.07 -32.21
C PHE F 186 29.79 5.96 -32.38
N THR F 187 28.57 6.33 -32.73
CA THR F 187 27.47 5.39 -32.90
C THR F 187 27.06 5.33 -34.36
N GLY F 188 26.97 4.12 -34.89
CA GLY F 188 26.41 3.87 -36.20
C GLY F 188 24.89 3.90 -36.12
N TYR F 189 24.28 4.47 -37.16
CA TYR F 189 22.83 4.62 -37.24
C TYR F 189 22.35 3.99 -38.54
N ARG F 190 21.18 3.35 -38.47
CA ARG F 190 20.73 2.38 -39.46
C ARG F 190 19.42 2.79 -40.11
N VAL F 191 19.38 4.02 -40.66
CA VAL F 191 18.15 4.65 -41.13
C VAL F 191 17.78 4.13 -42.51
N THR F 192 18.34 2.98 -42.90
CA THR F 192 18.39 2.56 -44.29
C THR F 192 17.10 2.83 -45.05
N LYS F 193 16.00 2.17 -44.71
CA LYS F 193 14.74 2.45 -45.39
C LYS F 193 13.55 2.77 -44.49
N ASN F 194 13.01 1.85 -43.66
CA ASN F 194 13.54 0.75 -42.81
C ASN F 194 14.32 1.22 -41.57
N SER F 195 13.58 1.90 -40.70
CA SER F 195 13.68 1.73 -39.24
C SER F 195 15.08 2.03 -38.71
N LYS F 196 15.42 3.32 -38.72
CA LYS F 196 16.64 3.78 -38.08
C LYS F 196 16.77 3.15 -36.69
N VAL F 197 17.83 2.35 -36.51
CA VAL F 197 18.14 1.69 -35.26
C VAL F 197 19.66 1.59 -35.15
N GLN F 198 20.12 1.05 -34.02
CA GLN F 198 21.54 0.92 -33.74
C GLN F 198 21.97 -0.53 -33.88
N ILE F 199 23.21 -0.73 -34.32
CA ILE F 199 23.81 -2.05 -34.40
C ILE F 199 25.10 -2.15 -33.58
N GLY F 200 25.75 -1.04 -33.28
CA GLY F 200 26.96 -1.04 -32.50
C GLY F 200 27.72 0.26 -32.66
N GLU F 201 28.56 0.54 -31.66
CA GLU F 201 29.36 1.75 -31.63
C GLU F 201 30.82 1.40 -31.97
N TYR F 202 31.47 2.30 -32.70
CA TYR F 202 32.84 2.12 -33.16
C TYR F 202 33.71 3.25 -32.62
N THR F 203 34.98 2.93 -32.35
CA THR F 203 36.00 3.92 -32.04
C THR F 203 36.99 3.98 -33.19
N PHE F 204 37.32 5.21 -33.60
CA PHE F 204 38.09 5.43 -34.82
C PHE F 204 39.46 6.02 -34.48
N GLU F 205 40.44 5.67 -35.31
CA GLU F 205 41.78 6.23 -35.24
C GLU F 205 42.24 6.54 -36.66
N LYS F 206 43.07 7.57 -36.81
CA LYS F 206 43.50 7.98 -38.13
C LYS F 206 44.18 6.83 -38.85
N GLY F 207 43.90 6.72 -40.15
CA GLY F 207 44.43 5.65 -40.97
C GLY F 207 45.87 5.88 -41.39
N ASP F 208 46.27 5.11 -42.40
CA ASP F 208 47.66 5.14 -42.84
C ASP F 208 47.96 6.41 -43.64
N TYR F 209 47.24 6.60 -44.74
CA TYR F 209 47.49 7.70 -45.65
C TYR F 209 46.18 8.18 -46.26
N GLY F 210 46.18 9.43 -46.72
CA GLY F 210 45.00 10.00 -47.34
C GLY F 210 43.81 9.97 -46.43
N ASP F 211 42.83 9.12 -46.77
CA ASP F 211 41.66 8.89 -45.92
C ASP F 211 41.63 7.41 -45.56
N ALA F 212 41.53 7.12 -44.27
CA ALA F 212 41.43 5.75 -43.79
C ALA F 212 41.30 5.80 -42.27
N VAL F 213 40.81 4.71 -41.70
CA VAL F 213 40.64 4.60 -40.26
C VAL F 213 40.97 3.17 -39.84
N VAL F 214 41.76 3.05 -38.78
CA VAL F 214 41.95 1.78 -38.06
C VAL F 214 41.08 1.87 -36.81
N TYR F 215 40.07 1.01 -36.73
CA TYR F 215 38.94 1.20 -35.83
C TYR F 215 38.97 0.14 -34.73
N ARG F 216 37.93 0.19 -33.89
CA ARG F 216 37.67 -0.84 -32.88
C ARG F 216 36.23 -1.26 -33.01
N GLY F 217 35.99 -2.57 -33.11
CA GLY F 217 34.66 -3.10 -33.27
C GLY F 217 34.04 -3.51 -31.94
N THR F 218 32.80 -3.07 -31.74
CA THR F 218 32.02 -3.40 -30.56
C THR F 218 31.09 -4.58 -30.79
N THR F 219 30.28 -4.51 -31.84
CA THR F 219 29.37 -5.58 -32.21
C THR F 219 29.75 -6.15 -33.56
N THR F 220 29.62 -7.47 -33.70
CA THR F 220 30.03 -8.15 -34.92
C THR F 220 29.14 -7.85 -36.10
N TYR F 221 28.00 -7.19 -35.90
CA TYR F 221 27.09 -6.89 -37.00
C TYR F 221 27.77 -5.93 -37.96
N LYS F 222 28.20 -6.44 -39.11
CA LYS F 222 28.90 -5.65 -40.10
C LYS F 222 27.90 -4.80 -40.87
N LEU F 223 28.31 -3.59 -41.25
CA LEU F 223 27.41 -2.62 -41.84
C LEU F 223 27.75 -2.36 -43.31
N ASN F 224 26.71 -2.05 -44.08
CA ASN F 224 26.87 -1.59 -45.45
C ASN F 224 26.90 -0.05 -45.44
N VAL F 225 26.80 0.58 -46.61
CA VAL F 225 26.78 2.03 -46.68
C VAL F 225 25.45 2.62 -46.22
N GLY F 226 24.48 1.79 -45.85
CA GLY F 226 23.17 2.27 -45.45
C GLY F 226 23.15 2.97 -44.11
N ASP F 227 24.24 2.86 -43.36
CA ASP F 227 24.35 3.47 -42.04
C ASP F 227 25.31 4.64 -42.07
N TYR F 228 25.23 5.51 -41.06
CA TYR F 228 26.21 6.59 -40.92
C TYR F 228 26.50 6.85 -39.45
N PHE F 229 27.62 7.51 -39.18
CA PHE F 229 28.18 7.60 -37.84
C PHE F 229 27.92 8.97 -37.24
N VAL F 230 27.62 9.01 -35.94
CA VAL F 230 27.45 10.26 -35.20
C VAL F 230 28.29 10.18 -33.93
N LEU F 231 28.46 11.32 -33.26
CA LEU F 231 29.37 11.42 -32.10
C LEU F 231 28.66 11.12 -30.79
N THR F 232 27.58 10.35 -30.84
CA THR F 232 26.90 9.77 -29.66
C THR F 232 26.72 10.80 -28.54
N SER F 233 25.95 11.84 -28.83
CA SER F 233 25.57 12.78 -27.79
C SER F 233 24.51 12.15 -26.88
N HIS F 234 24.24 12.81 -25.76
CA HIS F 234 23.28 12.31 -24.79
C HIS F 234 22.90 13.46 -23.85
N THR F 235 22.07 13.16 -22.87
CA THR F 235 21.55 14.15 -21.94
C THR F 235 22.35 14.14 -20.65
N VAL F 236 21.95 14.99 -19.72
CA VAL F 236 22.63 15.14 -18.43
C VAL F 236 21.57 15.12 -17.34
N MET F 237 21.78 14.27 -16.34
CA MET F 237 20.88 14.15 -15.21
C MET F 237 21.30 15.08 -14.07
N PRO F 238 20.36 15.49 -13.23
CA PRO F 238 20.69 16.43 -12.15
C PRO F 238 21.43 15.74 -11.00
N LEU F 239 22.07 16.56 -10.18
CA LEU F 239 22.97 16.12 -9.14
C LEU F 239 22.53 16.71 -7.80
N SER F 240 22.81 15.98 -6.71
CA SER F 240 22.35 16.40 -5.40
C SER F 240 23.48 16.39 -4.36
N ALA F 241 24.44 15.48 -4.50
CA ALA F 241 25.44 15.31 -3.46
C ALA F 241 26.56 16.35 -3.61
N PRO F 242 27.25 16.67 -2.53
CA PRO F 242 28.31 17.67 -2.60
C PRO F 242 29.53 17.15 -3.36
N THR F 243 30.33 18.10 -3.85
CA THR F 243 31.57 17.74 -4.51
C THR F 243 32.50 17.00 -3.57
N LEU F 244 32.61 17.48 -2.33
CA LEU F 244 33.42 16.85 -1.30
C LEU F 244 32.67 16.91 0.02
N VAL F 245 32.54 15.76 0.68
CA VAL F 245 31.93 15.71 2.01
C VAL F 245 32.86 16.46 2.97
N PRO F 246 32.36 16.99 4.07
CA PRO F 246 33.22 17.78 4.96
C PRO F 246 34.39 16.97 5.49
N GLN F 247 35.53 17.63 5.62
CA GLN F 247 36.74 16.98 6.14
C GLN F 247 36.57 16.78 7.64
N GLU F 248 36.40 15.53 8.06
CA GLU F 248 36.31 15.18 9.47
C GLU F 248 37.35 14.10 9.76
N HIS F 249 38.49 14.52 10.32
CA HIS F 249 39.58 13.62 10.66
C HIS F 249 39.16 12.69 11.79
N TYR F 250 39.92 11.60 11.94
CA TYR F 250 39.64 10.60 12.95
C TYR F 250 40.77 10.54 13.97
N VAL F 251 40.44 10.02 15.16
CA VAL F 251 41.45 9.82 16.20
C VAL F 251 42.13 8.47 16.00
N ARG F 252 41.37 7.38 16.07
CA ARG F 252 41.87 6.03 15.88
C ARG F 252 41.01 5.33 14.84
N ILE F 253 41.65 4.49 14.02
CA ILE F 253 41.02 3.97 12.82
C ILE F 253 39.74 3.23 13.19
N THR F 254 38.64 3.60 12.52
CA THR F 254 37.32 3.03 12.78
C THR F 254 36.83 2.33 11.52
N GLY F 255 36.23 1.16 11.70
CA GLY F 255 35.70 0.39 10.60
C GLY F 255 36.73 -0.32 9.74
N LEU F 256 37.99 0.10 9.81
CA LEU F 256 39.07 -0.50 9.02
C LEU F 256 39.97 -1.25 9.97
N TYR F 257 40.01 -2.57 9.84
CA TYR F 257 40.77 -3.43 10.75
C TYR F 257 42.09 -3.80 10.09
N PRO F 258 43.23 -3.42 10.67
CA PRO F 258 44.51 -3.76 10.03
C PRO F 258 44.66 -5.26 9.82
N THR F 259 45.65 -5.61 9.02
CA THR F 259 45.89 -7.00 8.62
C THR F 259 47.00 -7.61 9.48
N LEU F 260 47.33 -8.86 9.15
CA LEU F 260 48.43 -9.58 9.77
C LEU F 260 49.45 -9.93 8.69
N ASN F 261 50.72 -9.59 8.94
CA ASN F 261 51.80 -9.84 7.98
C ASN F 261 51.42 -9.28 6.60
N ILE F 262 51.24 -7.96 6.57
CA ILE F 262 50.76 -7.27 5.38
C ILE F 262 51.67 -7.60 4.19
N SER F 263 52.94 -7.23 4.29
CA SER F 263 53.91 -7.48 3.23
C SER F 263 55.22 -6.84 3.65
N ASP F 264 56.31 -7.29 3.02
CA ASP F 264 57.60 -6.62 3.11
C ASP F 264 57.80 -5.62 1.98
N GLU F 265 56.90 -5.59 1.00
CA GLU F 265 57.09 -4.78 -0.19
C GLU F 265 56.88 -3.29 0.09
N PHE F 266 55.83 -2.95 0.84
CA PHE F 266 55.42 -1.56 1.01
C PHE F 266 55.19 -1.22 2.47
N SER F 267 55.97 -1.79 3.37
CA SER F 267 55.87 -1.49 4.79
C SER F 267 56.21 -0.04 5.10
N SER F 268 56.85 0.68 4.18
CA SER F 268 57.20 2.07 4.38
C SER F 268 55.98 2.99 4.41
N ASN F 269 54.85 2.56 3.86
CA ASN F 269 53.66 3.39 3.79
C ASN F 269 52.66 3.08 4.90
N VAL F 270 53.03 2.23 5.86
CA VAL F 270 52.08 1.82 6.89
C VAL F 270 51.48 3.03 7.58
N ALA F 271 52.33 3.97 8.00
CA ALA F 271 51.82 5.21 8.60
C ALA F 271 50.82 5.87 7.65
N ASN F 272 51.23 6.11 6.41
CA ASN F 272 50.30 6.67 5.44
C ASN F 272 49.01 5.87 5.40
N TYR F 273 49.12 4.53 5.36
CA TYR F 273 47.92 3.71 5.30
C TYR F 273 47.01 3.98 6.48
N GLN F 274 47.55 4.02 7.70
CA GLN F 274 46.67 4.35 8.81
C GLN F 274 46.18 5.79 8.70
N LYS F 275 47.03 6.69 8.25
CA LYS F 275 46.57 8.04 7.95
C LYS F 275 45.53 8.03 6.83
N VAL F 276 45.62 7.08 5.90
CA VAL F 276 44.56 6.95 4.90
C VAL F 276 43.27 6.51 5.58
N GLY F 277 43.38 5.65 6.59
CA GLY F 277 42.21 5.27 7.37
C GLY F 277 41.79 6.31 8.38
N MET F 278 42.52 7.42 8.48
CA MET F 278 42.23 8.43 9.49
C MET F 278 41.23 9.47 8.97
N GLN F 279 41.60 10.20 7.92
CA GLN F 279 40.70 11.22 7.41
C GLN F 279 39.49 10.57 6.73
N LYS F 280 38.35 11.26 6.82
CA LYS F 280 37.16 10.81 6.11
C LYS F 280 37.44 10.76 4.61
N TYR F 281 38.10 11.78 4.08
CA TYR F 281 38.66 11.75 2.74
C TYR F 281 40.11 12.18 2.81
N SER F 282 40.97 11.43 2.11
CA SER F 282 42.40 11.67 2.11
C SER F 282 42.87 11.97 0.70
N THR F 283 43.86 12.85 0.58
CA THR F 283 44.39 13.30 -0.69
C THR F 283 45.87 12.97 -0.77
N LEU F 284 46.23 12.08 -1.69
CA LEU F 284 47.62 11.66 -1.88
C LEU F 284 48.04 12.04 -3.29
N GLN F 285 49.23 12.61 -3.42
CA GLN F 285 49.78 12.99 -4.72
C GLN F 285 51.21 12.50 -4.82
N GLY F 286 51.53 11.88 -5.96
CA GLY F 286 52.87 11.43 -6.24
C GLY F 286 53.21 11.67 -7.70
N PRO F 287 54.46 12.01 -7.99
CA PRO F 287 54.82 12.38 -9.36
C PRO F 287 54.67 11.20 -10.30
N PRO F 288 54.83 11.41 -11.61
CA PRO F 288 54.61 10.34 -12.58
C PRO F 288 55.47 9.12 -12.28
N GLY F 289 54.81 8.00 -12.01
CA GLY F 289 55.51 6.75 -11.78
C GLY F 289 56.13 6.65 -10.41
N THR F 290 55.30 6.64 -9.36
CA THR F 290 55.79 6.52 -8.00
C THR F 290 54.97 5.59 -7.12
N GLY F 291 54.15 4.72 -7.70
CA GLY F 291 53.47 3.70 -6.95
C GLY F 291 52.26 4.13 -6.17
N LYS F 292 51.63 5.26 -6.53
CA LYS F 292 50.31 5.54 -5.98
C LYS F 292 49.34 4.44 -6.36
N SER F 293 49.40 3.98 -7.60
CA SER F 293 48.69 2.76 -7.97
C SER F 293 49.13 1.61 -7.07
N HIS F 294 50.44 1.47 -6.86
CA HIS F 294 50.97 0.49 -5.92
C HIS F 294 50.48 0.78 -4.50
N PHE F 295 50.40 2.06 -4.13
CA PHE F 295 49.89 2.43 -2.82
C PHE F 295 48.45 1.99 -2.62
N ALA F 296 47.65 1.96 -3.69
CA ALA F 296 46.26 1.54 -3.56
C ALA F 296 46.18 0.09 -3.13
N ILE F 297 46.92 -0.79 -3.81
CA ILE F 297 46.92 -2.20 -3.41
C ILE F 297 47.53 -2.37 -2.04
N GLY F 298 48.54 -1.56 -1.71
CA GLY F 298 49.10 -1.62 -0.37
C GLY F 298 48.07 -1.31 0.69
N LEU F 299 47.28 -0.25 0.47
CA LEU F 299 46.21 0.09 1.41
C LEU F 299 45.18 -1.03 1.48
N ALA F 300 44.82 -1.59 0.32
CA ALA F 300 43.83 -2.66 0.30
C ALA F 300 44.29 -3.87 1.11
N LEU F 301 45.56 -4.22 1.01
CA LEU F 301 46.13 -5.28 1.84
C LEU F 301 46.26 -4.88 3.30
N TYR F 302 46.40 -3.58 3.58
CA TYR F 302 46.46 -3.10 4.95
C TYR F 302 45.16 -3.34 5.70
N TYR F 303 44.02 -3.26 5.01
CA TYR F 303 42.70 -3.55 5.58
C TYR F 303 42.10 -4.69 4.77
N PRO F 304 42.24 -5.93 5.24
CA PRO F 304 41.83 -7.06 4.40
C PRO F 304 40.34 -7.34 4.42
N SER F 305 39.68 -7.14 5.55
CA SER F 305 38.28 -7.49 5.73
C SER F 305 37.34 -6.31 5.55
N ALA F 306 37.73 -5.33 4.73
CA ALA F 306 36.91 -4.15 4.47
C ALA F 306 36.55 -4.12 2.98
N ARG F 307 35.30 -3.78 2.68
CA ARG F 307 34.87 -3.68 1.30
C ARG F 307 35.42 -2.41 0.67
N ILE F 308 36.11 -2.57 -0.46
CA ILE F 308 36.85 -1.48 -1.09
C ILE F 308 36.28 -1.25 -2.48
N VAL F 309 36.01 0.01 -2.81
CA VAL F 309 35.48 0.39 -4.11
C VAL F 309 36.54 1.22 -4.83
N TYR F 310 37.08 0.67 -5.91
CA TYR F 310 38.00 1.41 -6.76
C TYR F 310 37.21 2.17 -7.82
N THR F 311 37.53 3.45 -7.99
CA THR F 311 36.84 4.29 -8.95
C THR F 311 37.85 5.14 -9.70
N ALA F 312 37.63 5.27 -11.00
CA ALA F 312 38.44 6.15 -11.84
C ALA F 312 37.59 6.57 -13.03
N CYS F 313 37.93 7.73 -13.58
CA CYS F 313 37.11 8.32 -14.63
C CYS F 313 37.13 7.48 -15.90
N SER F 314 38.31 7.02 -16.31
CA SER F 314 38.49 6.38 -17.60
C SER F 314 38.70 4.88 -17.44
N HIS F 315 38.55 4.18 -18.57
CA HIS F 315 38.73 2.72 -18.58
C HIS F 315 40.19 2.33 -18.43
N ALA F 316 41.11 3.12 -18.97
CA ALA F 316 42.52 2.75 -18.95
C ALA F 316 43.06 2.66 -17.53
N ALA F 317 42.82 3.69 -16.74
CA ALA F 317 43.36 3.72 -15.38
C ALA F 317 42.75 2.63 -14.52
N VAL F 318 41.42 2.48 -14.59
CA VAL F 318 40.77 1.44 -13.80
C VAL F 318 41.24 0.07 -14.24
N ASP F 319 41.49 -0.12 -15.54
CA ASP F 319 41.97 -1.41 -16.02
C ASP F 319 43.39 -1.68 -15.52
N ALA F 320 44.25 -0.67 -15.51
CA ALA F 320 45.60 -0.84 -14.99
C ALA F 320 45.56 -1.20 -13.51
N LEU F 321 44.72 -0.50 -12.75
CA LEU F 321 44.58 -0.82 -11.32
C LEU F 321 44.04 -2.22 -11.13
N CYS F 322 43.09 -2.63 -11.97
CA CYS F 322 42.55 -3.99 -11.90
C CYS F 322 43.64 -5.02 -12.16
N GLU F 323 44.46 -4.80 -13.18
CA GLU F 323 45.53 -5.73 -13.48
C GLU F 323 46.52 -5.81 -12.33
N LYS F 324 46.90 -4.66 -11.77
CA LYS F 324 47.84 -4.67 -10.66
C LYS F 324 47.25 -5.41 -9.46
N ALA F 325 45.98 -5.18 -9.15
CA ALA F 325 45.32 -5.90 -8.07
C ALA F 325 45.29 -7.38 -8.33
N LEU F 326 44.96 -7.80 -9.55
CA LEU F 326 45.02 -9.21 -9.90
C LEU F 326 46.42 -9.76 -9.65
N LYS F 327 47.45 -8.97 -9.95
CA LYS F 327 48.82 -9.41 -9.74
C LYS F 327 49.13 -9.64 -8.27
N TYR F 328 48.62 -8.80 -7.38
CA TYR F 328 48.97 -8.85 -5.97
C TYR F 328 47.81 -9.32 -5.10
N LEU F 329 46.67 -8.66 -5.18
CA LEU F 329 45.55 -9.01 -4.33
C LEU F 329 44.99 -10.38 -4.71
N PRO F 330 44.24 -11.01 -3.81
CA PRO F 330 43.54 -12.24 -4.19
C PRO F 330 42.62 -11.99 -5.37
N ILE F 331 42.57 -12.95 -6.27
CA ILE F 331 41.93 -12.75 -7.57
C ILE F 331 40.48 -13.19 -7.50
N ASP F 332 40.19 -14.16 -6.64
CA ASP F 332 38.81 -14.64 -6.48
C ASP F 332 37.85 -13.57 -6.01
N LYS F 333 38.20 -12.82 -4.96
CA LYS F 333 37.31 -11.81 -4.40
C LYS F 333 37.44 -10.50 -5.14
N CYS F 334 37.14 -10.52 -6.44
CA CYS F 334 37.20 -9.34 -7.29
C CYS F 334 35.89 -9.21 -8.06
N SER F 335 35.51 -7.97 -8.35
CA SER F 335 34.33 -7.71 -9.16
C SER F 335 34.55 -6.44 -9.96
N ARG F 336 34.88 -6.59 -11.24
CA ARG F 336 35.01 -5.46 -12.14
C ARG F 336 33.62 -5.16 -12.71
N ILE F 337 33.17 -3.93 -12.56
CA ILE F 337 31.84 -3.53 -13.00
C ILE F 337 31.96 -2.98 -14.42
N ILE F 338 31.20 -3.57 -15.34
CA ILE F 338 31.29 -3.24 -16.75
C ILE F 338 30.02 -2.51 -17.18
N PRO F 339 30.09 -1.45 -17.99
CA PRO F 339 28.88 -0.86 -18.52
C PRO F 339 28.11 -1.86 -19.38
N ALA F 340 26.78 -1.76 -19.30
CA ALA F 340 25.94 -2.66 -20.09
C ALA F 340 26.16 -2.46 -21.58
N ARG F 341 26.30 -1.20 -22.01
CA ARG F 341 26.53 -0.93 -23.42
C ARG F 341 27.86 -1.50 -23.91
N ALA F 342 28.91 -1.41 -23.10
CA ALA F 342 30.23 -1.92 -23.46
C ALA F 342 30.73 -1.25 -24.74
N ARG F 343 30.90 0.07 -24.65
CA ARG F 343 31.42 0.84 -25.77
C ARG F 343 32.94 0.84 -25.84
N VAL F 344 33.61 0.00 -25.05
CA VAL F 344 35.06 -0.11 -25.03
C VAL F 344 35.42 -1.59 -24.99
N GLU F 345 36.66 -1.89 -25.35
CA GLU F 345 37.19 -3.24 -25.17
C GLU F 345 37.40 -3.48 -23.68
N CYS F 346 36.43 -4.14 -23.05
CA CYS F 346 36.34 -4.19 -21.59
C CYS F 346 37.40 -5.12 -21.00
N PHE F 347 37.49 -5.10 -19.67
CA PHE F 347 38.45 -5.88 -18.90
C PHE F 347 37.70 -7.02 -18.24
N ASP F 348 37.89 -8.24 -18.73
CA ASP F 348 37.21 -9.44 -18.24
C ASP F 348 38.27 -10.46 -17.82
N LYS F 349 38.78 -10.31 -16.59
CA LYS F 349 39.74 -11.25 -16.03
C LYS F 349 39.26 -11.77 -14.67
N PHE F 350 38.49 -10.95 -13.96
CA PHE F 350 37.91 -11.36 -12.69
C PHE F 350 36.61 -12.10 -12.93
N LYS F 351 35.87 -12.38 -11.84
CA LYS F 351 34.46 -12.75 -11.94
C LYS F 351 33.70 -11.44 -12.08
N VAL F 352 33.40 -11.10 -13.34
CA VAL F 352 33.00 -9.75 -13.71
C VAL F 352 31.59 -9.45 -13.22
N ASN F 353 31.38 -8.18 -12.84
CA ASN F 353 30.06 -7.62 -12.57
C ASN F 353 29.34 -8.40 -11.46
N SER F 354 29.94 -8.31 -10.27
CA SER F 354 29.33 -8.82 -9.03
C SER F 354 29.30 -7.66 -8.04
N THR F 355 28.19 -6.92 -8.02
CA THR F 355 28.10 -5.70 -7.24
C THR F 355 28.17 -5.95 -5.74
N LEU F 356 28.01 -7.19 -5.29
CA LEU F 356 28.04 -7.53 -3.86
C LEU F 356 29.37 -8.16 -3.46
N GLU F 357 30.47 -7.68 -4.03
CA GLU F 357 31.79 -8.25 -3.81
C GLU F 357 32.60 -7.31 -2.91
N GLN F 358 33.69 -7.86 -2.36
CA GLN F 358 34.57 -7.10 -1.46
C GLN F 358 35.35 -6.04 -2.22
N TYR F 359 36.17 -6.46 -3.19
CA TYR F 359 36.98 -5.54 -3.99
C TYR F 359 36.24 -5.29 -5.30
N VAL F 360 35.57 -4.14 -5.38
CA VAL F 360 34.71 -3.81 -6.52
C VAL F 360 35.35 -2.66 -7.28
N PHE F 361 35.70 -2.91 -8.53
CA PHE F 361 36.23 -1.88 -9.43
C PHE F 361 35.13 -1.38 -10.35
N CYS F 362 35.09 -0.07 -10.55
CA CYS F 362 34.12 0.52 -11.46
C CYS F 362 34.65 1.86 -11.95
N THR F 363 34.07 2.34 -13.04
CA THR F 363 34.34 3.68 -13.53
C THR F 363 33.28 4.63 -13.01
N VAL F 364 33.60 5.93 -13.04
CA VAL F 364 32.71 6.93 -12.46
C VAL F 364 31.33 6.86 -13.13
N ASN F 365 31.30 6.68 -14.45
CA ASN F 365 30.04 6.71 -15.16
C ASN F 365 29.14 5.52 -14.82
N ALA F 366 29.72 4.34 -14.63
CA ALA F 366 28.94 3.12 -14.47
C ALA F 366 28.75 2.72 -13.02
N LEU F 367 29.12 3.56 -12.07
CA LEU F 367 28.94 3.22 -10.66
C LEU F 367 27.45 3.03 -10.37
N PRO F 368 27.04 1.88 -9.84
CA PRO F 368 25.68 1.75 -9.33
C PRO F 368 25.58 2.20 -7.89
N GLU F 369 24.40 2.73 -7.55
CA GLU F 369 24.17 3.25 -6.21
C GLU F 369 24.29 2.13 -5.17
N THR F 370 25.34 2.19 -4.35
CA THR F 370 25.60 1.15 -3.37
C THR F 370 26.29 1.80 -2.17
N THR F 371 26.78 0.96 -1.24
CA THR F 371 27.52 1.43 -0.09
C THR F 371 28.80 0.61 0.03
N ALA F 372 29.79 1.19 0.70
CA ALA F 372 31.09 0.54 0.86
C ALA F 372 31.69 0.97 2.20
N ASP F 373 32.89 0.46 2.48
CA ASP F 373 33.67 0.90 3.62
C ASP F 373 34.65 2.00 3.25
N ILE F 374 35.44 1.79 2.20
CA ILE F 374 36.37 2.80 1.70
C ILE F 374 36.31 2.81 0.18
N VAL F 375 36.37 4.00 -0.39
CA VAL F 375 36.37 4.19 -1.84
C VAL F 375 37.61 4.98 -2.21
N VAL F 376 38.32 4.52 -3.23
CA VAL F 376 39.54 5.14 -3.71
C VAL F 376 39.27 5.68 -5.10
N PHE F 377 39.21 7.00 -5.22
CA PHE F 377 39.15 7.67 -6.50
C PHE F 377 40.57 7.90 -7.02
N ASP F 378 40.78 7.66 -8.31
CA ASP F 378 42.09 7.79 -8.92
C ASP F 378 42.04 8.78 -10.08
N GLU F 379 43.18 9.40 -10.35
CA GLU F 379 43.35 10.32 -11.48
C GLU F 379 42.33 11.45 -11.43
N ILE F 380 42.29 12.12 -10.28
CA ILE F 380 41.39 13.24 -10.08
C ILE F 380 41.69 14.41 -11.02
N SER F 381 42.91 14.47 -11.56
CA SER F 381 43.25 15.56 -12.47
C SER F 381 42.29 15.61 -13.66
N MET F 382 42.12 14.48 -14.35
CA MET F 382 41.16 14.43 -15.44
C MET F 382 39.73 14.46 -14.93
N ALA F 383 39.52 14.08 -13.68
CA ALA F 383 38.19 14.10 -13.10
C ALA F 383 37.66 15.53 -13.02
N THR F 384 36.34 15.68 -13.19
CA THR F 384 35.68 16.96 -13.09
C THR F 384 34.82 17.01 -11.83
N ASN F 385 34.38 18.22 -11.48
CA ASN F 385 33.51 18.39 -10.32
C ASN F 385 32.25 17.55 -10.47
N TYR F 386 31.75 17.39 -11.69
CA TYR F 386 30.58 16.55 -11.89
C TYR F 386 30.86 15.12 -11.45
N ASP F 387 32.04 14.60 -11.80
CA ASP F 387 32.41 13.26 -11.37
C ASP F 387 32.47 13.18 -9.85
N LEU F 388 33.04 14.21 -9.22
CA LEU F 388 33.12 14.22 -7.76
C LEU F 388 31.74 14.17 -7.14
N SER F 389 30.82 14.99 -7.62
CA SER F 389 29.47 14.98 -7.07
C SER F 389 28.79 13.64 -7.34
N VAL F 390 29.01 13.06 -8.52
CA VAL F 390 28.36 11.80 -8.84
C VAL F 390 28.83 10.70 -7.90
N VAL F 391 30.14 10.63 -7.66
CA VAL F 391 30.65 9.61 -6.74
C VAL F 391 30.18 9.89 -5.32
N ASN F 392 30.09 11.16 -4.93
CA ASN F 392 29.54 11.48 -3.62
C ASN F 392 28.09 11.01 -3.48
N ALA F 393 27.30 11.14 -4.55
CA ALA F 393 25.90 10.77 -4.49
C ALA F 393 25.71 9.26 -4.50
N ARG F 394 26.16 8.61 -5.56
CA ARG F 394 25.87 7.19 -5.72
C ARG F 394 26.48 6.35 -4.61
N LEU F 395 27.69 6.69 -4.16
CA LEU F 395 28.44 5.86 -3.24
C LEU F 395 28.57 6.53 -1.88
N ARG F 396 28.41 5.75 -0.83
CA ARG F 396 28.64 6.18 0.55
C ARG F 396 29.63 5.23 1.20
N ALA F 397 30.72 5.78 1.73
CA ALA F 397 31.77 4.97 2.32
C ALA F 397 32.26 5.64 3.59
N LYS F 398 32.84 4.83 4.49
CA LYS F 398 33.39 5.38 5.72
C LYS F 398 34.66 6.17 5.45
N HIS F 399 35.38 5.85 4.38
CA HIS F 399 36.62 6.55 4.04
C HIS F 399 36.70 6.78 2.54
N TYR F 400 37.37 7.86 2.17
CA TYR F 400 37.59 8.25 0.79
C TYR F 400 39.07 8.53 0.59
N VAL F 401 39.58 8.17 -0.59
CA VAL F 401 41.00 8.33 -0.89
C VAL F 401 41.12 8.84 -2.31
N TYR F 402 41.38 10.14 -2.45
CA TYR F 402 41.60 10.76 -3.76
C TYR F 402 43.09 10.76 -4.06
N ILE F 403 43.49 10.02 -5.09
CA ILE F 403 44.89 9.90 -5.48
C ILE F 403 45.04 10.44 -6.90
N GLY F 404 45.99 11.33 -7.09
CA GLY F 404 46.20 11.94 -8.39
C GLY F 404 47.21 13.06 -8.28
N ASP F 405 47.67 13.52 -9.44
CA ASP F 405 48.70 14.55 -9.54
C ASP F 405 48.20 15.70 -10.40
N PRO F 406 47.92 16.88 -9.82
CA PRO F 406 47.52 18.02 -10.67
C PRO F 406 48.59 18.43 -11.66
N ALA F 407 49.85 18.03 -11.45
CA ALA F 407 50.88 18.32 -12.43
C ALA F 407 50.70 17.51 -13.70
N GLN F 408 49.78 16.56 -13.73
CA GLN F 408 49.43 15.85 -14.96
C GLN F 408 48.59 16.74 -15.86
N LEU F 409 48.08 16.15 -16.95
CA LEU F 409 47.26 16.90 -17.89
C LEU F 409 45.85 17.06 -17.33
N PRO F 410 45.09 18.04 -17.85
CA PRO F 410 43.73 18.27 -17.35
C PRO F 410 42.70 17.36 -18.00
N ALA F 411 41.43 17.60 -17.70
CA ALA F 411 40.35 16.99 -18.45
C ALA F 411 40.32 17.65 -19.83
N PRO F 412 39.67 17.03 -20.83
CA PRO F 412 39.66 17.62 -22.17
C PRO F 412 39.26 19.09 -22.18
N ARG F 413 38.12 19.40 -21.57
CA ARG F 413 37.62 20.78 -21.49
C ARG F 413 37.60 21.42 -22.88
N THR F 414 36.87 20.77 -23.79
CA THR F 414 36.90 21.19 -25.19
C THR F 414 36.37 22.60 -25.37
N LEU F 415 35.31 22.95 -24.64
CA LEU F 415 34.70 24.27 -24.82
C LEU F 415 35.68 25.38 -24.49
N LEU F 416 36.55 25.19 -23.50
CA LEU F 416 37.58 26.16 -23.21
C LEU F 416 38.49 26.32 -24.43
N THR F 417 38.52 27.52 -25.00
CA THR F 417 39.30 27.79 -26.20
C THR F 417 40.18 29.02 -26.03
N LYS F 418 39.80 29.92 -25.15
CA LYS F 418 40.56 31.14 -24.85
C LYS F 418 40.92 31.14 -23.37
N GLY F 419 42.19 31.40 -23.07
CA GLY F 419 42.70 31.32 -21.73
C GLY F 419 43.20 29.93 -21.38
N THR F 420 44.07 29.89 -20.37
CA THR F 420 44.67 28.65 -19.89
C THR F 420 44.19 28.38 -18.48
N LEU F 421 43.62 27.20 -18.27
CA LEU F 421 43.15 26.80 -16.95
C LEU F 421 44.36 26.34 -16.13
N GLU F 422 44.75 27.15 -15.16
CA GLU F 422 45.87 26.79 -14.30
C GLU F 422 45.45 25.66 -13.35
N PRO F 423 46.41 24.94 -12.78
CA PRO F 423 46.07 23.74 -11.99
C PRO F 423 45.11 24.01 -10.84
N GLU F 424 45.18 25.19 -10.22
CA GLU F 424 44.45 25.42 -8.98
C GLU F 424 42.94 25.25 -9.16
N TYR F 425 42.44 25.47 -10.38
CA TYR F 425 41.01 25.48 -10.64
C TYR F 425 40.58 24.37 -11.59
N PHE F 426 41.32 23.26 -11.62
CA PHE F 426 40.84 22.09 -12.36
C PHE F 426 39.54 21.56 -11.77
N ASN F 427 39.45 21.53 -10.44
CA ASN F 427 38.26 21.04 -9.76
C ASN F 427 38.41 21.34 -8.27
N SER F 428 37.43 20.92 -7.48
CA SER F 428 37.49 21.17 -6.04
C SER F 428 38.68 20.48 -5.40
N VAL F 429 38.95 19.24 -5.78
CA VAL F 429 40.04 18.49 -5.16
C VAL F 429 41.38 19.13 -5.53
N CYS F 430 41.57 19.51 -6.79
CA CYS F 430 42.80 20.18 -7.17
C CYS F 430 42.96 21.50 -6.45
N ARG F 431 41.88 22.27 -6.30
CA ARG F 431 41.97 23.52 -5.54
C ARG F 431 42.38 23.24 -4.10
N LEU F 432 41.77 22.22 -3.47
CA LEU F 432 42.15 21.86 -2.11
C LEU F 432 43.63 21.52 -2.03
N MET F 433 44.10 20.66 -2.93
CA MET F 433 45.49 20.24 -2.91
C MET F 433 46.44 21.39 -3.13
N LYS F 434 46.14 22.30 -4.05
CA LYS F 434 46.96 23.48 -4.26
C LYS F 434 46.78 24.52 -3.16
N THR F 435 45.79 24.35 -2.28
CA THR F 435 45.54 25.32 -1.23
C THR F 435 46.29 24.95 0.04
N ILE F 436 46.08 23.74 0.55
CA ILE F 436 46.65 23.31 1.82
C ILE F 436 47.78 22.31 1.58
N GLY F 437 47.80 21.71 0.39
CA GLY F 437 48.79 20.72 0.05
C GLY F 437 48.23 19.33 0.16
N PRO F 438 48.78 18.38 -0.60
CA PRO F 438 48.29 17.00 -0.51
C PRO F 438 48.49 16.44 0.88
N ASP F 439 47.55 15.61 1.33
CA ASP F 439 47.67 15.01 2.64
C ASP F 439 48.87 14.08 2.72
N MET F 440 49.36 13.62 1.57
CA MET F 440 50.45 12.66 1.50
C MET F 440 51.29 12.92 0.25
N PHE F 441 52.54 12.46 0.29
CA PHE F 441 53.41 12.60 -0.87
C PHE F 441 54.57 11.62 -0.74
N LEU F 442 55.03 11.10 -1.88
CA LEU F 442 56.19 10.23 -1.95
C LEU F 442 57.05 10.68 -3.12
N GLY F 443 58.24 11.22 -2.83
CA GLY F 443 59.07 11.86 -3.83
C GLY F 443 60.23 11.05 -4.36
N THR F 444 60.25 9.74 -4.14
CA THR F 444 61.35 8.93 -4.64
C THR F 444 61.08 8.51 -6.09
N CYS F 445 62.16 8.54 -6.89
CA CYS F 445 62.10 8.17 -8.29
C CYS F 445 63.30 7.29 -8.63
N ARG F 446 63.13 6.45 -9.67
CA ARG F 446 64.17 5.46 -9.98
C ARG F 446 64.39 5.29 -11.48
N ARG F 447 64.01 6.24 -12.33
CA ARG F 447 63.93 6.00 -13.76
C ARG F 447 64.84 6.90 -14.60
N CYS F 448 64.88 8.20 -14.29
CA CYS F 448 65.49 9.14 -15.22
C CYS F 448 66.94 9.45 -14.85
N PRO F 449 67.81 9.73 -15.85
CA PRO F 449 69.20 10.10 -15.55
C PRO F 449 69.36 11.25 -14.57
N ALA F 450 70.60 11.46 -14.11
CA ALA F 450 70.85 12.41 -13.03
C ALA F 450 70.56 13.84 -13.47
N GLU F 451 71.11 14.25 -14.60
CA GLU F 451 70.89 15.63 -15.05
C GLU F 451 69.41 15.88 -15.32
N ILE F 452 68.76 14.95 -16.01
CA ILE F 452 67.35 15.15 -16.35
C ILE F 452 66.50 15.16 -15.09
N VAL F 453 66.73 14.24 -14.15
CA VAL F 453 65.90 14.19 -12.96
C VAL F 453 66.11 15.44 -12.13
N ASP F 454 67.36 15.88 -11.98
CA ASP F 454 67.63 17.11 -11.22
C ASP F 454 66.95 18.31 -11.85
N THR F 455 67.12 18.47 -13.17
CA THR F 455 66.51 19.60 -13.86
C THR F 455 64.99 19.56 -13.79
N VAL F 456 64.40 18.38 -13.96
CA VAL F 456 62.95 18.25 -13.87
C VAL F 456 62.47 18.64 -12.48
N SER F 457 63.15 18.16 -11.44
CA SER F 457 62.84 18.61 -10.09
C SER F 457 62.97 20.12 -9.97
N ALA F 458 63.91 20.73 -10.68
CA ALA F 458 64.12 22.17 -10.63
C ALA F 458 63.05 22.97 -11.37
N LEU F 459 62.43 22.40 -12.40
CA LEU F 459 61.48 23.16 -13.22
C LEU F 459 60.30 23.66 -12.39
N VAL F 460 59.48 22.74 -11.88
CA VAL F 460 58.25 23.08 -11.18
C VAL F 460 58.27 22.60 -9.74
N TYR F 461 58.76 21.39 -9.49
CA TYR F 461 58.77 20.84 -8.13
C TYR F 461 59.85 21.52 -7.30
N ASP F 462 59.77 21.32 -5.99
CA ASP F 462 60.66 21.98 -5.04
C ASP F 462 61.90 21.15 -4.72
N ASN F 463 62.61 20.71 -5.75
CA ASN F 463 63.92 20.07 -5.62
C ASN F 463 63.88 18.95 -4.58
N LYS F 464 63.06 17.94 -4.83
CA LYS F 464 62.91 16.81 -3.94
C LYS F 464 63.02 15.46 -4.63
N LEU F 465 63.58 15.40 -5.84
CA LEU F 465 63.74 14.16 -6.56
C LEU F 465 65.21 13.90 -6.85
N LYS F 466 65.59 12.63 -6.79
CA LYS F 466 66.93 12.19 -7.16
C LYS F 466 66.82 10.75 -7.66
N ALA F 467 67.71 10.40 -8.58
CA ALA F 467 67.70 9.09 -9.20
C ALA F 467 68.78 8.21 -8.57
N HIS F 468 68.37 7.04 -8.09
CA HIS F 468 69.30 6.03 -7.58
C HIS F 468 69.89 5.32 -8.79
N LYS F 469 70.60 6.08 -9.60
CA LYS F 469 71.10 5.63 -10.89
C LYS F 469 72.15 6.63 -11.36
N ASP F 470 72.92 6.25 -12.37
CA ASP F 470 73.83 7.14 -13.07
C ASP F 470 73.32 7.35 -14.49
N LYS F 471 73.55 8.54 -15.02
CA LYS F 471 73.05 8.87 -16.34
C LYS F 471 73.61 7.91 -17.38
N SER F 472 72.72 7.35 -18.21
CA SER F 472 73.13 6.43 -19.26
C SER F 472 73.84 7.14 -20.41
N ALA F 473 73.79 8.46 -20.46
CA ALA F 473 74.49 9.24 -21.49
C ALA F 473 73.94 8.96 -22.89
N GLN F 474 72.67 8.54 -22.97
CA GLN F 474 72.00 8.35 -24.25
C GLN F 474 70.78 9.26 -24.36
N CYS F 475 70.72 10.31 -23.55
CA CYS F 475 69.61 11.25 -23.58
C CYS F 475 70.04 12.52 -24.28
N PHE F 476 69.24 12.98 -25.22
CA PHE F 476 69.60 14.09 -26.08
C PHE F 476 68.42 15.04 -26.22
N LYS F 477 68.70 16.23 -26.76
CA LYS F 477 67.66 17.20 -27.09
C LYS F 477 68.22 18.12 -28.16
N MET F 478 67.68 18.03 -29.37
CA MET F 478 68.20 18.74 -30.53
C MET F 478 67.30 19.91 -30.91
N PHE F 479 67.75 20.66 -31.91
CA PHE F 479 67.00 21.79 -32.47
C PHE F 479 66.83 21.51 -33.97
N TYR F 480 65.76 20.80 -34.30
CA TYR F 480 65.43 20.45 -35.68
C TYR F 480 64.15 21.18 -36.09
N LYS F 481 64.21 21.87 -37.23
CA LYS F 481 63.05 22.65 -37.67
C LYS F 481 61.86 21.76 -37.93
N GLY F 482 62.03 20.71 -38.73
CA GLY F 482 60.93 19.81 -39.03
C GLY F 482 59.74 20.55 -39.60
N VAL F 483 59.88 21.03 -40.85
CA VAL F 483 58.83 21.84 -41.45
C VAL F 483 57.48 21.15 -41.29
N ILE F 484 56.46 21.95 -41.01
CA ILE F 484 55.14 21.45 -40.59
C ILE F 484 54.20 21.43 -41.78
N THR F 485 53.52 20.30 -41.96
CA THR F 485 52.47 20.16 -42.97
C THR F 485 51.10 20.42 -42.38
N HIS F 486 50.76 19.75 -41.27
CA HIS F 486 49.54 19.99 -40.49
C HIS F 486 48.29 20.08 -41.35
N ASP F 487 48.24 19.35 -42.47
CA ASP F 487 47.04 19.36 -43.30
C ASP F 487 46.03 18.31 -42.82
N VAL F 488 45.76 18.30 -41.51
CA VAL F 488 44.75 17.43 -40.91
C VAL F 488 44.43 18.01 -39.54
N SER F 489 43.32 17.55 -38.94
CA SER F 489 42.83 18.13 -37.69
C SER F 489 43.91 18.27 -36.62
N SER F 490 45.01 17.51 -36.72
CA SER F 490 46.13 17.65 -35.80
C SER F 490 47.43 17.79 -36.60
N ALA F 491 48.43 18.38 -35.96
CA ALA F 491 49.69 18.69 -36.63
C ALA F 491 50.51 17.43 -36.89
N ILE F 492 51.31 17.46 -37.96
CA ILE F 492 52.20 16.37 -38.34
C ILE F 492 53.58 16.93 -38.61
N ASN F 493 54.62 16.13 -38.30
CA ASN F 493 56.01 16.48 -38.62
C ASN F 493 56.69 15.24 -39.20
N ARG F 494 56.59 15.08 -40.52
CA ARG F 494 57.26 14.00 -41.24
C ARG F 494 58.74 14.30 -41.49
N PRO F 495 59.09 15.47 -42.04
CA PRO F 495 60.52 15.77 -42.23
C PRO F 495 61.32 15.75 -40.94
N GLN F 496 60.68 15.99 -39.79
CA GLN F 496 61.36 15.73 -38.53
C GLN F 496 61.72 14.26 -38.40
N ILE F 497 60.81 13.36 -38.79
CA ILE F 497 61.15 11.94 -38.78
C ILE F 497 62.24 11.65 -39.80
N GLY F 498 62.30 12.42 -40.89
CA GLY F 498 63.42 12.30 -41.81
C GLY F 498 64.74 12.65 -41.17
N VAL F 499 64.76 13.76 -40.43
CA VAL F 499 65.97 14.15 -39.71
C VAL F 499 66.34 13.09 -38.68
N VAL F 500 65.34 12.49 -38.03
CA VAL F 500 65.62 11.43 -37.08
C VAL F 500 66.22 10.22 -37.77
N ARG F 501 65.66 9.80 -38.91
CA ARG F 501 66.18 8.64 -39.62
C ARG F 501 67.53 8.92 -40.27
N GLU F 502 67.91 10.20 -40.40
CA GLU F 502 69.33 10.49 -40.63
C GLU F 502 70.17 10.02 -39.46
N PHE F 503 69.69 10.22 -38.24
CA PHE F 503 70.19 9.50 -37.08
C PHE F 503 69.55 8.11 -37.08
N LEU F 504 69.66 7.38 -35.96
CA LEU F 504 69.10 6.03 -35.81
C LEU F 504 69.89 5.01 -36.61
N THR F 505 70.87 5.47 -37.39
CA THR F 505 71.85 4.60 -38.03
C THR F 505 73.20 4.65 -37.33
N ARG F 506 73.51 5.77 -36.69
CA ARG F 506 74.70 5.90 -35.85
C ARG F 506 74.42 5.57 -34.40
N ASN F 507 73.17 5.33 -34.03
CA ASN F 507 72.77 5.02 -32.65
C ASN F 507 71.91 3.77 -32.67
N PRO F 508 72.52 2.58 -32.74
CA PRO F 508 71.72 1.34 -32.80
C PRO F 508 71.00 1.00 -31.50
N ALA F 509 71.12 1.83 -30.46
CA ALA F 509 70.54 1.48 -29.16
C ALA F 509 69.01 1.35 -29.25
N TRP F 510 68.34 2.44 -29.61
CA TRP F 510 66.88 2.48 -29.54
C TRP F 510 66.21 2.02 -30.83
N ARG F 511 66.58 0.84 -31.33
CA ARG F 511 65.93 0.27 -32.49
C ARG F 511 64.63 -0.46 -32.17
N LYS F 512 64.27 -0.54 -30.88
CA LYS F 512 62.98 -1.07 -30.45
C LYS F 512 62.22 -0.01 -29.65
N ALA F 513 62.33 1.24 -30.07
CA ALA F 513 61.80 2.36 -29.30
C ALA F 513 60.30 2.53 -29.54
N VAL F 514 59.67 3.31 -28.67
CA VAL F 514 58.26 3.66 -28.77
C VAL F 514 58.17 5.14 -29.16
N PHE F 515 57.42 5.41 -30.21
CA PHE F 515 57.24 6.78 -30.68
C PHE F 515 56.12 7.47 -29.91
N ILE F 516 56.38 8.70 -29.49
CA ILE F 516 55.39 9.53 -28.81
C ILE F 516 55.41 10.91 -29.45
N SER F 517 54.23 11.51 -29.53
CA SER F 517 54.08 12.84 -30.11
C SER F 517 53.03 13.59 -29.33
N PRO F 518 53.08 14.93 -29.32
CA PRO F 518 51.99 15.71 -28.72
C PRO F 518 50.77 15.84 -29.63
N TYR F 519 50.81 15.28 -30.83
CA TYR F 519 49.67 15.28 -31.75
C TYR F 519 49.43 13.85 -32.20
N ASN F 520 48.16 13.40 -32.13
CA ASN F 520 47.86 12.03 -32.50
C ASN F 520 48.00 11.77 -33.99
N SER F 521 47.97 12.82 -34.82
CA SER F 521 48.18 12.64 -36.24
C SER F 521 49.59 12.14 -36.53
N GLN F 522 50.59 12.79 -35.92
CA GLN F 522 51.96 12.29 -36.05
C GLN F 522 52.10 10.91 -35.43
N ASN F 523 51.37 10.66 -34.33
CA ASN F 523 51.38 9.35 -33.71
C ASN F 523 50.92 8.28 -34.70
N ALA F 524 49.84 8.55 -35.42
CA ALA F 524 49.35 7.59 -36.41
C ALA F 524 50.31 7.45 -37.57
N VAL F 525 50.81 8.58 -38.09
CA VAL F 525 51.64 8.54 -39.30
C VAL F 525 52.99 7.88 -39.06
N ALA F 526 53.61 8.10 -37.89
CA ALA F 526 54.94 7.57 -37.64
C ALA F 526 54.98 6.04 -37.61
N SER F 527 53.84 5.40 -37.37
CA SER F 527 53.77 3.94 -37.35
C SER F 527 53.59 3.34 -38.73
N LYS F 528 53.51 4.17 -39.77
CA LYS F 528 53.21 3.70 -41.12
C LYS F 528 54.47 3.52 -41.97
N ILE F 529 55.26 4.58 -42.12
CA ILE F 529 56.50 4.45 -42.89
C ILE F 529 57.48 3.53 -42.18
N LEU F 530 57.53 3.59 -40.85
CA LEU F 530 58.36 2.70 -40.05
C LEU F 530 57.51 2.10 -38.95
N GLY F 531 57.65 0.80 -38.71
CA GLY F 531 56.81 0.09 -37.77
C GLY F 531 57.20 0.26 -36.32
N LEU F 532 57.42 1.50 -35.89
CA LEU F 532 57.69 1.76 -34.48
C LEU F 532 56.40 1.61 -33.68
N PRO F 533 56.39 0.81 -32.60
CA PRO F 533 55.21 0.80 -31.73
C PRO F 533 54.94 2.21 -31.20
N THR F 534 53.66 2.55 -31.12
CA THR F 534 53.24 3.92 -30.85
C THR F 534 52.45 4.01 -29.54
N GLN F 535 52.61 5.14 -28.86
CA GLN F 535 51.96 5.36 -27.58
C GLN F 535 51.86 6.87 -27.35
N THR F 536 50.68 7.43 -27.57
CA THR F 536 50.50 8.87 -27.40
C THR F 536 50.78 9.27 -25.95
N VAL F 537 50.88 10.58 -25.73
CA VAL F 537 51.21 11.08 -24.39
C VAL F 537 50.18 10.64 -23.37
N ASP F 538 48.90 10.65 -23.74
CA ASP F 538 47.86 10.24 -22.79
C ASP F 538 48.01 8.77 -22.41
N SER F 539 48.32 7.92 -23.38
CA SER F 539 48.46 6.49 -23.14
C SER F 539 49.69 6.15 -22.31
N SER F 540 50.57 7.12 -22.05
CA SER F 540 51.65 6.99 -21.08
C SER F 540 51.03 7.17 -19.69
N GLN F 541 51.84 7.47 -18.68
CA GLN F 541 51.36 7.66 -17.31
C GLN F 541 50.81 6.35 -16.73
N GLY F 542 51.75 5.44 -16.47
CA GLY F 542 51.44 4.15 -15.90
C GLY F 542 52.36 3.03 -16.33
N SER F 543 53.26 3.30 -17.27
CA SER F 543 54.21 2.31 -17.75
C SER F 543 55.59 2.95 -17.89
N GLU F 544 56.62 2.11 -17.81
CA GLU F 544 58.01 2.55 -17.83
C GLU F 544 58.75 1.90 -19.00
N TYR F 545 59.76 2.58 -19.53
CA TYR F 545 60.45 2.14 -20.73
C TYR F 545 61.90 2.59 -20.71
N ASP F 546 62.69 1.98 -21.59
CA ASP F 546 64.11 2.26 -21.71
C ASP F 546 64.49 2.92 -23.04
N TYR F 547 63.64 2.79 -24.06
CA TYR F 547 63.90 3.39 -25.37
C TYR F 547 62.60 4.04 -25.84
N VAL F 548 62.57 5.36 -25.85
CA VAL F 548 61.39 6.12 -26.27
C VAL F 548 61.87 7.31 -27.08
N ILE F 549 61.16 7.61 -28.16
CA ILE F 549 61.48 8.72 -29.04
C ILE F 549 60.29 9.68 -29.07
N PHE F 550 60.51 10.91 -28.62
CA PHE F 550 59.48 11.92 -28.56
C PHE F 550 59.84 13.06 -29.50
N THR F 551 58.86 13.53 -30.26
CA THR F 551 59.08 14.54 -31.27
C THR F 551 58.13 15.71 -31.07
N GLN F 552 58.66 16.92 -31.22
CA GLN F 552 57.90 18.15 -31.07
C GLN F 552 57.56 18.69 -32.44
N THR F 553 56.28 18.99 -32.66
CA THR F 553 55.79 19.38 -33.98
C THR F 553 55.63 20.88 -34.14
N THR F 554 55.05 21.55 -33.14
CA THR F 554 54.73 22.97 -33.25
C THR F 554 55.36 23.77 -32.12
N GLU F 555 55.07 25.07 -32.08
CA GLU F 555 55.59 25.96 -31.05
C GLU F 555 54.45 26.87 -30.61
N THR F 556 53.92 26.64 -29.42
CA THR F 556 52.80 27.39 -28.89
C THR F 556 52.71 27.10 -27.39
N ALA F 557 51.63 27.56 -26.76
CA ALA F 557 51.39 27.25 -25.35
C ALA F 557 51.21 25.76 -25.12
N HIS F 558 50.49 25.07 -25.99
CA HIS F 558 50.35 23.62 -25.91
C HIS F 558 51.68 22.90 -26.02
N SER F 559 52.68 23.49 -26.67
CA SER F 559 54.00 22.89 -26.80
C SER F 559 54.90 23.16 -25.60
N CYS F 560 54.73 24.30 -24.94
CA CYS F 560 55.54 24.68 -23.78
C CYS F 560 54.88 24.26 -22.48
N ASN F 561 53.81 23.49 -22.53
CA ASN F 561 53.14 23.02 -21.33
C ASN F 561 54.10 22.17 -20.52
N VAL F 562 54.57 22.70 -19.39
CA VAL F 562 55.55 21.98 -18.58
C VAL F 562 55.01 20.64 -18.12
N ASN F 563 53.71 20.54 -17.89
CA ASN F 563 53.13 19.25 -17.50
C ASN F 563 53.26 18.22 -18.61
N ARG F 564 52.90 18.61 -19.84
CA ARG F 564 53.02 17.68 -20.97
C ARG F 564 54.48 17.31 -21.21
N PHE F 565 55.37 18.30 -21.15
CA PHE F 565 56.78 18.00 -21.35
C PHE F 565 57.30 17.05 -20.28
N ASN F 566 56.92 17.28 -19.02
CA ASN F 566 57.33 16.41 -17.93
C ASN F 566 56.86 14.98 -18.14
N VAL F 567 55.56 14.81 -18.41
CA VAL F 567 55.06 13.45 -18.61
C VAL F 567 55.65 12.83 -19.87
N ALA F 568 56.09 13.64 -20.83
CA ALA F 568 56.70 13.10 -22.04
C ALA F 568 58.11 12.58 -21.78
N ILE F 569 58.92 13.34 -21.05
CA ILE F 569 60.35 13.03 -20.93
C ILE F 569 60.67 12.08 -19.78
N THR F 570 59.73 11.82 -18.88
CA THR F 570 59.99 11.00 -17.70
C THR F 570 59.69 9.52 -17.94
N ARG F 571 59.33 9.13 -19.16
CA ARG F 571 58.95 7.76 -19.45
C ARG F 571 60.11 6.90 -19.94
N ALA F 572 61.12 7.50 -20.57
CA ALA F 572 62.33 6.76 -20.91
C ALA F 572 63.17 6.55 -19.66
N LYS F 573 64.06 5.57 -19.73
CA LYS F 573 64.92 5.21 -18.60
C LYS F 573 66.41 5.31 -18.91
N VAL F 574 66.84 4.90 -20.09
CA VAL F 574 68.25 4.95 -20.46
C VAL F 574 68.50 5.68 -21.77
N GLY F 575 67.54 5.79 -22.68
CA GLY F 575 67.77 6.43 -23.95
C GLY F 575 66.54 7.06 -24.58
N ILE F 576 66.66 8.33 -24.97
CA ILE F 576 65.59 9.03 -25.64
C ILE F 576 66.17 10.05 -26.62
N LEU F 577 65.83 9.90 -27.90
CA LEU F 577 66.16 10.89 -28.92
C LEU F 577 64.98 11.84 -29.06
N CYS F 578 65.26 13.14 -29.00
CA CYS F 578 64.19 14.13 -28.95
C CYS F 578 64.35 15.11 -30.10
N ILE F 579 63.21 15.47 -30.69
CA ILE F 579 63.11 16.59 -31.62
C ILE F 579 62.43 17.72 -30.87
N MET F 580 63.11 18.86 -30.78
CA MET F 580 62.68 19.98 -29.96
C MET F 580 62.85 21.28 -30.73
N SER F 581 61.92 22.22 -30.52
CA SER F 581 61.85 23.44 -31.31
C SER F 581 62.27 24.70 -30.57
N ASP F 582 61.88 24.85 -29.31
CA ASP F 582 61.96 26.14 -28.63
C ASP F 582 63.21 26.24 -27.76
N ARG F 583 63.91 27.37 -27.87
CA ARG F 583 65.07 27.64 -27.02
C ARG F 583 64.67 27.79 -25.56
N ASP F 584 63.45 28.29 -25.30
CA ASP F 584 63.00 28.44 -23.92
C ASP F 584 63.02 27.11 -23.19
N LEU F 585 62.45 26.07 -23.79
CA LEU F 585 62.54 24.71 -23.28
C LEU F 585 63.97 24.19 -23.29
N TYR F 586 64.80 24.67 -24.22
CA TYR F 586 66.16 24.18 -24.37
C TYR F 586 67.10 24.67 -23.27
N ASP F 587 66.78 25.80 -22.64
CA ASP F 587 67.62 26.38 -21.61
C ASP F 587 67.25 25.95 -20.19
N LYS F 588 66.23 25.11 -20.03
CA LYS F 588 65.86 24.58 -18.73
C LYS F 588 66.48 23.22 -18.44
N LEU F 589 66.85 22.47 -19.48
CA LEU F 589 67.32 21.10 -19.34
C LEU F 589 68.69 20.96 -19.98
N GLN F 590 69.50 20.06 -19.43
CA GLN F 590 70.85 19.82 -19.90
C GLN F 590 70.87 18.55 -20.74
N PHE F 591 71.39 18.65 -21.95
CA PHE F 591 71.50 17.51 -22.85
C PHE F 591 72.73 17.71 -23.73
N THR F 592 73.21 16.62 -24.30
CA THR F 592 74.28 16.70 -25.28
C THR F 592 73.78 17.43 -26.53
N SER F 593 74.69 18.12 -27.18
CA SER F 593 74.35 18.96 -28.33
C SER F 593 74.41 18.21 -29.66
N LEU F 594 75.22 17.16 -29.76
CA LEU F 594 75.39 16.43 -31.00
C LEU F 594 75.73 17.36 -32.16
#